data_7SHO
# 
_entry.id   7SHO 
# 
_audit_conform.dict_name       mmcif_pdbx.dic 
_audit_conform.dict_version    5.380 
_audit_conform.dict_location   http://mmcif.pdb.org/dictionaries/ascii/mmcif_pdbx.dic 
# 
loop_
_database_2.database_id 
_database_2.database_code 
_database_2.pdbx_database_accession 
_database_2.pdbx_DOI 
PDB   7SHO         pdb_00007sho 10.2210/pdb7sho/pdb 
WWPDB D_1000260291 ?            ?                   
# 
_pdbx_database_status.status_code                     REL 
_pdbx_database_status.status_code_sf                  REL 
_pdbx_database_status.status_code_mr                  ? 
_pdbx_database_status.entry_id                        7SHO 
_pdbx_database_status.recvd_initial_deposition_date   2021-10-10 
_pdbx_database_status.SG_entry                        N 
_pdbx_database_status.deposit_site                    RCSB 
_pdbx_database_status.process_site                    RCSB 
_pdbx_database_status.status_code_cs                  ? 
_pdbx_database_status.status_code_nmr_data            ? 
_pdbx_database_status.methods_development_category    ? 
_pdbx_database_status.pdb_format_compatible           Y 
# 
loop_
_audit_author.name 
_audit_author.pdbx_ordinal 
_audit_author.identifier_ORCID 
'Xie, W.'        1 ? 
'Lama, L.'       2 ? 
'Yang, X.J.'     3 ? 
'Kuryavyi, V.'   4 ? 
'Nudelman, I.'   5 ? 
'Glickman, J.F.' 6 ? 
'Jones, R.A.'    7 ? 
'Tuschl, T.'     8 ? 
'Patel, D.J.'    9 ? 
# 
_citation.abstract                  ? 
_citation.abstract_id_CAS           ? 
_citation.book_id_ISBN              ? 
_citation.book_publisher            ? 
_citation.book_publisher_city       ? 
_citation.book_title                ? 
_citation.coordinate_linkage        ? 
_citation.country                   US 
_citation.database_id_Medline       ? 
_citation.details                   ? 
_citation.id                        primary 
_citation.journal_abbrev            'Cell Chem Biol' 
_citation.journal_id_ASTM           ? 
_citation.journal_id_CSD            ? 
_citation.journal_id_ISSN           2451-9456 
_citation.journal_full              ? 
_citation.journal_issue             ? 
_citation.journal_volume            ? 
_citation.language                  ? 
_citation.page_first                ? 
_citation.page_last                 ? 
_citation.title                     
;Arabinose- and xylose-modified analogs of 2',3'-cGAMP act as STING agonists.
;
_citation.year                      2023 
_citation.database_id_CSD           ? 
_citation.pdbx_database_id_DOI      10.1016/j.chembiol.2023.07.002 
_citation.pdbx_database_id_PubMed   37536341 
_citation.pdbx_database_id_patent   ? 
_citation.unpublished_flag          ? 
# 
loop_
_citation_author.citation_id 
_citation_author.name 
_citation_author.ordinal 
_citation_author.identifier_ORCID 
primary 'Xie, W.'          1  ? 
primary 'Lama, L.'         2  ? 
primary 'Yang, X.'         3  ? 
primary 'Kuryavyi, V.'     4  ? 
primary 'Bhattacharya, S.' 5  ? 
primary 'Nudelman, I.'     6  ? 
primary 'Yang, G.'         7  ? 
primary 'Ouerfelli, O.'    8  ? 
primary 'Glickman, J.F.'   9  ? 
primary 'Jones, R.A.'      10 ? 
primary 'Tuschl, T.'       11 ? 
primary 'Patel, D.J.'      12 ? 
# 
_cell.angle_alpha                  90.000 
_cell.angle_alpha_esd              ? 
_cell.angle_beta                   96.915 
_cell.angle_beta_esd               ? 
_cell.angle_gamma                  90.000 
_cell.angle_gamma_esd              ? 
_cell.entry_id                     7SHO 
_cell.details                      ? 
_cell.formula_units_Z              ? 
_cell.length_a                     89.347 
_cell.length_a_esd                 ? 
_cell.length_b                     77.809 
_cell.length_b_esd                 ? 
_cell.length_c                     36.204 
_cell.length_c_esd                 ? 
_cell.volume                       249859.403 
_cell.volume_esd                   ? 
_cell.Z_PDB                        4 
_cell.reciprocal_angle_alpha       ? 
_cell.reciprocal_angle_beta        ? 
_cell.reciprocal_angle_gamma       ? 
_cell.reciprocal_angle_alpha_esd   ? 
_cell.reciprocal_angle_beta_esd    ? 
_cell.reciprocal_angle_gamma_esd   ? 
_cell.reciprocal_length_a          ? 
_cell.reciprocal_length_b          ? 
_cell.reciprocal_length_c          ? 
_cell.reciprocal_length_a_esd      ? 
_cell.reciprocal_length_b_esd      ? 
_cell.reciprocal_length_c_esd      ? 
_cell.pdbx_unique_axis             ? 
# 
_symmetry.entry_id                         7SHO 
_symmetry.cell_setting                     ? 
_symmetry.Int_Tables_number                5 
_symmetry.space_group_name_Hall            'C 2y' 
_symmetry.space_group_name_H-M             'C 1 2 1' 
_symmetry.pdbx_full_space_group_name_H-M   ? 
# 
loop_
_entity.id 
_entity.type 
_entity.src_method 
_entity.pdbx_description 
_entity.formula_weight 
_entity.pdbx_number_of_molecules 
_entity.pdbx_ec 
_entity.pdbx_mutation 
_entity.pdbx_fragment 
_entity.details 
1 polymer     man 'Stimulator of interferon genes protein' 21524.158 1  ? ? ? ? 
2 non-polymer syn 
;(2R,5R,7R,8S,10R,12aR,14R,15R,15aS,16R)-7-(2-amino-6-oxo-1,6-dihydro-9H-purin-9-yl)-14-(6-amino-9H-purin-9-yl)-2,10,15,16-tetrahydroxyoctahydro-2H,10H,12H-5,8-methano-2lambda~5~,10lambda~5~-furo[3,2-l][1,3,6,9,11,2,10]pentaoxadiphosphacyclotetradecine-2,10-dione
;
674.411   1  ? ? ? ? 
3 water       nat water 18.015    13 ? ? ? ? 
# 
_entity_name_com.entity_id   1 
_entity_name_com.name        
'hSTING,Endoplasmic reticulum interferon stimulator,ERIS,Mediator of IRF3 activation,hMITA,Transmembrane protein 173' 
# 
_entity_poly.entity_id                      1 
_entity_poly.type                           'polypeptide(L)' 
_entity_poly.nstd_linkage                   no 
_entity_poly.nstd_monomer                   no 
_entity_poly.pdbx_seq_one_letter_code       
;SVAHGLAWSYYIGYLRLILPELQARIRTYNQHYNNLLRGAVSQRLYILLPLDCGVPDNLSMADPNIRFLDKLPQQTGDHA
GIKDRVYSNSIYELLENGQRAGTCVLEYATPLQTLFAMSQYSQAGFSREDRLEQAKLFCRTLEDILADAPESQNNCRLIA
YQEPADDSSFSLSQEVLRHLRQEEKEEV
;
_entity_poly.pdbx_seq_one_letter_code_can   
;SVAHGLAWSYYIGYLRLILPELQARIRTYNQHYNNLLRGAVSQRLYILLPLDCGVPDNLSMADPNIRFLDKLPQQTGDHA
GIKDRVYSNSIYELLENGQRAGTCVLEYATPLQTLFAMSQYSQAGFSREDRLEQAKLFCRTLEDILADAPESQNNCRLIA
YQEPADDSSFSLSQEVLRHLRQEEKEEV
;
_entity_poly.pdbx_strand_id                 B 
_entity_poly.pdbx_target_identifier         ? 
# 
loop_
_entity_poly_seq.entity_id 
_entity_poly_seq.num 
_entity_poly_seq.mon_id 
_entity_poly_seq.hetero 
1 1   SER n 
1 2   VAL n 
1 3   ALA n 
1 4   HIS n 
1 5   GLY n 
1 6   LEU n 
1 7   ALA n 
1 8   TRP n 
1 9   SER n 
1 10  TYR n 
1 11  TYR n 
1 12  ILE n 
1 13  GLY n 
1 14  TYR n 
1 15  LEU n 
1 16  ARG n 
1 17  LEU n 
1 18  ILE n 
1 19  LEU n 
1 20  PRO n 
1 21  GLU n 
1 22  LEU n 
1 23  GLN n 
1 24  ALA n 
1 25  ARG n 
1 26  ILE n 
1 27  ARG n 
1 28  THR n 
1 29  TYR n 
1 30  ASN n 
1 31  GLN n 
1 32  HIS n 
1 33  TYR n 
1 34  ASN n 
1 35  ASN n 
1 36  LEU n 
1 37  LEU n 
1 38  ARG n 
1 39  GLY n 
1 40  ALA n 
1 41  VAL n 
1 42  SER n 
1 43  GLN n 
1 44  ARG n 
1 45  LEU n 
1 46  TYR n 
1 47  ILE n 
1 48  LEU n 
1 49  LEU n 
1 50  PRO n 
1 51  LEU n 
1 52  ASP n 
1 53  CYS n 
1 54  GLY n 
1 55  VAL n 
1 56  PRO n 
1 57  ASP n 
1 58  ASN n 
1 59  LEU n 
1 60  SER n 
1 61  MET n 
1 62  ALA n 
1 63  ASP n 
1 64  PRO n 
1 65  ASN n 
1 66  ILE n 
1 67  ARG n 
1 68  PHE n 
1 69  LEU n 
1 70  ASP n 
1 71  LYS n 
1 72  LEU n 
1 73  PRO n 
1 74  GLN n 
1 75  GLN n 
1 76  THR n 
1 77  GLY n 
1 78  ASP n 
1 79  HIS n 
1 80  ALA n 
1 81  GLY n 
1 82  ILE n 
1 83  LYS n 
1 84  ASP n 
1 85  ARG n 
1 86  VAL n 
1 87  TYR n 
1 88  SER n 
1 89  ASN n 
1 90  SER n 
1 91  ILE n 
1 92  TYR n 
1 93  GLU n 
1 94  LEU n 
1 95  LEU n 
1 96  GLU n 
1 97  ASN n 
1 98  GLY n 
1 99  GLN n 
1 100 ARG n 
1 101 ALA n 
1 102 GLY n 
1 103 THR n 
1 104 CYS n 
1 105 VAL n 
1 106 LEU n 
1 107 GLU n 
1 108 TYR n 
1 109 ALA n 
1 110 THR n 
1 111 PRO n 
1 112 LEU n 
1 113 GLN n 
1 114 THR n 
1 115 LEU n 
1 116 PHE n 
1 117 ALA n 
1 118 MET n 
1 119 SER n 
1 120 GLN n 
1 121 TYR n 
1 122 SER n 
1 123 GLN n 
1 124 ALA n 
1 125 GLY n 
1 126 PHE n 
1 127 SER n 
1 128 ARG n 
1 129 GLU n 
1 130 ASP n 
1 131 ARG n 
1 132 LEU n 
1 133 GLU n 
1 134 GLN n 
1 135 ALA n 
1 136 LYS n 
1 137 LEU n 
1 138 PHE n 
1 139 CYS n 
1 140 ARG n 
1 141 THR n 
1 142 LEU n 
1 143 GLU n 
1 144 ASP n 
1 145 ILE n 
1 146 LEU n 
1 147 ALA n 
1 148 ASP n 
1 149 ALA n 
1 150 PRO n 
1 151 GLU n 
1 152 SER n 
1 153 GLN n 
1 154 ASN n 
1 155 ASN n 
1 156 CYS n 
1 157 ARG n 
1 158 LEU n 
1 159 ILE n 
1 160 ALA n 
1 161 TYR n 
1 162 GLN n 
1 163 GLU n 
1 164 PRO n 
1 165 ALA n 
1 166 ASP n 
1 167 ASP n 
1 168 SER n 
1 169 SER n 
1 170 PHE n 
1 171 SER n 
1 172 LEU n 
1 173 SER n 
1 174 GLN n 
1 175 GLU n 
1 176 VAL n 
1 177 LEU n 
1 178 ARG n 
1 179 HIS n 
1 180 LEU n 
1 181 ARG n 
1 182 GLN n 
1 183 GLU n 
1 184 GLU n 
1 185 LYS n 
1 186 GLU n 
1 187 GLU n 
1 188 VAL n 
# 
_entity_src_gen.entity_id                          1 
_entity_src_gen.pdbx_src_id                        1 
_entity_src_gen.pdbx_alt_source_flag               sample 
_entity_src_gen.pdbx_seq_type                      'Biological sequence' 
_entity_src_gen.pdbx_beg_seq_num                   1 
_entity_src_gen.pdbx_end_seq_num                   188 
_entity_src_gen.gene_src_common_name               Human 
_entity_src_gen.gene_src_genus                     ? 
_entity_src_gen.pdbx_gene_src_gene                 'STING1, ERIS, MITA, TMEM173' 
_entity_src_gen.gene_src_species                   ? 
_entity_src_gen.gene_src_strain                    ? 
_entity_src_gen.gene_src_tissue                    ? 
_entity_src_gen.gene_src_tissue_fraction           ? 
_entity_src_gen.gene_src_details                   ? 
_entity_src_gen.pdbx_gene_src_fragment             ? 
_entity_src_gen.pdbx_gene_src_scientific_name      'Homo sapiens' 
_entity_src_gen.pdbx_gene_src_ncbi_taxonomy_id     9606 
_entity_src_gen.pdbx_gene_src_variant              ? 
_entity_src_gen.pdbx_gene_src_cell_line            ? 
_entity_src_gen.pdbx_gene_src_atcc                 ? 
_entity_src_gen.pdbx_gene_src_organ                ? 
_entity_src_gen.pdbx_gene_src_organelle            ? 
_entity_src_gen.pdbx_gene_src_cell                 ? 
_entity_src_gen.pdbx_gene_src_cellular_location    ? 
_entity_src_gen.host_org_common_name               ? 
_entity_src_gen.pdbx_host_org_scientific_name      'Escherichia coli BL21(DE3)' 
_entity_src_gen.pdbx_host_org_ncbi_taxonomy_id     469008 
_entity_src_gen.host_org_genus                     ? 
_entity_src_gen.pdbx_host_org_gene                 ? 
_entity_src_gen.pdbx_host_org_organ                ? 
_entity_src_gen.host_org_species                   ? 
_entity_src_gen.pdbx_host_org_tissue               ? 
_entity_src_gen.pdbx_host_org_tissue_fraction      ? 
_entity_src_gen.pdbx_host_org_strain               ? 
_entity_src_gen.pdbx_host_org_variant              ? 
_entity_src_gen.pdbx_host_org_cell_line            ? 
_entity_src_gen.pdbx_host_org_atcc                 ? 
_entity_src_gen.pdbx_host_org_culture_collection   ? 
_entity_src_gen.pdbx_host_org_cell                 ? 
_entity_src_gen.pdbx_host_org_organelle            ? 
_entity_src_gen.pdbx_host_org_cellular_location    ? 
_entity_src_gen.pdbx_host_org_vector_type          ? 
_entity_src_gen.pdbx_host_org_vector               ? 
_entity_src_gen.host_org_details                   ? 
_entity_src_gen.expression_system_id               ? 
_entity_src_gen.plasmid_name                       ? 
_entity_src_gen.plasmid_details                    ? 
_entity_src_gen.pdbx_description                   ? 
# 
_struct_ref.id                         1 
_struct_ref.db_name                    UNP 
_struct_ref.db_code                    STING_HUMAN 
_struct_ref.pdbx_db_accession          Q86WV6 
_struct_ref.pdbx_db_isoform            ? 
_struct_ref.entity_id                  1 
_struct_ref.pdbx_seq_one_letter_code   
;VAHGLAWSYYIGYLRLILPELQARIRTYNQHYNNLLRGAVSQRLYILLPLDCGVPDNLSMADPNIRFLDKLPQQTGDHAG
IKDRVYSNSIYELLENGQRAGTCVLEYATPLQTLFAMSQYSQAGFSREDRLEQAKLFCRTLEDILADAPESQNNCRLIAY
QEPADDSSFSLSQEVLRHLRQEEKEEV
;
_struct_ref.pdbx_align_begin           155 
# 
_struct_ref_seq.align_id                      1 
_struct_ref_seq.ref_id                        1 
_struct_ref_seq.pdbx_PDB_id_code              7SHO 
_struct_ref_seq.pdbx_strand_id                B 
_struct_ref_seq.seq_align_beg                 2 
_struct_ref_seq.pdbx_seq_align_beg_ins_code   ? 
_struct_ref_seq.seq_align_end                 188 
_struct_ref_seq.pdbx_seq_align_end_ins_code   ? 
_struct_ref_seq.pdbx_db_accession             Q86WV6 
_struct_ref_seq.db_align_beg                  155 
_struct_ref_seq.pdbx_db_align_beg_ins_code    ? 
_struct_ref_seq.db_align_end                  341 
_struct_ref_seq.pdbx_db_align_end_ins_code    ? 
_struct_ref_seq.pdbx_auth_seq_align_beg       155 
_struct_ref_seq.pdbx_auth_seq_align_end       341 
# 
_struct_ref_seq_dif.align_id                     1 
_struct_ref_seq_dif.pdbx_pdb_id_code             7SHO 
_struct_ref_seq_dif.mon_id                       SER 
_struct_ref_seq_dif.pdbx_pdb_strand_id           B 
_struct_ref_seq_dif.seq_num                      1 
_struct_ref_seq_dif.pdbx_pdb_ins_code            ? 
_struct_ref_seq_dif.pdbx_seq_db_name             UNP 
_struct_ref_seq_dif.pdbx_seq_db_accession_code   Q86WV6 
_struct_ref_seq_dif.db_mon_id                    ? 
_struct_ref_seq_dif.pdbx_seq_db_seq_num          ? 
_struct_ref_seq_dif.details                      'expression tag' 
_struct_ref_seq_dif.pdbx_auth_seq_num            154 
_struct_ref_seq_dif.pdbx_ordinal                 1 
# 
loop_
_chem_comp.id 
_chem_comp.type 
_chem_comp.mon_nstd_flag 
_chem_comp.name 
_chem_comp.pdbx_synonyms 
_chem_comp.formula 
_chem_comp.formula_weight 
9UH non-polymer         . 
;(2R,5R,7R,8S,10R,12aR,14R,15R,15aS,16R)-7-(2-amino-6-oxo-1,6-dihydro-9H-purin-9-yl)-14-(6-amino-9H-purin-9-yl)-2,10,15,16-tetrahydroxyoctahydro-2H,10H,12H-5,8-methano-2lambda~5~,10lambda~5~-furo[3,2-l][1,3,6,9,11,2,10]pentaoxadiphosphacyclotetradecine-2,10-dione
;
? 'C20 H24 N10 O13 P2' 674.411 
ALA 'L-peptide linking' y ALANINE ? 'C3 H7 N O2'         89.093  
ARG 'L-peptide linking' y ARGININE ? 'C6 H15 N4 O2 1'     175.209 
ASN 'L-peptide linking' y ASPARAGINE ? 'C4 H8 N2 O3'        132.118 
ASP 'L-peptide linking' y 'ASPARTIC ACID' ? 'C4 H7 N O4'         133.103 
CYS 'L-peptide linking' y CYSTEINE ? 'C3 H7 N O2 S'       121.158 
GLN 'L-peptide linking' y GLUTAMINE ? 'C5 H10 N2 O3'       146.144 
GLU 'L-peptide linking' y 'GLUTAMIC ACID' ? 'C5 H9 N O4'         147.129 
GLY 'peptide linking'   y GLYCINE ? 'C2 H5 N O2'         75.067  
HIS 'L-peptide linking' y HISTIDINE ? 'C6 H10 N3 O2 1'     156.162 
HOH non-polymer         . WATER ? 'H2 O'               18.015  
ILE 'L-peptide linking' y ISOLEUCINE ? 'C6 H13 N O2'        131.173 
LEU 'L-peptide linking' y LEUCINE ? 'C6 H13 N O2'        131.173 
LYS 'L-peptide linking' y LYSINE ? 'C6 H15 N2 O2 1'     147.195 
MET 'L-peptide linking' y METHIONINE ? 'C5 H11 N O2 S'      149.211 
PHE 'L-peptide linking' y PHENYLALANINE ? 'C9 H11 N O2'        165.189 
PRO 'L-peptide linking' y PROLINE ? 'C5 H9 N O2'         115.130 
SER 'L-peptide linking' y SERINE ? 'C3 H7 N O3'         105.093 
THR 'L-peptide linking' y THREONINE ? 'C4 H9 N O3'         119.119 
TRP 'L-peptide linking' y TRYPTOPHAN ? 'C11 H12 N2 O2'      204.225 
TYR 'L-peptide linking' y TYROSINE ? 'C9 H11 N O3'        181.189 
VAL 'L-peptide linking' y VALINE ? 'C5 H11 N O2'        117.146 
# 
_exptl.absorpt_coefficient_mu     ? 
_exptl.absorpt_correction_T_max   ? 
_exptl.absorpt_correction_T_min   ? 
_exptl.absorpt_correction_type    ? 
_exptl.absorpt_process_details    ? 
_exptl.entry_id                   7SHO 
_exptl.crystals_number            1 
_exptl.details                    ? 
_exptl.method                     'X-RAY DIFFRACTION' 
_exptl.method_details             ? 
# 
_exptl_crystal.colour                      ? 
_exptl_crystal.density_diffrn              ? 
_exptl_crystal.density_Matthews            2.90 
_exptl_crystal.density_method              ? 
_exptl_crystal.density_percent_sol         57.62 
_exptl_crystal.description                 ? 
_exptl_crystal.F_000                       ? 
_exptl_crystal.id                          1 
_exptl_crystal.preparation                 ? 
_exptl_crystal.size_max                    ? 
_exptl_crystal.size_mid                    ? 
_exptl_crystal.size_min                    ? 
_exptl_crystal.size_rad                    ? 
_exptl_crystal.colour_lustre               ? 
_exptl_crystal.colour_modifier             ? 
_exptl_crystal.colour_primary              ? 
_exptl_crystal.density_meas                ? 
_exptl_crystal.density_meas_esd            ? 
_exptl_crystal.density_meas_gt             ? 
_exptl_crystal.density_meas_lt             ? 
_exptl_crystal.density_meas_temp           ? 
_exptl_crystal.density_meas_temp_esd       ? 
_exptl_crystal.density_meas_temp_gt        ? 
_exptl_crystal.density_meas_temp_lt        ? 
_exptl_crystal.pdbx_crystal_image_url      ? 
_exptl_crystal.pdbx_crystal_image_format   ? 
_exptl_crystal.pdbx_mosaicity              ? 
_exptl_crystal.pdbx_mosaicity_esd          ? 
# 
_exptl_crystal_grow.apparatus       ? 
_exptl_crystal_grow.atmosphere      ? 
_exptl_crystal_grow.crystal_id      1 
_exptl_crystal_grow.details         ? 
_exptl_crystal_grow.method          'VAPOR DIFFUSION, HANGING DROP' 
_exptl_crystal_grow.method_ref      ? 
_exptl_crystal_grow.pH              ? 
_exptl_crystal_grow.pressure        ? 
_exptl_crystal_grow.pressure_esd    ? 
_exptl_crystal_grow.seeding         ? 
_exptl_crystal_grow.seeding_ref     ? 
_exptl_crystal_grow.temp            293 
_exptl_crystal_grow.temp_details    ? 
_exptl_crystal_grow.temp_esd        ? 
_exptl_crystal_grow.time            ? 
_exptl_crystal_grow.pdbx_details    '0.2 M Potassium Sodium tartrate, 20% PEG3350' 
_exptl_crystal_grow.pdbx_pH_range   ? 
# 
_diffrn.ambient_environment              ? 
_diffrn.ambient_temp                     100 
_diffrn.ambient_temp_details             ? 
_diffrn.ambient_temp_esd                 ? 
_diffrn.crystal_id                       1 
_diffrn.crystal_support                  ? 
_diffrn.crystal_treatment                ? 
_diffrn.details                          ? 
_diffrn.id                               1 
_diffrn.ambient_pressure                 ? 
_diffrn.ambient_pressure_esd             ? 
_diffrn.ambient_pressure_gt              ? 
_diffrn.ambient_pressure_lt              ? 
_diffrn.ambient_temp_gt                  ? 
_diffrn.ambient_temp_lt                  ? 
_diffrn.pdbx_serial_crystal_experiment   N 
# 
_diffrn_detector.details                      ? 
_diffrn_detector.detector                     PIXEL 
_diffrn_detector.diffrn_id                    1 
_diffrn_detector.type                         'DECTRIS PILATUS 6M-F' 
_diffrn_detector.area_resol_mean              ? 
_diffrn_detector.dtime                        ? 
_diffrn_detector.pdbx_frames_total            ? 
_diffrn_detector.pdbx_collection_time_total   ? 
_diffrn_detector.pdbx_collection_date         2020-02-06 
_diffrn_detector.pdbx_frequency               ? 
# 
_diffrn_radiation.collimation                      ? 
_diffrn_radiation.diffrn_id                        1 
_diffrn_radiation.filter_edge                      ? 
_diffrn_radiation.inhomogeneity                    ? 
_diffrn_radiation.monochromator                    ? 
_diffrn_radiation.polarisn_norm                    ? 
_diffrn_radiation.polarisn_ratio                   ? 
_diffrn_radiation.probe                            ? 
_diffrn_radiation.type                             ? 
_diffrn_radiation.xray_symbol                      ? 
_diffrn_radiation.wavelength_id                    1 
_diffrn_radiation.pdbx_monochromatic_or_laue_m_l   M 
_diffrn_radiation.pdbx_wavelength_list             ? 
_diffrn_radiation.pdbx_wavelength                  ? 
_diffrn_radiation.pdbx_diffrn_protocol             'SINGLE WAVELENGTH' 
_diffrn_radiation.pdbx_analyzer                    ? 
_diffrn_radiation.pdbx_scattering_type             x-ray 
# 
_diffrn_radiation_wavelength.id           1 
_diffrn_radiation_wavelength.wavelength   0.9792 
_diffrn_radiation_wavelength.wt           1.0 
# 
_diffrn_source.current                     ? 
_diffrn_source.details                     ? 
_diffrn_source.diffrn_id                   1 
_diffrn_source.power                       ? 
_diffrn_source.size                        ? 
_diffrn_source.source                      SYNCHROTRON 
_diffrn_source.target                      ? 
_diffrn_source.type                        'APS BEAMLINE 24-ID-C' 
_diffrn_source.voltage                     ? 
_diffrn_source.take-off_angle              ? 
_diffrn_source.pdbx_wavelength_list        0.9792 
_diffrn_source.pdbx_wavelength             ? 
_diffrn_source.pdbx_synchrotron_beamline   24-ID-C 
_diffrn_source.pdbx_synchrotron_site       APS 
# 
_reflns.B_iso_Wilson_estimate                          53.54 
_reflns.entry_id                                       7SHO 
_reflns.data_reduction_details                         ? 
_reflns.data_reduction_method                          ? 
_reflns.d_resolution_high                              2.25 
_reflns.d_resolution_low                               29.73 
_reflns.details                                        ? 
_reflns.limit_h_max                                    ? 
_reflns.limit_h_min                                    ? 
_reflns.limit_k_max                                    ? 
_reflns.limit_k_min                                    ? 
_reflns.limit_l_max                                    ? 
_reflns.limit_l_min                                    ? 
_reflns.number_all                                     ? 
_reflns.number_obs                                     11675 
_reflns.observed_criterion                             ? 
_reflns.observed_criterion_F_max                       ? 
_reflns.observed_criterion_F_min                       ? 
_reflns.observed_criterion_I_max                       ? 
_reflns.observed_criterion_I_min                       ? 
_reflns.observed_criterion_sigma_F                     ? 
_reflns.observed_criterion_sigma_I                     ? 
_reflns.percent_possible_obs                           98.92 
_reflns.R_free_details                                 ? 
_reflns.Rmerge_F_all                                   ? 
_reflns.Rmerge_F_obs                                   ? 
_reflns.Friedel_coverage                               ? 
_reflns.number_gt                                      ? 
_reflns.threshold_expression                           ? 
_reflns.pdbx_redundancy                                3.9 
_reflns.pdbx_Rmerge_I_obs                              0.04987 
_reflns.pdbx_Rmerge_I_all                              ? 
_reflns.pdbx_Rsym_value                                ? 
_reflns.pdbx_netI_over_av_sigmaI                       ? 
_reflns.pdbx_netI_over_sigmaI                          16.67 
_reflns.pdbx_res_netI_over_av_sigmaI_2                 ? 
_reflns.pdbx_res_netI_over_sigmaI_2                    ? 
_reflns.pdbx_chi_squared                               ? 
_reflns.pdbx_scaling_rejects                           ? 
_reflns.pdbx_d_res_high_opt                            ? 
_reflns.pdbx_d_res_low_opt                             ? 
_reflns.pdbx_d_res_opt_method                          ? 
_reflns.phase_calculation_details                      ? 
_reflns.pdbx_Rrim_I_all                                0.05753 
_reflns.pdbx_Rpim_I_all                                0.02828 
_reflns.pdbx_d_opt                                     ? 
_reflns.pdbx_number_measured_all                       ? 
_reflns.pdbx_diffrn_id                                 1 
_reflns.pdbx_ordinal                                   1 
_reflns.pdbx_CC_half                                   0.998 
_reflns.pdbx_CC_star                                   1 
_reflns.pdbx_R_split                                   ? 
_reflns.pdbx_aniso_diffraction_limit_axis_1_ortho[1]   ? 
_reflns.pdbx_aniso_diffraction_limit_axis_1_ortho[2]   ? 
_reflns.pdbx_aniso_diffraction_limit_axis_1_ortho[3]   ? 
_reflns.pdbx_aniso_diffraction_limit_axis_2_ortho[1]   ? 
_reflns.pdbx_aniso_diffraction_limit_axis_2_ortho[2]   ? 
_reflns.pdbx_aniso_diffraction_limit_axis_2_ortho[3]   ? 
_reflns.pdbx_aniso_diffraction_limit_axis_3_ortho[1]   ? 
_reflns.pdbx_aniso_diffraction_limit_axis_3_ortho[2]   ? 
_reflns.pdbx_aniso_diffraction_limit_axis_3_ortho[3]   ? 
_reflns.pdbx_aniso_diffraction_limit_1                 ? 
_reflns.pdbx_aniso_diffraction_limit_2                 ? 
_reflns.pdbx_aniso_diffraction_limit_3                 ? 
_reflns.pdbx_aniso_B_tensor_eigenvector_1_ortho[1]     ? 
_reflns.pdbx_aniso_B_tensor_eigenvector_1_ortho[2]     ? 
_reflns.pdbx_aniso_B_tensor_eigenvector_1_ortho[3]     ? 
_reflns.pdbx_aniso_B_tensor_eigenvector_2_ortho[1]     ? 
_reflns.pdbx_aniso_B_tensor_eigenvector_2_ortho[2]     ? 
_reflns.pdbx_aniso_B_tensor_eigenvector_2_ortho[3]     ? 
_reflns.pdbx_aniso_B_tensor_eigenvector_3_ortho[1]     ? 
_reflns.pdbx_aniso_B_tensor_eigenvector_3_ortho[2]     ? 
_reflns.pdbx_aniso_B_tensor_eigenvector_3_ortho[3]     ? 
_reflns.pdbx_aniso_B_tensor_eigenvalue_1               ? 
_reflns.pdbx_aniso_B_tensor_eigenvalue_2               ? 
_reflns.pdbx_aniso_B_tensor_eigenvalue_3               ? 
_reflns.pdbx_orthogonalization_convention              ? 
_reflns.pdbx_percent_possible_ellipsoidal              ? 
_reflns.pdbx_percent_possible_spherical                ? 
_reflns.pdbx_percent_possible_ellipsoidal_anomalous    ? 
_reflns.pdbx_percent_possible_spherical_anomalous      ? 
_reflns.pdbx_redundancy_anomalous                      ? 
_reflns.pdbx_CC_half_anomalous                         ? 
_reflns.pdbx_absDiff_over_sigma_anomalous              ? 
_reflns.pdbx_percent_possible_anomalous                ? 
_reflns.pdbx_observed_signal_threshold                 ? 
_reflns.pdbx_signal_type                               ? 
_reflns.pdbx_signal_details                            ? 
_reflns.pdbx_signal_software_id                        ? 
# 
_reflns_shell.d_res_high                                    2.25 
_reflns_shell.d_res_low                                     2.33 
_reflns_shell.meanI_over_sigI_all                           ? 
_reflns_shell.meanI_over_sigI_obs                           2.62 
_reflns_shell.number_measured_all                           ? 
_reflns_shell.number_measured_obs                           ? 
_reflns_shell.number_possible                               ? 
_reflns_shell.number_unique_all                             ? 
_reflns_shell.number_unique_obs                             1137 
_reflns_shell.percent_possible_all                          98.61 
_reflns_shell.percent_possible_obs                          ? 
_reflns_shell.Rmerge_F_all                                  ? 
_reflns_shell.Rmerge_F_obs                                  ? 
_reflns_shell.Rmerge_I_all                                  ? 
_reflns_shell.Rmerge_I_obs                                  0.4815 
_reflns_shell.meanI_over_sigI_gt                            ? 
_reflns_shell.meanI_over_uI_all                             ? 
_reflns_shell.meanI_over_uI_gt                              ? 
_reflns_shell.number_measured_gt                            ? 
_reflns_shell.number_unique_gt                              ? 
_reflns_shell.percent_possible_gt                           ? 
_reflns_shell.Rmerge_F_gt                                   ? 
_reflns_shell.Rmerge_I_gt                                   ? 
_reflns_shell.pdbx_redundancy                               3.7 
_reflns_shell.pdbx_Rsym_value                               ? 
_reflns_shell.pdbx_chi_squared                              ? 
_reflns_shell.pdbx_netI_over_sigmaI_all                     ? 
_reflns_shell.pdbx_netI_over_sigmaI_obs                     ? 
_reflns_shell.pdbx_Rrim_I_all                               0.5612 
_reflns_shell.pdbx_Rpim_I_all                               0.2842 
_reflns_shell.pdbx_rejects                                  ? 
_reflns_shell.pdbx_ordinal                                  1 
_reflns_shell.pdbx_diffrn_id                                1 
_reflns_shell.pdbx_CC_half                                  0.845 
_reflns_shell.pdbx_CC_star                                  0.957 
_reflns_shell.pdbx_R_split                                  ? 
_reflns_shell.pdbx_percent_possible_ellipsoidal             ? 
_reflns_shell.pdbx_percent_possible_spherical               ? 
_reflns_shell.pdbx_percent_possible_ellipsoidal_anomalous   ? 
_reflns_shell.pdbx_percent_possible_spherical_anomalous     ? 
_reflns_shell.pdbx_redundancy_anomalous                     ? 
_reflns_shell.pdbx_CC_half_anomalous                        ? 
_reflns_shell.pdbx_absDiff_over_sigma_anomalous             ? 
_reflns_shell.pdbx_percent_possible_anomalous               ? 
# 
_refine.aniso_B[1][1]                            ? 
_refine.aniso_B[1][2]                            ? 
_refine.aniso_B[1][3]                            ? 
_refine.aniso_B[2][2]                            ? 
_refine.aniso_B[2][3]                            ? 
_refine.aniso_B[3][3]                            ? 
_refine.B_iso_max                                ? 
_refine.B_iso_mean                               66.94 
_refine.B_iso_min                                ? 
_refine.correlation_coeff_Fo_to_Fc               ? 
_refine.correlation_coeff_Fo_to_Fc_free          ? 
_refine.details                                  ? 
_refine.diff_density_max                         ? 
_refine.diff_density_max_esd                     ? 
_refine.diff_density_min                         ? 
_refine.diff_density_min_esd                     ? 
_refine.diff_density_rms                         ? 
_refine.diff_density_rms_esd                     ? 
_refine.entry_id                                 7SHO 
_refine.pdbx_refine_id                           'X-RAY DIFFRACTION' 
_refine.ls_abs_structure_details                 ? 
_refine.ls_abs_structure_Flack                   ? 
_refine.ls_abs_structure_Flack_esd               ? 
_refine.ls_abs_structure_Rogers                  ? 
_refine.ls_abs_structure_Rogers_esd              ? 
_refine.ls_d_res_high                            2.25 
_refine.ls_d_res_low                             29.73 
_refine.ls_extinction_coef                       ? 
_refine.ls_extinction_coef_esd                   ? 
_refine.ls_extinction_expression                 ? 
_refine.ls_extinction_method                     ? 
_refine.ls_goodness_of_fit_all                   ? 
_refine.ls_goodness_of_fit_all_esd               ? 
_refine.ls_goodness_of_fit_obs                   ? 
_refine.ls_goodness_of_fit_obs_esd               ? 
_refine.ls_hydrogen_treatment                    ? 
_refine.ls_matrix_type                           ? 
_refine.ls_number_constraints                    ? 
_refine.ls_number_parameters                     ? 
_refine.ls_number_reflns_all                     ? 
_refine.ls_number_reflns_obs                     11616 
_refine.ls_number_reflns_R_free                  529 
_refine.ls_number_reflns_R_work                  11087 
_refine.ls_number_restraints                     ? 
_refine.ls_percent_reflns_obs                    98.96 
_refine.ls_percent_reflns_R_free                 4.55 
_refine.ls_R_factor_all                          ? 
_refine.ls_R_factor_obs                          0.1931 
_refine.ls_R_factor_R_free                       0.2222 
_refine.ls_R_factor_R_free_error                 ? 
_refine.ls_R_factor_R_free_error_details         ? 
_refine.ls_R_factor_R_work                       0.1917 
_refine.ls_R_Fsqd_factor_obs                     ? 
_refine.ls_R_I_factor_obs                        ? 
_refine.ls_redundancy_reflns_all                 ? 
_refine.ls_redundancy_reflns_obs                 ? 
_refine.ls_restrained_S_all                      ? 
_refine.ls_restrained_S_obs                      ? 
_refine.ls_shift_over_esd_max                    ? 
_refine.ls_shift_over_esd_mean                   ? 
_refine.ls_structure_factor_coef                 ? 
_refine.ls_weighting_details                     ? 
_refine.ls_weighting_scheme                      ? 
_refine.ls_wR_factor_all                         ? 
_refine.ls_wR_factor_obs                         ? 
_refine.ls_wR_factor_R_free                      ? 
_refine.ls_wR_factor_R_work                      ? 
_refine.occupancy_max                            ? 
_refine.occupancy_min                            ? 
_refine.solvent_model_details                    'FLAT BULK SOLVENT MODEL' 
_refine.solvent_model_param_bsol                 ? 
_refine.solvent_model_param_ksol                 ? 
_refine.pdbx_R_complete                          ? 
_refine.ls_R_factor_gt                           ? 
_refine.ls_goodness_of_fit_gt                    ? 
_refine.ls_goodness_of_fit_ref                   ? 
_refine.ls_shift_over_su_max                     ? 
_refine.ls_shift_over_su_max_lt                  ? 
_refine.ls_shift_over_su_mean                    ? 
_refine.ls_shift_over_su_mean_lt                 ? 
_refine.pdbx_ls_sigma_I                          ? 
_refine.pdbx_ls_sigma_F                          1.38 
_refine.pdbx_ls_sigma_Fsqd                       ? 
_refine.pdbx_data_cutoff_high_absF               ? 
_refine.pdbx_data_cutoff_high_rms_absF           ? 
_refine.pdbx_data_cutoff_low_absF                ? 
_refine.pdbx_isotropic_thermal_model             ? 
_refine.pdbx_ls_cross_valid_method               'FREE R-VALUE' 
_refine.pdbx_method_to_determine_struct          'MOLECULAR REPLACEMENT' 
_refine.pdbx_starting_model                      4ksy 
_refine.pdbx_stereochemistry_target_values       'GeoStd + Monomer Library + CDL v1.2' 
_refine.pdbx_R_Free_selection_details            ? 
_refine.pdbx_stereochem_target_val_spec_case     ? 
_refine.pdbx_overall_ESU_R                       ? 
_refine.pdbx_overall_ESU_R_Free                  ? 
_refine.pdbx_solvent_vdw_probe_radii             1.1100 
_refine.pdbx_solvent_ion_probe_radii             ? 
_refine.pdbx_solvent_shrinkage_radii             0.9000 
_refine.pdbx_real_space_R                        ? 
_refine.pdbx_density_correlation                 ? 
_refine.pdbx_pd_number_of_powder_patterns        ? 
_refine.pdbx_pd_number_of_points                 ? 
_refine.pdbx_pd_meas_number_of_points            ? 
_refine.pdbx_pd_proc_ls_prof_R_factor            ? 
_refine.pdbx_pd_proc_ls_prof_wR_factor           ? 
_refine.pdbx_pd_Marquardt_correlation_coeff      ? 
_refine.pdbx_pd_Fsqrd_R_factor                   ? 
_refine.pdbx_pd_ls_matrix_band_width             ? 
_refine.pdbx_overall_phase_error                 28.9498 
_refine.pdbx_overall_SU_R_free_Cruickshank_DPI   ? 
_refine.pdbx_overall_SU_R_free_Blow_DPI          ? 
_refine.pdbx_overall_SU_R_Blow_DPI               ? 
_refine.pdbx_TLS_residual_ADP_flag               ? 
_refine.pdbx_diffrn_id                           1 
_refine.overall_SU_B                             ? 
_refine.overall_SU_ML                            0.2522 
_refine.overall_SU_R_Cruickshank_DPI             ? 
_refine.overall_SU_R_free                        ? 
_refine.overall_FOM_free_R_set                   ? 
_refine.overall_FOM_work_R_set                   ? 
_refine.pdbx_average_fsc_overall                 ? 
_refine.pdbx_average_fsc_work                    ? 
_refine.pdbx_average_fsc_free                    ? 
# 
_refine_hist.pdbx_refine_id                   'X-RAY DIFFRACTION' 
_refine_hist.cycle_id                         LAST 
_refine_hist.details                          ? 
_refine_hist.d_res_high                       2.25 
_refine_hist.d_res_low                        29.73 
_refine_hist.number_atoms_solvent             13 
_refine_hist.number_atoms_total               1494 
_refine_hist.number_reflns_all                ? 
_refine_hist.number_reflns_obs                ? 
_refine_hist.number_reflns_R_free             ? 
_refine_hist.number_reflns_R_work             ? 
_refine_hist.R_factor_all                     ? 
_refine_hist.R_factor_obs                     ? 
_refine_hist.R_factor_R_free                  ? 
_refine_hist.R_factor_R_work                  ? 
_refine_hist.pdbx_number_residues_total       ? 
_refine_hist.pdbx_B_iso_mean_ligand           ? 
_refine_hist.pdbx_B_iso_mean_solvent          ? 
_refine_hist.pdbx_number_atoms_protein        1436 
_refine_hist.pdbx_number_atoms_nucleic_acid   0 
_refine_hist.pdbx_number_atoms_ligand         45 
_refine_hist.pdbx_number_atoms_lipid          ? 
_refine_hist.pdbx_number_atoms_carb           ? 
_refine_hist.pdbx_pseudo_atom_details         ? 
# 
loop_
_refine_ls_restr.pdbx_refine_id 
_refine_ls_restr.criterion 
_refine_ls_restr.dev_ideal 
_refine_ls_restr.dev_ideal_target 
_refine_ls_restr.number 
_refine_ls_restr.rejects 
_refine_ls_restr.type 
_refine_ls_restr.weight 
_refine_ls_restr.pdbx_restraint_function 
'X-RAY DIFFRACTION' ? 0.0063  ? 1518 ? f_bond_d           ? ? 
'X-RAY DIFFRACTION' ? 0.7721  ? 2068 ? f_angle_d          ? ? 
'X-RAY DIFFRACTION' ? 0.0445  ? 226  ? f_chiral_restr     ? ? 
'X-RAY DIFFRACTION' ? 0.0037  ? 264  ? f_plane_restr      ? ? 
'X-RAY DIFFRACTION' ? 20.7623 ? 557  ? f_dihedral_angle_d ? ? 
# 
loop_
_refine_ls_shell.pdbx_refine_id 
_refine_ls_shell.d_res_high 
_refine_ls_shell.d_res_low 
_refine_ls_shell.number_reflns_all 
_refine_ls_shell.number_reflns_obs 
_refine_ls_shell.number_reflns_R_free 
_refine_ls_shell.number_reflns_R_work 
_refine_ls_shell.percent_reflns_obs 
_refine_ls_shell.percent_reflns_R_free 
_refine_ls_shell.R_factor_all 
_refine_ls_shell.R_factor_obs 
_refine_ls_shell.R_factor_R_free 
_refine_ls_shell.R_factor_R_free_error 
_refine_ls_shell.R_factor_R_work 
_refine_ls_shell.redundancy_reflns_all 
_refine_ls_shell.redundancy_reflns_obs 
_refine_ls_shell.wR_factor_all 
_refine_ls_shell.wR_factor_obs 
_refine_ls_shell.wR_factor_R_free 
_refine_ls_shell.wR_factor_R_work 
_refine_ls_shell.pdbx_R_complete 
_refine_ls_shell.pdbx_total_number_of_bins_used 
_refine_ls_shell.pdbx_phase_error 
_refine_ls_shell.pdbx_fsc_work 
_refine_ls_shell.pdbx_fsc_free 
'X-RAY DIFFRACTION' 2.25 2.48  . . 123 2768 99.14 . . . 0.2669 . 0.2598 . . . . . . . . . . . 
'X-RAY DIFFRACTION' 2.48 2.83  . . 123 2758 98.80 . . . 0.3087 . 0.2522 . . . . . . . . . . . 
'X-RAY DIFFRACTION' 2.83 3.57  . . 153 2759 99.18 . . . 0.2948 . 0.2301 . . . . . . . . . . . 
'X-RAY DIFFRACTION' 3.57 29.73 . . 130 2802 98.72 . . . 0.1707 . 0.1579 . . . . . . . . . . . 
# 
_struct.entry_id                     7SHO 
_struct.title                        
;Crystal structure of hSTING in complex with c[2',3'-(ara-2'-G, ribo-3'-A)-MP] (RJ242)
;
_struct.pdbx_model_details           ? 
_struct.pdbx_formula_weight          ? 
_struct.pdbx_formula_weight_method   ? 
_struct.pdbx_model_type_details      ? 
_struct.pdbx_CASP_flag               N 
# 
_struct_keywords.entry_id        7SHO 
_struct_keywords.text            'STING, agonist, cGAMP analogs, IMMUNE SYSTEM' 
_struct_keywords.pdbx_keywords   'IMMUNE SYSTEM' 
# 
loop_
_struct_asym.id 
_struct_asym.pdbx_blank_PDB_chainid_flag 
_struct_asym.pdbx_modified 
_struct_asym.entity_id 
_struct_asym.details 
A N N 1 ? 
B N N 2 ? 
C N N 3 ? 
# 
loop_
_struct_conf.conf_type_id 
_struct_conf.id 
_struct_conf.pdbx_PDB_helix_id 
_struct_conf.beg_label_comp_id 
_struct_conf.beg_label_asym_id 
_struct_conf.beg_label_seq_id 
_struct_conf.pdbx_beg_PDB_ins_code 
_struct_conf.end_label_comp_id 
_struct_conf.end_label_asym_id 
_struct_conf.end_label_seq_id 
_struct_conf.pdbx_end_PDB_ins_code 
_struct_conf.beg_auth_comp_id 
_struct_conf.beg_auth_asym_id 
_struct_conf.beg_auth_seq_id 
_struct_conf.end_auth_comp_id 
_struct_conf.end_auth_asym_id 
_struct_conf.end_auth_seq_id 
_struct_conf.pdbx_PDB_helix_class 
_struct_conf.details 
_struct_conf.pdbx_PDB_helix_length 
HELX_P HELX_P1 AA1 SER A 1   ? TYR A 14  ? SER B 154 TYR B 167 1 ? 14 
HELX_P HELX_P2 AA2 TYR A 14  ? LEU A 19  ? TYR B 167 LEU B 172 1 ? 6  
HELX_P HELX_P3 AA3 GLU A 21  ? TYR A 33  ? GLU B 174 TYR B 186 1 ? 13 
HELX_P HELX_P4 AA4 ASN A 58  ? ALA A 62  ? ASN B 211 ALA B 215 5 ? 5  
HELX_P HELX_P5 AA5 THR A 110 ? TYR A 121 ? THR B 263 TYR B 274 1 ? 12 
HELX_P HELX_P6 AA6 SER A 122 ? GLY A 125 ? SER B 275 GLY B 278 5 ? 4  
HELX_P HELX_P7 AA7 SER A 127 ? ALA A 149 ? SER B 280 ALA B 302 1 ? 23 
HELX_P HELX_P8 AA8 SER A 171 ? GLU A 183 ? SER B 324 GLU B 336 1 ? 13 
# 
_struct_conf_type.id          HELX_P 
_struct_conf_type.criteria    ? 
_struct_conf_type.reference   ? 
# 
loop_
_struct_sheet.id 
_struct_sheet.type 
_struct_sheet.number_strands 
_struct_sheet.details 
AA1 ? 5 ? 
AA2 ? 2 ? 
# 
loop_
_struct_sheet_order.sheet_id 
_struct_sheet_order.range_id_1 
_struct_sheet_order.range_id_2 
_struct_sheet_order.offset 
_struct_sheet_order.sense 
AA1 1 2 ? anti-parallel 
AA1 2 3 ? anti-parallel 
AA1 3 4 ? parallel      
AA1 4 5 ? parallel      
AA2 1 2 ? anti-parallel 
# 
loop_
_struct_sheet_range.sheet_id 
_struct_sheet_range.id 
_struct_sheet_range.beg_label_comp_id 
_struct_sheet_range.beg_label_asym_id 
_struct_sheet_range.beg_label_seq_id 
_struct_sheet_range.pdbx_beg_PDB_ins_code 
_struct_sheet_range.end_label_comp_id 
_struct_sheet_range.end_label_asym_id 
_struct_sheet_range.end_label_seq_id 
_struct_sheet_range.pdbx_end_PDB_ins_code 
_struct_sheet_range.beg_auth_comp_id 
_struct_sheet_range.beg_auth_asym_id 
_struct_sheet_range.beg_auth_seq_id 
_struct_sheet_range.end_auth_comp_id 
_struct_sheet_range.end_auth_asym_id 
_struct_sheet_range.end_auth_seq_id 
AA1 1 ILE A 66  ? LYS A 71  ? ILE B 219 LYS B 224 
AA1 2 SER A 90  ? GLU A 96  ? SER B 243 GLU B 249 
AA1 3 GLN A 99  ? TYR A 108 ? GLN B 252 TYR B 261 
AA1 4 LEU A 45  ? PRO A 50  ? LEU B 198 PRO B 203 
AA1 5 CYS A 156 ? TYR A 161 ? CYS B 309 TYR B 314 
AA2 1 GLN A 75  ? HIS A 79  ? GLN B 228 HIS B 232 
AA2 2 ILE A 82  ? TYR A 87  ? ILE B 235 TYR B 240 
# 
loop_
_pdbx_struct_sheet_hbond.sheet_id 
_pdbx_struct_sheet_hbond.range_id_1 
_pdbx_struct_sheet_hbond.range_id_2 
_pdbx_struct_sheet_hbond.range_1_label_atom_id 
_pdbx_struct_sheet_hbond.range_1_label_comp_id 
_pdbx_struct_sheet_hbond.range_1_label_asym_id 
_pdbx_struct_sheet_hbond.range_1_label_seq_id 
_pdbx_struct_sheet_hbond.range_1_PDB_ins_code 
_pdbx_struct_sheet_hbond.range_1_auth_atom_id 
_pdbx_struct_sheet_hbond.range_1_auth_comp_id 
_pdbx_struct_sheet_hbond.range_1_auth_asym_id 
_pdbx_struct_sheet_hbond.range_1_auth_seq_id 
_pdbx_struct_sheet_hbond.range_2_label_atom_id 
_pdbx_struct_sheet_hbond.range_2_label_comp_id 
_pdbx_struct_sheet_hbond.range_2_label_asym_id 
_pdbx_struct_sheet_hbond.range_2_label_seq_id 
_pdbx_struct_sheet_hbond.range_2_PDB_ins_code 
_pdbx_struct_sheet_hbond.range_2_auth_atom_id 
_pdbx_struct_sheet_hbond.range_2_auth_comp_id 
_pdbx_struct_sheet_hbond.range_2_auth_asym_id 
_pdbx_struct_sheet_hbond.range_2_auth_seq_id 
AA1 1 2 N ASP A 70  ? N ASP B 223 O ILE A 91  ? O ILE B 244 
AA1 2 3 N LEU A 94  ? N LEU B 247 O ALA A 101 ? O ALA B 254 
AA1 3 4 O VAL A 105 ? O VAL B 258 N TYR A 46  ? N TYR B 199 
AA1 4 5 N LEU A 49  ? N LEU B 202 O ILE A 159 ? O ILE B 312 
AA2 1 2 N GLN A 75  ? N GLN B 228 O TYR A 87  ? O TYR B 240 
# 
_atom_sites.entry_id                    7SHO 
_atom_sites.Cartn_transf_matrix[1][1]   ? 
_atom_sites.Cartn_transf_matrix[1][2]   ? 
_atom_sites.Cartn_transf_matrix[1][3]   ? 
_atom_sites.Cartn_transf_matrix[2][1]   ? 
_atom_sites.Cartn_transf_matrix[2][2]   ? 
_atom_sites.Cartn_transf_matrix[2][3]   ? 
_atom_sites.Cartn_transf_matrix[3][1]   ? 
_atom_sites.Cartn_transf_matrix[3][2]   ? 
_atom_sites.Cartn_transf_matrix[3][3]   ? 
_atom_sites.Cartn_transf_vector[1]      ? 
_atom_sites.Cartn_transf_vector[2]      ? 
_atom_sites.Cartn_transf_vector[3]      ? 
_atom_sites.fract_transf_matrix[1][1]   0.01033398 
_atom_sites.fract_transf_matrix[1][2]   -0.00450658 
_atom_sites.fract_transf_matrix[1][3]   -0.00004311 
_atom_sites.fract_transf_matrix[2][1]   -0.00504334 
_atom_sites.fract_transf_matrix[2][2]   -0.01158721 
_atom_sites.fract_transf_matrix[2][3]   0.00233992 
_atom_sites.fract_transf_matrix[3][1]   0.00096434 
_atom_sites.fract_transf_matrix[3][2]   -0.00590697 
_atom_sites.fract_transf_matrix[3][3]   -0.02717265 
_atom_sites.fract_transf_vector[1]      1.353828 
_atom_sites.fract_transf_vector[2]      0.052334 
_atom_sites.fract_transf_vector[3]      0.479925 
_atom_sites.solution_primary            ? 
_atom_sites.solution_secondary          ? 
_atom_sites.solution_hydrogens          ? 
_atom_sites.special_details             ? 
# 
loop_
_atom_type.symbol 
_atom_type.scat_dispersion_real 
_atom_type.scat_dispersion_imag 
_atom_type.scat_Cromer_Mann_a1 
_atom_type.scat_Cromer_Mann_a2 
_atom_type.scat_Cromer_Mann_a3 
_atom_type.scat_Cromer_Mann_a4 
_atom_type.scat_Cromer_Mann_b1 
_atom_type.scat_Cromer_Mann_b2 
_atom_type.scat_Cromer_Mann_b3 
_atom_type.scat_Cromer_Mann_b4 
_atom_type.scat_Cromer_Mann_c 
_atom_type.scat_source 
_atom_type.scat_dispersion_source 
C   ? ? 3.54356 2.42580 ? ? 25.62398 1.50364  ? ? 0.0 
;2-Gaussian fit: Grosse-Kunstleve RW, Sauter NK, Adams PD: Newsletter of the IUCr Commission on Crystallographic Computing 2004, 3, 22-31.
;
? 
N   ? ? 4.01032 2.96436 ? ? 19.97189 1.75589  ? ? 0.0 
;2-Gaussian fit: Grosse-Kunstleve RW, Sauter NK, Adams PD: Newsletter of the IUCr Commission on Crystallographic Computing 2004, 3, 22-31.
;
? 
O   ? ? 4.49882 3.47563 ? ? 15.80542 1.70748  ? ? 0.0 
;2-Gaussian fit: Grosse-Kunstleve RW, Sauter NK, Adams PD: Newsletter of the IUCr Commission on Crystallographic Computing 2004, 3, 22-31.
;
? 
O1- ? ? 5.12366 3.84317 ? ? 3.49406  27.47979 ? ? 0.0 
;2-Gaussian fit: Grosse-Kunstleve RW, Sauter NK, Adams PD: Newsletter of the IUCr Commission on Crystallographic Computing 2004, 3, 22-31.
;
? 
P   ? ? 9.51135 5.44231 ? ? 1.42069  35.72801 ? ? 0.0 
;2-Gaussian fit: Grosse-Kunstleve RW, Sauter NK, Adams PD: Newsletter of the IUCr Commission on Crystallographic Computing 2004, 3, 22-31.
;
? 
S   ? ? 9.55732 6.39887 ? ? 1.23737  29.19336 ? ? 0.0 
;2-Gaussian fit: Grosse-Kunstleve RW, Sauter NK, Adams PD: Newsletter of the IUCr Commission on Crystallographic Computing 2004, 3, 22-31.
;
? 
# 
loop_
_atom_site.group_PDB 
_atom_site.id 
_atom_site.type_symbol 
_atom_site.label_atom_id 
_atom_site.label_alt_id 
_atom_site.label_comp_id 
_atom_site.label_asym_id 
_atom_site.label_entity_id 
_atom_site.label_seq_id 
_atom_site.pdbx_PDB_ins_code 
_atom_site.Cartn_x 
_atom_site.Cartn_y 
_atom_site.Cartn_z 
_atom_site.occupancy 
_atom_site.B_iso_or_equiv 
_atom_site.pdbx_formal_charge 
_atom_site.auth_seq_id 
_atom_site.auth_comp_id 
_atom_site.auth_asym_id 
_atom_site.auth_atom_id 
_atom_site.pdbx_PDB_model_num 
ATOM   1    N N     . SER A 1 1   ? 18.82514  12.69491  -4.49937  1.000 81.19000  ?  154 SER B N     1 
ATOM   2    C CA    . SER A 1 1   ? 17.68155  13.00343  -3.64039  1.000 68.92000  ?  154 SER B CA    1 
ATOM   3    C C     . SER A 1 1   ? 17.18494  11.75430  -2.91033  1.000 63.01000  ?  154 SER B C     1 
ATOM   4    O O     . SER A 1 1   ? 16.93826  10.72096  -3.52796  1.000 50.75000  ?  154 SER B O     1 
ATOM   5    C CB    . SER A 1 1   ? 16.55297  13.62182  -4.46612  1.000 62.48000  ?  154 SER B CB    1 
ATOM   6    O OG    . SER A 1 1   ? 15.32677  13.56758  -3.78004  1.000 49.91000  ?  154 SER B OG    1 
ATOM   7    N N     . VAL A 1 2   ? 17.03667  11.86619  -1.58827  1.000 52.54000  ?  155 VAL B N     1 
ATOM   8    C CA    . VAL A 1 2   ? 16.60347  10.72549  -0.78327  1.000 43.44000  ?  155 VAL B CA    1 
ATOM   9    C C     . VAL A 1 2   ? 15.26808  10.18109  -1.28779  1.000 44.69000  ?  155 VAL B C     1 
ATOM   10   O O     . VAL A 1 2   ? 15.12811  8.98012   -1.54981  1.000 49.84000  ?  155 VAL B O     1 
ATOM   11   C CB    . VAL A 1 2   ? 16.53822  11.12192  0.70413   1.000 53.70000  ?  155 VAL B CB    1 
ATOM   12   C CG1   . VAL A 1 2   ? 15.84723  10.04166  1.53292   1.000 43.21000  ?  155 VAL B CG1   1 
ATOM   13   C CG2   . VAL A 1 2   ? 17.93707  11.39815  1.23131   1.000 50.41000  ?  155 VAL B CG2   1 
ATOM   14   N N     . ALA A 1 3   ? 14.26796  11.05759  -1.44829  1.000 40.44000  ?  156 ALA B N     1 
ATOM   15   C CA    . ALA A 1 3   ? 12.95249  10.59166  -1.88929  1.000 41.70000  ?  156 ALA B CA    1 
ATOM   16   C C     . ALA A 1 3   ? 12.96746  10.08673  -3.33031  1.000 50.23000  ?  156 ALA B C     1 
ATOM   17   O O     . ALA A 1 3   ? 12.15823  9.22602   -3.68493  1.000 46.55000  ?  156 ALA B O     1 
ATOM   18   C CB    . ALA A 1 3   ? 11.91644  11.69919  -1.75211  1.000 50.07000  ?  156 ALA B CB    1 
ATOM   19   N N     . HIS A 1 4   ? 13.84935  10.62488  -4.17476  1.000 51.77000  ?  157 HIS B N     1 
ATOM   20   C CA    . HIS A 1 4   ? 13.94080  10.16635  -5.56171  1.000 50.61000  ?  157 HIS B CA    1 
ATOM   21   C C     . HIS A 1 4   ? 14.44182  8.72269   -5.61102  1.000 51.66000  ?  157 HIS B C     1 
ATOM   22   O O     . HIS A 1 4   ? 13.87049  7.86866   -6.29861  1.000 51.25000  ?  157 HIS B O     1 
ATOM   23   C CB    . HIS A 1 4   ? 14.86696  11.11131  -6.33943  1.000 46.73000  ?  157 HIS B CB    1 
ATOM   24   C CG    . HIS A 1 4   ? 15.11578  10.71937  -7.76600  1.000 61.81000  ?  157 HIS B CG    1 
ATOM   25   N ND1   . HIS A 1 4   ? 14.14469  10.78154  -8.74374  1.000 57.16000  ?  157 HIS B ND1   1 
ATOM   26   C CD2   . HIS A 1 4   ? 16.24046  10.27997  -8.38011  1.000 59.74000  ?  157 HIS B CD2   1 
ATOM   27   C CE1   . HIS A 1 4   ? 14.65891  10.39031  -9.89686  1.000 57.82000  ?  157 HIS B CE1   1 
ATOM   28   N NE2   . HIS A 1 4   ? 15.92776  10.07562  -9.70355  1.000 63.75000  ?  157 HIS B NE2   1 
ATOM   29   N N     . GLY A 1 5   ? 15.49403  8.42581   -4.85175  1.000 46.04000  ?  158 GLY B N     1 
ATOM   30   C CA    . GLY A 1 5   ? 15.96187  7.05129   -4.75650  1.000 44.10000  ?  158 GLY B CA    1 
ATOM   31   C C     . GLY A 1 5   ? 14.93602  6.12878   -4.12645  1.000 43.30000  ?  158 GLY B C     1 
ATOM   32   O O     . GLY A 1 5   ? 14.80795  4.96390   -4.51366  1.000 52.34000  ?  158 GLY B O     1 
ATOM   33   N N     . LEU A 1 6   ? 14.21275  6.62333   -3.12098  1.000 48.15000  ?  159 LEU B N     1 
ATOM   34   C CA    . LEU A 1 6   ? 13.24491  5.77006   -2.44044  1.000 44.97000  ?  159 LEU B CA    1 
ATOM   35   C C     . LEU A 1 6   ? 12.05892  5.46467   -3.33977  1.000 43.01000  ?  159 LEU B C     1 
ATOM   36   O O     . LEU A 1 6   ? 11.54663  4.33983   -3.34074  1.000 39.66000  ?  159 LEU B O     1 
ATOM   37   C CB    . LEU A 1 6   ? 12.76686  6.43013   -1.14686  1.000 38.92000  ?  159 LEU B CB    1 
ATOM   38   C CG    . LEU A 1 6   ? 13.79784  6.34397   -0.02149  1.000 49.74000  ?  159 LEU B CG    1 
ATOM   39   C CD1   . LEU A 1 6   ? 13.25612  6.92496   1.28702   1.000 41.57000  ?  159 LEU B CD1   1 
ATOM   40   C CD2   . LEU A 1 6   ? 14.21527  4.89574   0.16582   1.000 44.01000  ?  159 LEU B CD2   1 
ATOM   41   N N     . ALA A 1 7   ? 11.58250  6.47064   -4.08120  1.000 40.17000  ?  160 ALA B N     1 
ATOM   42   C CA    . ALA A 1 7   ? 10.48149  6.25347   -5.01409  1.000 46.23000  ?  160 ALA B CA    1 
ATOM   43   C C     . ALA A 1 7   ? 10.85827  5.24702   -6.09364  1.000 35.18000  ?  160 ALA B C     1 
ATOM   44   O O     . ALA A 1 7   ? 10.05247  4.38571   -6.46030  1.000 49.26000  ?  160 ALA B O     1 
ATOM   45   C CB    . ALA A 1 7   ? 10.06431  7.58265   -5.64756  1.000 44.65000  ?  160 ALA B CB    1 
ATOM   46   N N     . TRP A 1 8   ? 12.08130  5.33777   -6.61676  1.000 38.34000  ?  161 TRP B N     1 
ATOM   47   C CA    . TRP A 1 8   ? 12.47847  4.39157   -7.66158  1.000 43.96000  ?  161 TRP B CA    1 
ATOM   48   C C     . TRP A 1 8   ? 12.72542  2.99475   -7.09829  1.000 47.21000  ?  161 TRP B C     1 
ATOM   49   O O     . TRP A 1 8   ? 12.39428  2.00365   -7.75473  1.000 43.48000  ?  161 TRP B O     1 
ATOM   50   C CB    . TRP A 1 8   ? 13.70140  4.91608   -8.41519  1.000 43.46000  ?  161 TRP B CB    1 
ATOM   51   C CG    . TRP A 1 8   ? 13.29977  5.88149   -9.51481  1.000 46.09000  ?  161 TRP B CG    1 
ATOM   52   C CD1   . TRP A 1 8   ? 13.25821  7.24200   -9.43624  1.000 45.51000  ?  161 TRP B CD1   1 
ATOM   53   C CD2   . TRP A 1 8   ? 12.86742  5.54282   -10.84401 1.000 44.69000  ?  161 TRP B CD2   1 
ATOM   54   N NE1   . TRP A 1 8   ? 12.82890  7.77623   -10.63254 1.000 54.25000  ?  161 TRP B NE1   1 
ATOM   55   C CE2   . TRP A 1 8   ? 12.57935  6.75452   -11.51187 1.000 48.80000  ?  161 TRP B CE2   1 
ATOM   56   C CE3   . TRP A 1 8   ? 12.69304  4.33326   -11.53033 1.000 56.98000  ?  161 TRP B CE3   1 
ATOM   57   C CZ2   . TRP A 1 8   ? 12.12944  6.79410   -12.83483 1.000 57.38000  ?  161 TRP B CZ2   1 
ATOM   58   C CZ3   . TRP A 1 8   ? 12.24221  4.37322   -12.85341 1.000 50.44000  ?  161 TRP B CZ3   1 
ATOM   59   C CH2   . TRP A 1 8   ? 11.96341  5.59654   -13.48763 1.000 50.25000  ?  161 TRP B CH2   1 
ATOM   60   N N     . SER A 1 9   ? 13.25857  2.87496   -5.87781  1.000 40.08000  ?  162 SER B N     1 
ATOM   61   C CA    . SER A 1 9   ? 13.45214  1.52998   -5.32667  1.000 31.96000  ?  162 SER B CA    1 
ATOM   62   C C     . SER A 1 9   ? 12.11089  0.84544   -5.04933  1.000 39.43000  ?  162 SER B C     1 
ATOM   63   O O     . SER A 1 9   ? 11.98812  -0.37566  -5.19271  1.000 46.09000  ?  162 SER B O     1 
ATOM   64   C CB    . SER A 1 9   ? 14.31577  1.58724   -4.07151  1.000 48.96000  ?  162 SER B CB    1 
ATOM   65   O OG    . SER A 1 9   ? 13.57781  1.32940   -2.91835  1.000 45.33000  ?  162 SER B OG    1 
ATOM   66   N N     . TYR A 1 10  ? 11.08545  1.62177   -4.67287  1.000 41.70000  ?  163 TYR B N     1 
ATOM   67   C CA    . TYR A 1 10  ? 9.75488   1.05036   -4.44945  1.000 34.87000  ?  163 TYR B CA    1 
ATOM   68   C C     . TYR A 1 10  ? 9.14957   0.52012   -5.75441  1.000 34.71000  ?  163 TYR B C     1 
ATOM   69   O O     . TYR A 1 10  ? 8.44430   -0.49375  -5.75359  1.000 44.85000  ?  163 TYR B O     1 
ATOM   70   C CB    . TYR A 1 10  ? 8.85243   2.11001   -3.82200  1.000 34.46000  ?  163 TYR B CB    1 
ATOM   71   C CG    . TYR A 1 10  ? 7.52027   1.62947   -3.23440  1.000 42.52000  ?  163 TYR B CG    1 
ATOM   72   C CD1   . TYR A 1 10  ? 7.46211   0.61908   -2.27751  1.000 47.41000  ?  163 TYR B CD1   1 
ATOM   73   C CD2   . TYR A 1 10  ? 6.32642   2.22726   -3.62175  1.000 43.67000  ?  163 TYR B CD2   1 
ATOM   74   C CE1   . TYR A 1 10  ? 6.23072   0.20250   -1.73812  1.000 43.88000  ?  163 TYR B CE1   1 
ATOM   75   C CE2   . TYR A 1 10  ? 5.10377   1.82988   -3.08930  1.000 50.79000  ?  163 TYR B CE2   1 
ATOM   76   C CZ    . TYR A 1 10  ? 5.06153   0.82606   -2.14249  1.000 48.33000  ?  163 TYR B CZ    1 
ATOM   77   O OH    . TYR A 1 10  ? 3.84096   0.43654   -1.62703  1.000 57.63000  ?  163 TYR B OH    1 
ATOM   78   N N     . TYR A 1 11  ? 9.38622   1.20709   -6.86812  1.000 39.38000  ?  164 TYR B N     1 
ATOM   79   C CA    . TYR A 1 11  ? 8.89914   0.69727   -8.14670  1.000 41.51000  ?  164 TYR B CA    1 
ATOM   80   C C     . TYR A 1 11  ? 9.72108   -0.50519  -8.58929  1.000 38.63000  ?  164 TYR B C     1 
ATOM   81   O O     . TYR A 1 11  ? 9.17354   -1.58316  -8.85156  1.000 45.88000  ?  164 TYR B O     1 
ATOM   82   C CB    . TYR A 1 11  ? 8.94590   1.80201   -9.19925  1.000 36.20000  ?  164 TYR B CB    1 
ATOM   83   C CG    . TYR A 1 11  ? 8.72734   1.32748   -10.63059 1.000 50.45000  ?  164 TYR B CG    1 
ATOM   84   C CD1   . TYR A 1 11  ? 7.51550   0.78402   -11.02342 1.000 39.71000  ?  164 TYR B CD1   1 
ATOM   85   C CD2   . TYR A 1 11  ? 9.72997   1.45223   -11.58671 1.000 45.29000  ?  164 TYR B CD2   1 
ATOM   86   C CE1   . TYR A 1 11  ? 7.30339   0.35320   -12.34525 1.000 51.42000  ?  164 TYR B CE1   1 
ATOM   87   C CE2   . TYR A 1 11  ? 9.53820   1.02905   -12.89822 1.000 52.67000  ?  164 TYR B CE2   1 
ATOM   88   C CZ    . TYR A 1 11  ? 8.31974   0.48530   -13.27381 1.000 54.52000  ?  164 TYR B CZ    1 
ATOM   89   O OH    . TYR A 1 11  ? 8.12890   0.06366   -14.57026 1.000 53.91000  ?  164 TYR B OH    1 
ATOM   90   N N     . ILE A 1 12  ? 11.04865  -0.34598  -8.60853  1.000 37.31000  ?  165 ILE B N     1 
ATOM   91   C CA    . ILE A 1 12  ? 11.94694  -1.36740  -9.13795  1.000 36.77000  ?  165 ILE B CA    1 
ATOM   92   C C     . ILE A 1 12  ? 11.90299  -2.62816  -8.28075  1.000 44.06000  ?  165 ILE B C     1 
ATOM   93   O O     . ILE A 1 12  ? 11.82707  -3.74748  -8.79683  1.000 47.48000  ?  165 ILE B O     1 
ATOM   94   C CB    . ILE A 1 12  ? 13.37453  -0.80305  -9.22021  1.000 36.48000  ?  165 ILE B CB    1 
ATOM   95   C CG1   . ILE A 1 12  ? 13.42551  0.33684   -10.24339 1.000 40.29000  ?  165 ILE B CG1   1 
ATOM   96   C CG2   . ILE A 1 12  ? 14.37047  -1.90758  -9.50589  1.000 38.09000  ?  165 ILE B CG2   1 
ATOM   97   C CD1   . ILE A 1 12  ? 14.66581  1.19078   -10.11365 1.000 48.42000  ?  165 ILE B CD1   1 
ATOM   98   N N     . GLY A 1 13  ? 11.97953  -2.46939  -6.96705  1.000 36.57000  ?  166 GLY B N     1 
ATOM   99   C CA    . GLY A 1 13  ? 12.05343  -3.61894  -6.09605  1.000 44.17000  ?  166 GLY B CA    1 
ATOM   100  C C     . GLY A 1 13  ? 10.72783  -4.14817  -5.58160  1.000 45.15000  ?  166 GLY B C     1 
ATOM   101  O O     . GLY A 1 13  ? 10.71987  -5.11334  -4.80888  1.000 48.28000  ?  166 GLY B O     1 
ATOM   102  N N     . TYR A 1 14  ? 9.60088   -3.56252  -5.97827  1.000 40.58000  ?  167 TYR B N     1 
ATOM   103  C CA    . TYR A 1 14  ? 8.32296   -4.03768  -5.45033  1.000 48.59000  ?  167 TYR B CA    1 
ATOM   104  C C     . TYR A 1 14  ? 7.18614   -3.92121  -6.45600  1.000 43.75000  ?  167 TYR B C     1 
ATOM   105  O O     . TYR A 1 14  ? 6.63314   -4.93694  -6.88866  1.000 56.60000  ?  167 TYR B O     1 
ATOM   106  C CB    . TYR A 1 14  ? 7.95294   -3.27388  -4.18468  1.000 39.66000  ?  167 TYR B CB    1 
ATOM   107  C CG    . TYR A 1 14  ? 6.68308   -3.76580  -3.49716  1.000 43.75000  ?  167 TYR B CG    1 
ATOM   108  C CD1   . TYR A 1 14  ? 6.52967   -5.10456  -3.13580  1.000 47.71000  ?  167 TYR B CD1   1 
ATOM   109  C CD2   . TYR A 1 14  ? 5.65915   -2.88803  -3.19185  1.000 47.57000  ?  167 TYR B CD2   1 
ATOM   110  C CE1   . TYR A 1 14  ? 5.38103   -5.55086  -2.49384  1.000 45.32000  ?  167 TYR B CE1   1 
ATOM   111  C CE2   . TYR A 1 14  ? 4.50200   -3.31743  -2.53952  1.000 49.67000  ?  167 TYR B CE2   1 
ATOM   112  C CZ    . TYR A 1 14  ? 4.36879   -4.65018  -2.19821  1.000 44.91000  ?  167 TYR B CZ    1 
ATOM   113  O OH    . TYR A 1 14  ? 3.22020   -5.07935  -1.57021  1.000 52.03000  ?  167 TYR B OH    1 
ATOM   114  N N     . LEU A 1 15  ? 6.82783   -2.69048  -6.82944  1.000 41.24000  ?  168 LEU B N     1 
ATOM   115  C CA    . LEU A 1 15  ? 5.62391   -2.48638  -7.62820  1.000 44.38000  ?  168 LEU B CA    1 
ATOM   116  C C     . LEU A 1 15  ? 5.74259   -3.14437  -8.99949  1.000 50.78000  ?  168 LEU B C     1 
ATOM   117  O O     . LEU A 1 15  ? 4.82402   -3.84092  -9.44693  1.000 48.04000  ?  168 LEU B O     1 
ATOM   118  C CB    . LEU A 1 15  ? 5.32943   -0.99433  -7.76742  1.000 43.81000  ?  168 LEU B CB    1 
ATOM   119  C CG    . LEU A 1 15  ? 4.74202   -0.38799  -6.49778  1.000 46.06000  ?  168 LEU B CG    1 
ATOM   120  C CD1   . LEU A 1 15  ? 4.28982   1.01686   -6.74960  1.000 42.97000  ?  168 LEU B CD1   1 
ATOM   121  C CD2   . LEU A 1 15  ? 3.60349   -1.25793  -6.00400  1.000 44.85000  ?  168 LEU B CD2   1 
ATOM   122  N N     . ARG A 1 16  ? 6.86415   -2.93018  -9.69027  1.000 45.58000  ?  169 ARG B N     1 
ATOM   123  C CA    . ARG A 1 16  ? 7.01549   -3.55914  -11.00118 1.000 48.45000  ?  169 ARG B CA    1 
ATOM   124  C C     . ARG A 1 16  ? 7.12153   -5.07553  -10.90534 1.000 48.85000  ?  169 ARG B C     1 
ATOM   125  O O     . ARG A 1 16  ? 6.94787   -5.75901  -11.91796 1.000 52.95000  ?  169 ARG B O     1 
ATOM   126  C CB    . ARG A 1 16  ? 8.22766   -2.98031  -11.73421 1.000 48.58000  ?  169 ARG B CB    1 
ATOM   127  C CG    . ARG A 1 16  ? 9.55461   -3.57870  -11.34303 1.000 46.25000  ?  169 ARG B CG    1 
ATOM   128  C CD    . ARG A 1 16  ? 10.66358  -3.21228  -12.33972 1.000 47.82000  ?  169 ARG B CD    1 
ATOM   129  N NE    . ARG A 1 16  ? 11.94720  -3.78886  -11.93945 1.000 52.82000  ?  169 ARG B NE    1 
ATOM   130  C CZ    . ARG A 1 16  ? 13.06198  -3.71844  -12.66474 1.000 60.75000  ?  169 ARG B CZ    1 
ATOM   131  N NH1   . ARG A 1 16  ? 13.06852  -3.08652  -13.83302 1.000 53.01000  ?  169 ARG B NH1   1 
ATOM   132  N NH2   . ARG A 1 16  ? 14.17292  -4.27474  -12.21767 1.000 50.74000  ?  169 ARG B NH2   1 
ATOM   133  N N     . LEU A 1 17  ? 7.35541   -5.61682  -9.70932  1.000 52.28000  ?  170 LEU B N     1 
ATOM   134  C CA    . LEU A 1 17  ? 7.42739   -7.05898  -9.54992  1.000 44.14000  ?  170 LEU B CA    1 
ATOM   135  C C     . LEU A 1 17  ? 6.07877   -7.69244  -9.21126  1.000 54.59000  ?  170 LEU B C     1 
ATOM   136  O O     . LEU A 1 17  ? 5.81926   -8.82611  -9.62834  1.000 62.68000  ?  170 LEU B O     1 
ATOM   137  C CB    . LEU A 1 17  ? 8.46157   -7.41348  -8.47772  1.000 51.68000  ?  170 LEU B CB    1 
ATOM   138  C CG    . LEU A 1 17  ? 9.89022   -6.89939  -8.70773  1.000 67.31000  ?  170 LEU B CG    1 
ATOM   139  C CD1   . LEU A 1 17  ? 10.81797  -7.40648  -7.61535  1.000 55.05000  ?  170 LEU B CD1   1 
ATOM   140  C CD2   . LEU A 1 17  ? 10.42852  -7.27581  -10.09258 1.000 53.40000  ?  170 LEU B CD2   1 
ATOM   141  N N     . ILE A 1 18  ? 5.20303   -6.99949  -8.48573  1.000 54.47000  ?  171 ILE B N     1 
ATOM   142  C CA    . ILE A 1 18  ? 3.97373   -7.62786  -7.99649  1.000 59.63000  ?  171 ILE B CA    1 
ATOM   143  C C     . ILE A 1 18  ? 2.74370   -7.20592  -8.79437  1.000 51.20000  ?  171 ILE B C     1 
ATOM   144  O O     . ILE A 1 18  ? 1.75833   -7.94940  -8.86023  1.000 56.26000  ?  171 ILE B O     1 
ATOM   145  C CB    . ILE A 1 18  ? 3.76719   -7.35066  -6.49228  1.000 52.30000  ?  171 ILE B CB    1 
ATOM   146  C CG1   . ILE A 1 18  ? 3.55302   -5.86503  -6.23201  1.000 48.90000  ?  171 ILE B CG1   1 
ATOM   147  C CG2   . ILE A 1 18  ? 4.94081   -7.87218  -5.68294  1.000 58.99000  ?  171 ILE B CG2   1 
ATOM   148  C CD1   . ILE A 1 18  ? 2.74090   -5.58533  -4.99354  1.000 56.44000  ?  171 ILE B CD1   1 
ATOM   149  N N     . LEU A 1 19  ? 2.77820   -6.01247  -9.39562  1.000 48.03000  ?  172 LEU B N     1 
ATOM   150  C CA    . LEU A 1 19  ? 1.63206   -5.48789  -10.13604 1.000 55.60000  ?  172 LEU B CA    1 
ATOM   151  C C     . LEU A 1 19  ? 1.26008   -6.33170  -11.35943 1.000 57.76000  ?  172 LEU B C     1 
ATOM   152  O O     . LEU A 1 19  ? 0.06326   -6.54940  -11.59522 1.000 58.59000  ?  172 LEU B O     1 
ATOM   153  C CB    . LEU A 1 19  ? 1.87936   -4.04068  -10.57089 1.000 49.92000  ?  172 LEU B CB    1 
ATOM   154  C CG    . LEU A 1 19  ? 1.72080   -2.97452  -9.48327  1.000 43.11000  ?  172 LEU B CG    1 
ATOM   155  C CD1   . LEU A 1 19  ? 1.79744   -1.58650  -10.07924 1.000 48.66000  ?  172 LEU B CD1   1 
ATOM   156  C CD2   . LEU A 1 19  ? 0.41583   -3.15989  -8.71004  1.000 55.52000  ?  172 LEU B CD2   1 
ATOM   157  N N     . PRO A 1 20  ? 2.21552   -6.81210  -12.17339 1.000 61.56000  ?  173 PRO B N     1 
ATOM   158  C CA    . PRO A 1 20  ? 1.81028   -7.66242  -13.30848 1.000 58.07000  ?  173 PRO B CA    1 
ATOM   159  C C     . PRO A 1 20  ? 0.97759   -8.86100  -12.89316 1.000 58.27000  ?  173 PRO B C     1 
ATOM   160  O O     . PRO A 1 20  ? 0.05927   -9.24032  -13.62561 1.000 61.85000  ?  173 PRO B O     1 
ATOM   161  C CB    . PRO A 1 20  ? 3.14913   -8.08975  -13.93400 1.000 49.10000  ?  173 PRO B CB    1 
ATOM   162  C CG    . PRO A 1 20  ? 4.09033   -7.00071  -13.58133 1.000 60.60000  ?  173 PRO B CG    1 
ATOM   163  C CD    . PRO A 1 20  ? 3.66724   -6.53395  -12.20384 1.000 51.77000  ?  173 PRO B CD    1 
ATOM   164  N N     . GLU A 1 21  ? 1.23194   -9.44087  -11.71773 1.000 58.47000  ?  174 GLU B N     1 
ATOM   165  C CA    . GLU A 1 21  ? 0.54246   -10.64951 -11.27978 1.000 60.29000  ?  174 GLU B CA    1 
ATOM   166  C C     . GLU A 1 21  ? -0.48297  -10.39409 -10.18184 1.000 63.36000  ?  174 GLU B C     1 
ATOM   167  O O     . GLU A 1 21  ? -0.95573  -11.34815 -9.55399  1.000 67.39000  ?  174 GLU B O     1 
ATOM   168  C CB    . GLU A 1 21  ? 1.55480   -11.69403 -10.80995 1.000 61.52000  ?  174 GLU B CB    1 
ATOM   169  C CG    . GLU A 1 21  ? 1.96205   -12.66267 -11.92223 1.000 72.15000  ?  174 GLU B CG    1 
ATOM   170  C CD    . GLU A 1 21  ? 0.78831   -13.48632 -12.43403 1.000 102.03000 ?  174 GLU B CD    1 
ATOM   171  O OE1   . GLU A 1 21  ? 0.03120   -14.03670 -11.60093 1.000 105.51000 ?  174 GLU B OE1   1 
ATOM   172  O OE2   . GLU A 1 21  ? 0.61740   -13.57097 -13.67196 1.000 84.24000  ?  174 GLU B OE2   1 
ATOM   173  N N     . LEU A 1 22  ? -0.85169  -9.14038  -9.94217  1.000 55.91000  ?  175 LEU B N     1 
ATOM   174  C CA    . LEU A 1 22  ? -1.73696  -8.84184  -8.82303  1.000 56.95000  ?  175 LEU B CA    1 
ATOM   175  C C     . LEU A 1 22  ? -3.17575  -9.25027  -9.12424  1.000 67.76000  ?  175 LEU B C     1 
ATOM   176  O O     . LEU A 1 22  ? -3.82326  -9.92516  -8.31445  1.000 54.99000  ?  175 LEU B O     1 
ATOM   177  C CB    . LEU A 1 22  ? -1.66479  -7.35876  -8.48549  1.000 53.74000  ?  175 LEU B CB    1 
ATOM   178  C CG    . LEU A 1 22  ? -2.67752  -6.93920  -7.42073  1.000 54.78000  ?  175 LEU B CG    1 
ATOM   179  C CD1   . LEU A 1 22  ? -2.25209  -7.41723  -6.02585  1.000 56.51000  ?  175 LEU B CD1   1 
ATOM   180  C CD2   . LEU A 1 22  ? -2.88942  -5.44093  -7.47748  1.000 49.76000  ?  175 LEU B CD2   1 
ATOM   181  N N     . GLN A 1 23  ? -3.70179  -8.83875  -10.27989 1.000 56.39000  ?  176 GLN B N     1 
ATOM   182  C CA    . GLN A 1 23  ? -5.08268  -9.17827  -10.60939 1.000 68.46000  ?  176 GLN B CA    1 
ATOM   183  C C     . GLN A 1 23  ? -5.28312  -10.68809 -10.66920 1.000 66.83000  ?  176 GLN B C     1 
ATOM   184  O O     . GLN A 1 23  ? -6.31103  -11.19907 -10.21368 1.000 62.47000  ?  176 GLN B O     1 
ATOM   185  C CB    . GLN A 1 23  ? -5.48599  -8.51235  -11.92145 1.000 76.35000  ?  176 GLN B CB    1 
ATOM   186  C CG    . GLN A 1 23  ? -5.46757  -6.98889  -11.84034 1.000 84.33000  ?  176 GLN B CG    1 
ATOM   187  C CD    . GLN A 1 23  ? -6.27831  -6.33843  -12.93721 1.000 90.88000  ?  176 GLN B CD    1 
ATOM   188  O OE1   . GLN A 1 23  ? -6.41980  -5.11548  -12.98076 1.000 89.56000  ?  176 GLN B OE1   1 
ATOM   189  N NE2   . GLN A 1 23  ? -6.82308  -7.15572  -13.83050 1.000 99.81000  ?  176 GLN B NE2   1 
ATOM   190  N N     . ALA A 1 24  ? -4.29684  -11.42179 -11.19353 1.000 61.99000  ?  177 ALA B N     1 
ATOM   191  C CA    . ALA A 1 24  ? -4.38875  -12.87889 -11.20873 1.000 59.85000  ?  177 ALA B CA    1 
ATOM   192  C C     . ALA A 1 24  ? -4.44165  -13.45695 -9.79679  1.000 70.63000  ?  177 ALA B C     1 
ATOM   193  O O     . ALA A 1 24  ? -5.17345  -14.42158 -9.54344  1.000 69.98000  ?  177 ALA B O     1 
ATOM   194  C CB    . ALA A 1 24  ? -3.21205  -13.47075 -11.98241 1.000 59.76000  ?  177 ALA B CB    1 
ATOM   195  N N     . ARG A 1 25  ? -3.66805  -12.89212 -8.86406  1.000 69.03000  ?  178 ARG B N     1 
ATOM   196  C CA    . ARG A 1 25  ? -3.70670  -13.38881 -7.49081  1.000 60.57000  ?  178 ARG B CA    1 
ATOM   197  C C     . ARG A 1 25  ? -5.02720  -13.05955 -6.81157  1.000 60.96000  ?  178 ARG B C     1 
ATOM   198  O O     . ARG A 1 25  ? -5.46256  -13.80118 -5.92445  1.000 60.72000  ?  178 ARG B O     1 
ATOM   199  C CB    . ARG A 1 25  ? -2.54464  -12.81718 -6.67581  1.000 55.44000  ?  178 ARG B CB    1 
ATOM   200  C CG    . ARG A 1 25  ? -1.16959  -13.32649 -7.10200  1.000 59.50000  ?  178 ARG B CG    1 
ATOM   201  C CD    . ARG A 1 25  ? -0.07697  -12.46398 -6.50117  1.000 51.58000  ?  178 ARG B CD    1 
ATOM   202  N NE    . ARG A 1 25  ? -0.03476  -12.57798 -5.04134  1.000 63.57000  ?  178 ARG B NE    1 
ATOM   203  C CZ    . ARG A 1 25  ? 0.26065   -11.57353 -4.22011  1.000 66.62000  ?  178 ARG B CZ    1 
ATOM   204  N NH1   . ARG A 1 25  ? 0.52598   -10.37333 -4.71326  1.000 55.55000  ?  178 ARG B NH1   1 
ATOM   205  N NH2   . ARG A 1 25  ? 0.29308   -11.76389 -2.90683  1.000 60.39000  ?  178 ARG B NH2   1 
ATOM   206  N N     . ILE A 1 26  ? -5.66892  -11.95600 -7.20633  1.000 58.16000  ?  179 ILE B N     1 
ATOM   207  C CA    . ILE A 1 26  ? -6.94584  -11.56597 -6.61556  1.000 56.43000  ?  179 ILE B CA    1 
ATOM   208  C C     . ILE A 1 26  ? -8.08393  -12.41221 -7.17341  1.000 67.77000  ?  179 ILE B C     1 
ATOM   209  O O     . ILE A 1 26  ? -8.94362  -12.88420 -6.42038  1.000 76.08000  ?  179 ILE B O     1 
ATOM   210  C CB    . ILE A 1 26  ? -7.19675  -10.06348 -6.83436  1.000 65.09000  ?  179 ILE B CB    1 
ATOM   211  C CG1   . ILE A 1 26  ? -6.23037  -9.22744  -5.98855  1.000 56.94000  ?  179 ILE B CG1   1 
ATOM   212  C CG2   . ILE A 1 26  ? -8.63806  -9.70909  -6.49971  1.000 67.76000  ?  179 ILE B CG2   1 
ATOM   213  C CD1   . ILE A 1 26  ? -6.30926  -7.73300  -6.26093  1.000 52.00000  ?  179 ILE B CD1   1 
ATOM   214  N N     . ARG A 1 27  ? -8.11569  -12.62266 -8.49272  1.000 69.07000  ?  180 ARG B N     1 
ATOM   215  C CA    . ARG A 1 27  ? -9.12245  -13.51264 -9.06098  1.000 71.67000  ?  180 ARG B CA    1 
ATOM   216  C C     . ARG A 1 27  ? -8.99178  -14.91677 -8.48794  1.000 68.21000  ?  180 ARG B C     1 
ATOM   217  O O     . ARG A 1 27  ? -9.99841  -15.57325 -8.20176  1.000 72.08000  ?  180 ARG B O     1 
ATOM   218  C CB    . ARG A 1 27  ? -9.01531  -13.53455 -10.58632 1.000 68.48000  ?  180 ARG B CB    1 
ATOM   219  C CG    . ARG A 1 27  ? -9.14094  -12.15491 -11.23679 1.000 82.87000  ?  180 ARG B CG    1 
ATOM   220  C CD    . ARG A 1 27  ? -9.64695  -12.24849 -12.67002 1.000 76.15000  ?  180 ARG B CD    1 
ATOM   221  N NE    . ARG A 1 27  ? -8.63748  -12.85017 -13.53965 1.000 91.48000  ?  180 ARG B NE    1 
ATOM   222  C CZ    . ARG A 1 27  ? -7.63942  -12.18255 -14.11322 1.000 97.81000  ?  180 ARG B CZ    1 
ATOM   223  N NH1   . ARG A 1 27  ? -7.50864  -10.87297 -13.92634 1.000 88.02000  ?  180 ARG B NH1   1 
ATOM   224  N NH2   . ARG A 1 27  ? -6.76953  -12.82804 -14.87999 1.000 91.01000  ?  180 ARG B NH2   1 
ATOM   225  N N     . THR A 1 28  ? -7.75641  -15.38829 -8.29756  1.000 72.80000  ?  181 THR B N     1 
ATOM   226  C CA    . THR A 1 28  ? -7.55367  -16.68839 -7.66369  1.000 67.48000  ?  181 THR B CA    1 
ATOM   227  C C     . THR A 1 28  ? -8.15945  -16.71758 -6.26883  1.000 75.12000  ?  181 THR B C     1 
ATOM   228  O O     . THR A 1 28  ? -8.79102  -17.70461 -5.87189  1.000 77.46000  ?  181 THR B O     1 
ATOM   229  C CB    . THR A 1 28  ? -6.06242  -17.01710 -7.59870  1.000 62.71000  ?  181 THR B CB    1 
ATOM   230  O OG1   . THR A 1 28  ? -5.57540  -17.26268 -8.91858  1.000 68.20000  ?  181 THR B OG1   1 
ATOM   231  C CG2   . THR A 1 28  ? -5.82709  -18.25146 -6.73937  1.000 57.73000  ?  181 THR B CG2   1 
ATOM   232  N N     . TYR A 1 29  ? -7.98882  -15.63629 -5.51175  1.000 77.79000  ?  182 TYR B N     1 
ATOM   233  C CA    . TYR A 1 29  ? -8.54391  -15.60243 -4.16772  1.000 73.55000  ?  182 TYR B CA    1 
ATOM   234  C C     . TYR A 1 29  ? -10.06596 -15.52848 -4.20402  1.000 80.13000  ?  182 TYR B C     1 
ATOM   235  O O     . TYR A 1 29  ? -10.74461 -16.22056 -3.43665  1.000 76.12000  ?  182 TYR B O     1 
ATOM   236  C CB    . TYR A 1 29  ? -7.96281  -14.42380 -3.38958  1.000 65.95000  ?  182 TYR B CB    1 
ATOM   237  C CG    . TYR A 1 29  ? -8.57848  -14.27721 -2.03534  1.000 67.41000  ?  182 TYR B CG    1 
ATOM   238  C CD1   . TYR A 1 29  ? -9.64954  -13.41439 -1.82880  1.000 70.62000  ?  182 TYR B CD1   1 
ATOM   239  C CD2   . TYR A 1 29  ? -8.11198  -15.02301 -0.96068  1.000 67.23000  ?  182 TYR B CD2   1 
ATOM   240  C CE1   . TYR A 1 29  ? -10.22571 -13.28746 -0.58561  1.000 73.30000  ?  182 TYR B CE1   1 
ATOM   241  C CE2   . TYR A 1 29  ? -8.68466  -14.90242 0.28606   1.000 73.26000  ?  182 TYR B CE2   1 
ATOM   242  C CZ    . TYR A 1 29  ? -9.74197  -14.03552 0.46557   1.000 67.47000  ?  182 TYR B CZ    1 
ATOM   243  O OH    . TYR A 1 29  ? -10.31882 -13.91103 1.70619   1.000 88.30000  ?  182 TYR B OH    1 
ATOM   244  N N     . ASN A 1 30  ? -10.61773 -14.70424 -5.09601  1.000 71.60000  ?  183 ASN B N     1 
ATOM   245  C CA    . ASN A 1 30  ? -12.06345 -14.51175 -5.12772  1.000 74.36000  ?  183 ASN B CA    1 
ATOM   246  C C     . ASN A 1 30  ? -12.80253 -15.79825 -5.47331  1.000 80.38000  ?  183 ASN B C     1 
ATOM   247  O O     . ASN A 1 30  ? -13.96502 -15.96817 -5.08544  1.000 83.04000  ?  183 ASN B O     1 
ATOM   248  C CB    . ASN A 1 30  ? -12.42533 -13.41356 -6.12679  1.000 60.06000  ?  183 ASN B CB    1 
ATOM   249  C CG    . ASN A 1 30  ? -12.26510 -12.02274 -5.55103  1.000 59.82000  ?  183 ASN B CG    1 
ATOM   250  O OD1   . ASN A 1 30  ? -12.43708 -11.81196 -4.35064  1.000 78.42000  ?  183 ASN B OD1   1 
ATOM   251  N ND2   . ASN A 1 30  ? -11.94418 -11.05810 -6.40980  1.000 65.24000  ?  183 ASN B ND2   1 
ATOM   252  N N     . GLN A 1 31  ? -12.15162 -16.71479 -6.18687  1.000 70.94000  ?  184 GLN B N     1 
ATOM   253  C CA    . GLN A 1 31  ? -12.80129 -17.92765 -6.66714  1.000 80.26000  ?  184 GLN B CA    1 
ATOM   254  C C     . GLN A 1 31  ? -12.60856 -19.12616 -5.74954  1.000 82.96000  ?  184 GLN B C     1 
ATOM   255  O O     . GLN A 1 31  ? -13.53675 -19.92130 -5.57993  1.000 78.07000  ?  184 GLN B O     1 
ATOM   256  C CB    . GLN A 1 31  ? -12.28296 -18.28392 -8.06118  1.000 76.51000  ?  184 GLN B CB    1 
ATOM   257  C CG    . GLN A 1 31  ? -12.69031 -17.31631 -9.15124  1.000 86.48000  ?  184 GLN B CG    1 
ATOM   258  C CD    . GLN A 1 31  ? -12.27118 -17.79931 -10.52431 1.000 90.73000  ?  184 GLN B CD    1 
ATOM   259  O OE1   . GLN A 1 31  ? -11.63243 -18.84529 -10.65825 1.000 95.47000  ?  184 GLN B OE1   1 
ATOM   260  N NE2   . GLN A 1 31  ? -12.62694 -17.04066 -11.55483 1.000 89.16000  ?  184 GLN B NE2   1 
ATOM   261  N N     . HIS A 1 32  ? -11.42570 -19.28509 -5.15693  1.000 83.62000  ?  185 HIS B N     1 
ATOM   262  C CA    . HIS A 1 32  ? -11.07195 -20.51617 -4.46000  1.000 86.52000  ?  185 HIS B CA    1 
ATOM   263  C C     . HIS A 1 32  ? -10.94958 -20.37421 -2.94954  1.000 83.20000  ?  185 HIS B C     1 
ATOM   264  O O     . HIS A 1 32  ? -11.16582 -21.35645 -2.23785  1.000 90.07000  ?  185 HIS B O     1 
ATOM   265  C CB    . HIS A 1 32  ? -9.74897  -21.07458 -5.00537  1.000 89.41000  ?  185 HIS B CB    1 
ATOM   266  C CG    . HIS A 1 32  ? -9.84543  -21.63327 -6.39258  1.000 93.85000  ?  185 HIS B CG    1 
ATOM   267  N ND1   . HIS A 1 32  ? -9.49863  -20.90812 -7.51375  1.000 97.46000  ?  185 HIS B ND1   1 
ATOM   268  C CD2   . HIS A 1 32  ? -10.23921 -22.84876 -6.83964  1.000 96.86000  ?  185 HIS B CD2   1 
ATOM   269  C CE1   . HIS A 1 32  ? -9.68144  -21.64946 -8.59092  1.000 93.57000  ?  185 HIS B CE1   1 
ATOM   270  N NE2   . HIS A 1 32  ? -10.13115 -22.83212 -8.21052  1.000 109.58000 ?  185 HIS B NE2   1 
ATOM   271  N N     . TYR A 1 33  ? -10.59410 -19.19741 -2.43603  1.000 77.11000  ?  186 TYR B N     1 
ATOM   272  C CA    . TYR A 1 33  ? -10.42746 -19.01722 -0.99784  1.000 80.99000  ?  186 TYR B CA    1 
ATOM   273  C C     . TYR A 1 33  ? -11.38652 -18.01221 -0.38407  1.000 87.39000  ?  186 TYR B C     1 
ATOM   274  O O     . TYR A 1 33  ? -11.68280 -18.12239 0.81000   1.000 93.37000  ?  186 TYR B O     1 
ATOM   275  C CB    . TYR A 1 33  ? -8.98784  -18.59138 -0.66352  1.000 77.57000  ?  186 TYR B CB    1 
ATOM   276  C CG    . TYR A 1 33  ? -7.93381  -19.40814 -1.37628  1.000 93.99000  ?  186 TYR B CG    1 
ATOM   277  C CD1   . TYR A 1 33  ? -7.42372  -20.56993 -0.80662  1.000 97.14000  ?  186 TYR B CD1   1 
ATOM   278  C CD2   . TYR A 1 33  ? -7.44614  -19.01826 -2.61822  1.000 100.17000 ?  186 TYR B CD2   1 
ATOM   279  C CE1   . TYR A 1 33  ? -6.45939  -21.32423 -1.45832  1.000 94.62000  ?  186 TYR B CE1   1 
ATOM   280  C CE2   . TYR A 1 33  ? -6.48297  -19.76671 -3.27635  1.000 105.93000 ?  186 TYR B CE2   1 
ATOM   281  C CZ    . TYR A 1 33  ? -5.99284  -20.91654 -2.69054  1.000 105.35000 ?  186 TYR B CZ    1 
ATOM   282  O OH    . TYR A 1 33  ? -5.03417  -21.66029 -3.34064  1.000 111.45000 ?  186 TYR B OH    1 
ATOM   283  N N     . ASN A 1 34  ? -11.87190 -17.03867 -1.15154  1.000 80.67000  ?  187 ASN B N     1 
ATOM   284  C CA    . ASN A 1 34  ? -12.84622 -16.09424 -0.62345  1.000 84.97000  ?  187 ASN B CA    1 
ATOM   285  C C     . ASN A 1 34  ? -14.11168 -16.83356 -0.21786  1.000 77.19000  ?  187 ASN B C     1 
ATOM   286  O O     . ASN A 1 34  ? -14.52546 -17.79670 -0.86999  1.000 83.39000  ?  187 ASN B O     1 
ATOM   287  C CB    . ASN A 1 34  ? -13.17309 -15.01806 -1.66155  1.000 66.46000  ?  187 ASN B CB    1 
ATOM   288  C CG    . ASN A 1 34  ? -13.98274 -13.86739 -1.08643  1.000 81.37000  ?  187 ASN B CG    1 
ATOM   289  O OD1   . ASN A 1 34  ? -13.94289 -13.60648 0.11570   1.000 72.43000  ?  187 ASN B OD1   1 
ATOM   290  N ND2   . ASN A 1 34  ? -14.71030 -13.15881 -1.95235  1.000 72.92000  ?  187 ASN B ND2   1 
ATOM   291  N N     . ASN A 1 35  ? -14.70660 -16.39936 0.88619   1.000 77.95000  ?  188 ASN B N     1 
ATOM   292  C CA    . ASN A 1 35  ? -15.96522 -16.98524 1.31396   1.000 88.57000  ?  188 ASN B CA    1 
ATOM   293  C C     . ASN A 1 35  ? -17.00190 -16.82672 0.21055   1.000 77.30000  ?  188 ASN B C     1 
ATOM   294  O O     . ASN A 1 35  ? -17.14690 -15.74588 -0.36849  1.000 68.13000  ?  188 ASN B O     1 
ATOM   295  C CB    . ASN A 1 35  ? -16.44703 -16.32780 2.60286   1.000 81.43000  ?  188 ASN B CB    1 
ATOM   296  C CG    . ASN A 1 35  ? -17.53839 -17.12100 3.27620   1.000 96.63000  ?  188 ASN B CG    1 
ATOM   297  O OD1   . ASN A 1 35  ? -17.56949 -18.35026 3.19110   1.000 107.05000 ?  188 ASN B OD1   1 
ATOM   298  N ND2   . ASN A 1 35  ? -18.44772 -16.42392 3.94433   1.000 83.10000  ?  188 ASN B ND2   1 
ATOM   299  N N     . LEU A 1 36  ? -17.70713 -17.92133 -0.08953  1.000 83.85000  ?  189 LEU B N     1 
ATOM   300  C CA    . LEU A 1 36  ? -18.65042 -17.93088 -1.20327  1.000 73.23000  ?  189 LEU B CA    1 
ATOM   301  C C     . LEU A 1 36  ? -19.70811 -16.84774 -1.06873  1.000 72.68000  ?  189 LEU B C     1 
ATOM   302  O O     . LEU A 1 36  ? -20.22678 -16.36351 -2.07916  1.000 79.50000  ?  189 LEU B O     1 
ATOM   303  C CB    . LEU A 1 36  ? -19.32587 -19.29666 -1.29897  1.000 72.58000  ?  189 LEU B CB    1 
ATOM   304  C CG    . LEU A 1 36  ? -18.77445 -20.24813 -2.35048  1.000 76.81000  ?  189 LEU B CG    1 
ATOM   305  C CD1   . LEU A 1 36  ? -19.74613 -21.39343 -2.54763  1.000 87.23000  ?  189 LEU B CD1   1 
ATOM   306  C CD2   . LEU A 1 36  ? -18.52242 -19.51426 -3.66020  1.000 97.38000  ?  189 LEU B CD2   1 
ATOM   307  N N     . LEU A 1 37  ? -20.03727 -16.45198 0.15960   1.000 70.87000  ?  190 LEU B N     1 
ATOM   308  C CA    . LEU A 1 37  ? -21.14887 -15.54944 0.42057   1.000 69.79000  ?  190 LEU B CA    1 
ATOM   309  C C     . LEU A 1 37  ? -20.71823 -14.10472 0.61023   1.000 75.68000  ?  190 LEU B C     1 
ATOM   310  O O     . LEU A 1 37  ? -21.53883 -13.27488 1.01202   1.000 87.27000  ?  190 LEU B O     1 
ATOM   311  C CB    . LEU A 1 37  ? -21.92169 -16.01681 1.65286   1.000 72.65000  ?  190 LEU B CB    1 
ATOM   312  C CG    . LEU A 1 37  ? -22.31858 -17.48938 1.65067   1.000 74.00000  ?  190 LEU B CG    1 
ATOM   313  C CD1   . LEU A 1 37  ? -23.08996 -17.81311 2.91629   1.000 81.00000  ?  190 LEU B CD1   1 
ATOM   314  C CD2   . LEU A 1 37  ? -23.13293 -17.82073 0.40770   1.000 69.21000  ?  190 LEU B CD2   1 
ATOM   315  N N     . ARG A 1 38  ? -19.46458 -13.77657 0.33456   1.000 77.37000  ?  191 ARG B N     1 
ATOM   316  C CA    . ARG A 1 38  ? -18.96968 -12.43368 0.58140   1.000 84.91000  ?  191 ARG B CA    1 
ATOM   317  C C     . ARG A 1 38  ? -18.74665 -11.70041 -0.73332  1.000 78.50000  ?  191 ARG B C     1 
ATOM   318  O O     . ARG A 1 38  ? -18.70115 -12.30150 -1.81035  1.000 79.73000  ?  191 ARG B O     1 
ATOM   319  C CB    . ARG A 1 38  ? -17.67662 -12.46860 1.40491   1.000 82.35000  ?  191 ARG B CB    1 
ATOM   320  C CG    . ARG A 1 38  ? -17.92270 -12.46652 2.90608   1.000 86.32000  ?  191 ARG B CG    1 
ATOM   321  C CD    . ARG A 1 38  ? -19.02627 -11.48120 3.27017   1.000 90.16000  ?  191 ARG B CD    1 
ATOM   322  N NE    . ARG A 1 38  ? -19.13328 -11.27216 4.71183   1.000 96.26000  ?  191 ARG B NE    1 
ATOM   323  C CZ    . ARG A 1 38  ? -19.73274 -10.22250 5.26722   1.000 97.15000  ?  191 ARG B CZ    1 
ATOM   324  N NH1   . ARG A 1 38  ? -20.27117 -9.28636  4.49678   1.000 95.27000  ?  191 ARG B NH1   1 
ATOM   325  N NH2   . ARG A 1 38  ? -19.78919 -10.10211 6.58761   1.000 93.48000  ?  191 ARG B NH2   1 
ATOM   326  N N     . GLY A 1 39  ? -18.63591 -10.37999 -0.62937  1.000 68.90000  ?  192 GLY B N     1 
ATOM   327  C CA    . GLY A 1 39  ? -18.32592 -9.57969  -1.79276  1.000 77.02000  ?  192 GLY B CA    1 
ATOM   328  C C     . GLY A 1 39  ? -16.91977 -9.85197  -2.29088  1.000 84.40000  ?  192 GLY B C     1 
ATOM   329  O O     . GLY A 1 39  ? -16.00883 -10.16439 -1.52301  1.000 71.47000  ?  192 GLY B O     1 
ATOM   330  N N     . ALA A 1 40  ? -16.75097 -9.74165  -3.60522  1.000 67.76000  ?  193 ALA B N     1 
ATOM   331  C CA    . ALA A 1 40  ? -15.45357 -9.99009  -4.20864  1.000 79.27000  ?  193 ALA B CA    1 
ATOM   332  C C     . ALA A 1 40  ? -14.45257 -8.91547  -3.79849  1.000 81.33000  ?  193 ALA B C     1 
ATOM   333  O O     . ALA A 1 40  ? -14.80326 -7.75411  -3.57086  1.000 75.01000  ?  193 ALA B O     1 
ATOM   334  C CB    . ALA A 1 40  ? -15.57556 -10.03924 -5.73107  1.000 67.67000  ?  193 ALA B CB    1 
ATOM   335  N N     . VAL A 1 41  ? -13.18849 -9.32066  -3.69012  1.000 79.66000  ?  194 VAL B N     1 
ATOM   336  C CA    . VAL A 1 41  ? -12.12007 -8.35712  -3.47050  1.000 66.05000  ?  194 VAL B CA    1 
ATOM   337  C C     . VAL A 1 41  ? -11.98191 -7.47170  -4.70355  1.000 72.16000  ?  194 VAL B C     1 
ATOM   338  O O     . VAL A 1 41  ? -12.04670 -7.95036  -5.84592  1.000 71.36000  ?  194 VAL B O     1 
ATOM   339  C CB    . VAL A 1 41  ? -10.80571 -9.08769  -3.15138  1.000 66.05000  ?  194 VAL B CB    1 
ATOM   340  C CG1   . VAL A 1 41  ? -9.70963  -8.09144  -2.83652  1.000 64.75000  ?  194 VAL B CG1   1 
ATOM   341  C CG2   . VAL A 1 41  ? -11.00704 -10.05157 -1.99260  1.000 64.25000  ?  194 VAL B CG2   1 
ATOM   342  N N     . SER A 1 42  ? -11.81253 -6.16802  -4.47920  1.000 66.15000  ?  195 SER B N     1 
ATOM   343  C CA    . SER A 1 42  ? -11.59550 -5.24204  -5.58310  1.000 72.96000  ?  195 SER B CA    1 
ATOM   344  C C     . SER A 1 42  ? -10.25636 -5.52217  -6.25904  1.000 60.20000  ?  195 SER B C     1 
ATOM   345  O O     . SER A 1 42  ? -9.35931  -6.14503  -5.68529  1.000 64.42000  ?  195 SER B O     1 
ATOM   346  C CB    . SER A 1 42  ? -11.63690 -3.79707  -5.09692  1.000 61.44000  ?  195 SER B CB    1 
ATOM   347  O OG    . SER A 1 42  ? -12.57733 -3.64581  -4.04602  1.000 85.48000  ?  195 SER B OG    1 
ATOM   348  N N     . GLN A 1 43  ? -10.12486 -5.02997  -7.49286  1.000 70.11000  ?  196 GLN B N     1 
ATOM   349  C CA    . GLN A 1 43  ? -9.05786  -5.44793  -8.39425  1.000 79.03000  ?  196 GLN B CA    1 
ATOM   350  C C     . GLN A 1 43  ? -7.75349  -4.67034  -8.23540  1.000 68.34000  ?  196 GLN B C     1 
ATOM   351  O O     . GLN A 1 43  ? -6.75646  -5.03853  -8.86543  1.000 82.39000  ?  196 GLN B O     1 
ATOM   352  C CB    . GLN A 1 43  ? -9.53418  -5.33411  -9.84590  1.000 78.75000  ?  196 GLN B CB    1 
ATOM   353  C CG    . GLN A 1 43  ? -10.56838 -6.37583  -10.23060 1.000 83.36000  ?  196 GLN B CG    1 
ATOM   354  C CD    . GLN A 1 43  ? -10.07583 -7.79322  -10.00330 1.000 96.90000  ?  196 GLN B CD    1 
ATOM   355  O OE1   . GLN A 1 43  ? -8.99827  -8.17164  -10.46646 1.000 86.26000  ?  196 GLN B OE1   1 
ATOM   356  N NE2   . GLN A 1 43  ? -10.86304 -8.58548  -9.27944  1.000 98.39000  ?  196 GLN B NE2   1 
ATOM   357  N N     . ARG A 1 44  ? -7.71573  -3.62633  -7.41657  1.000 68.74000  ?  197 ARG B N     1 
ATOM   358  C CA    . ARG A 1 44  ? -6.54123  -2.77085  -7.33865  1.000 67.35000  ?  197 ARG B CA    1 
ATOM   359  C C     . ARG A 1 44  ? -5.86452  -2.87669  -5.97582  1.000 69.55000  ?  197 ARG B C     1 
ATOM   360  O O     . ARG A 1 44  ? -6.50860  -3.14240  -4.95586  1.000 63.10000  ?  197 ARG B O     1 
ATOM   361  C CB    . ARG A 1 44  ? -6.91765  -1.31556  -7.62229  1.000 62.99000  ?  197 ARG B CB    1 
ATOM   362  C CG    . ARG A 1 44  ? -7.68155  -1.12935  -8.92889  1.000 67.07000  ?  197 ARG B CG    1 
ATOM   363  C CD    . ARG A 1 44  ? -8.36834  0.22518   -8.97432  1.000 83.95000  ?  197 ARG B CD    1 
ATOM   364  N NE    . ARG A 1 44  ? -7.51845  1.23482   -9.59064  1.000 84.17000  ?  197 ARG B NE    1 
ATOM   365  C CZ    . ARG A 1 44  ? -7.55877  1.56276   -10.87676 1.000 91.71000  ?  197 ARG B CZ    1 
ATOM   366  N NH1   . ARG A 1 44  ? -8.42384  0.96598   -11.68702 1.000 90.11000  ?  197 ARG B NH1   1 
ATOM   367  N NH2   . ARG A 1 44  ? -6.73856  2.49371   -11.34800 1.000 98.82000  ?  197 ARG B NH2   1 
ATOM   368  N N     . LEU A 1 45  ? -4.54651  -2.67402  -5.97618  1.000 59.57000  ?  198 LEU B N     1 
ATOM   369  C CA    . LEU A 1 45  ? -3.77226  -2.53050  -4.75011  1.000 61.86000  ?  198 LEU B CA    1 
ATOM   370  C C     . LEU A 1 45  ? -3.85784  -1.07428  -4.30890  1.000 55.85000  ?  198 LEU B C     1 
ATOM   371  O O     . LEU A 1 45  ? -3.44296  -0.17259  -5.04621  1.000 61.84000  ?  198 LEU B O     1 
ATOM   372  C CB    . LEU A 1 45  ? -2.31557  -2.94452  -4.96783  1.000 57.22000  ?  198 LEU B CB    1 
ATOM   373  C CG    . LEU A 1 45  ? -1.32567  -2.56050  -3.86011  1.000 62.27000  ?  198 LEU B CG    1 
ATOM   374  C CD1   . LEU A 1 45  ? -1.50682  -3.45026  -2.63686  1.000 53.39000  ?  198 LEU B CD1   1 
ATOM   375  C CD2   . LEU A 1 45  ? 0.12273   -2.58336  -4.33928  1.000 54.56000  ?  198 LEU B CD2   1 
ATOM   376  N N     . TYR A 1 46  ? -4.41543  -0.84330  -3.12556  1.000 48.43000  ?  199 TYR B N     1 
ATOM   377  C CA    . TYR A 1 46  ? -4.55846  0.49800   -2.57539  1.000 51.00000  ?  199 TYR B CA    1 
ATOM   378  C C     . TYR A 1 46  ? -3.39531  0.75878   -1.62213  1.000 56.45000  ?  199 TYR B C     1 
ATOM   379  O O     . TYR A 1 46  ? -3.16555  -0.01569  -0.68890  1.000 49.54000  ?  199 TYR B O     1 
ATOM   380  C CB    . TYR A 1 46  ? -5.92022  0.64797   -1.88425  1.000 52.12000  ?  199 TYR B CB    1 
ATOM   381  C CG    . TYR A 1 46  ? -7.06473  0.58520   -2.87683  1.000 56.19000  ?  199 TYR B CG    1 
ATOM   382  C CD1   . TYR A 1 46  ? -7.58767  -0.63898  -3.29382  1.000 57.72000  ?  199 TYR B CD1   1 
ATOM   383  C CD2   . TYR A 1 46  ? -7.59805  1.74513   -3.42336  1.000 67.07000  ?  199 TYR B CD2   1 
ATOM   384  C CE1   . TYR A 1 46  ? -8.61239  -0.70459  -4.21804  1.000 63.86000  ?  199 TYR B CE1   1 
ATOM   385  C CE2   . TYR A 1 46  ? -8.63047  1.69343   -4.34473  1.000 58.32000  ?  199 TYR B CE2   1 
ATOM   386  C CZ    . TYR A 1 46  ? -9.13224  0.46838   -4.74236  1.000 75.13000  ?  199 TYR B CZ    1 
ATOM   387  O OH    . TYR A 1 46  ? -10.15502 0.42083   -5.66634  1.000 78.99000  ?  199 TYR B OH    1 
ATOM   388  N N     . ILE A 1 47  ? -2.64966  1.83193   -1.87401  1.000 55.63000  ?  200 ILE B N     1 
ATOM   389  C CA    . ILE A 1 47  ? -1.42465  2.14368   -1.14466  1.000 47.58000  ?  200 ILE B CA    1 
ATOM   390  C C     . ILE A 1 47  ? -1.64858  3.42613   -0.35725  1.000 54.79000  ?  200 ILE B C     1 
ATOM   391  O O     . ILE A 1 47  ? -1.93372  4.47911   -0.94238  1.000 45.90000  ?  200 ILE B O     1 
ATOM   392  C CB    . ILE A 1 47  ? -0.22542  2.29631   -2.09372  1.000 56.01000  ?  200 ILE B CB    1 
ATOM   393  C CG1   . ILE A 1 47  ? 0.03057   0.99865   -2.86542  1.000 51.01000  ?  200 ILE B CG1   1 
ATOM   394  C CG2   . ILE A 1 47  ? 1.00758   2.75167   -1.32260  1.000 50.42000  ?  200 ILE B CG2   1 
ATOM   395  C CD1   . ILE A 1 47  ? 1.01607   1.16807   -3.99979  1.000 50.87000  ?  200 ILE B CD1   1 
ATOM   396  N N     . LEU A 1 48  ? -1.49949  3.34715   0.96258   1.000 49.79000  ?  201 LEU B N     1 
ATOM   397  C CA    . LEU A 1 48  ? -1.69999  4.50112   1.82893   1.000 45.46000  ?  201 LEU B CA    1 
ATOM   398  C C     . LEU A 1 48  ? -0.41161  5.30364   1.94492   1.000 41.23000  ?  201 LEU B C     1 
ATOM   399  O O     . LEU A 1 48  ? 0.65193   4.74968   2.23006   1.000 40.26000  ?  201 LEU B O     1 
ATOM   400  C CB    . LEU A 1 48  ? -2.16941  4.06111   3.21348   1.000 52.32000  ?  201 LEU B CB    1 
ATOM   401  C CG    . LEU A 1 48  ? -3.46411  3.26290   3.17108   1.000 55.10000  ?  201 LEU B CG    1 
ATOM   402  C CD1   . LEU A 1 48  ? -3.68330  2.56920   4.49781   1.000 48.83000  ?  201 LEU B CD1   1 
ATOM   403  C CD2   . LEU A 1 48  ? -4.62870  4.17171   2.82159   1.000 51.93000  ?  201 LEU B CD2   1 
ATOM   404  N N     . LEU A 1 49  ? -0.52622  6.61729   1.76587   1.000 53.54000  ?  202 LEU B N     1 
ATOM   405  C CA    . LEU A 1 49  ? 0.60852   7.53563   1.76727   1.000 43.49000  ?  202 LEU B CA    1 
ATOM   406  C C     . LEU A 1 49  ? 0.37246   8.64220   2.78909   1.000 46.47000  ?  202 LEU B C     1 
ATOM   407  O O     . LEU A 1 49  ? 0.04072   9.78084   2.42330   1.000 46.08000  ?  202 LEU B O     1 
ATOM   408  C CB    . LEU A 1 49  ? 0.82553   8.12122   0.37283   1.000 46.49000  ?  202 LEU B CB    1 
ATOM   409  C CG    . LEU A 1 49  ? 1.16234   7.09160   -0.71538  1.000 53.27000  ?  202 LEU B CG    1 
ATOM   410  C CD1   . LEU A 1 49  ? 0.66750   7.55912   -2.05925  1.000 54.08000  ?  202 LEU B CD1   1 
ATOM   411  C CD2   . LEU A 1 49  ? 2.63352   6.86849   -0.75291  1.000 44.31000  ?  202 LEU B CD2   1 
ATOM   412  N N     . PRO A 1 50  ? 0.54204   8.35037   4.08219   1.000 45.59000  ?  203 PRO B N     1 
ATOM   413  C CA    . PRO A 1 50  ? 0.45499   9.41678   5.09448   1.000 46.06000  ?  203 PRO B CA    1 
ATOM   414  C C     . PRO A 1 50  ? 1.67869   10.31429  5.00321   1.000 56.54000  ?  203 PRO B C     1 
ATOM   415  O O     . PRO A 1 50  ? 2.81181   9.85061   5.14935   1.000 53.94000  ?  203 PRO B O     1 
ATOM   416  C CB    . PRO A 1 50  ? 0.41405   8.65113   6.42167   1.000 54.17000  ?  203 PRO B CB    1 
ATOM   417  C CG    . PRO A 1 50  ? 1.16223   7.37643   6.13245   1.000 56.96000  ?  203 PRO B CG    1 
ATOM   418  C CD    . PRO A 1 50  ? 0.85474   7.03823   4.68470   1.000 44.71000  ?  203 PRO B CD    1 
ATOM   419  N N     . LEU A 1 51  ? 1.45167   11.60354  4.74663   1.000 50.20000  ?  204 LEU B N     1 
ATOM   420  C CA    . LEU A 1 51  ? 2.58603   12.49499  4.53167   1.000 52.25000  ?  204 LEU B CA    1 
ATOM   421  C C     . LEU A 1 51  ? 3.30823   12.83311  5.82929   1.000 56.54000  ?  204 LEU B C     1 
ATOM   422  O O     . LEU A 1 51  ? 4.44455   13.31633  5.78300   1.000 55.62000  ?  204 LEU B O     1 
ATOM   423  C CB    . LEU A 1 51  ? 2.13808   13.77738  3.82536   1.000 53.24000  ?  204 LEU B CB    1 
ATOM   424  C CG    . LEU A 1 51  ? 1.65976   13.64305  2.37638   1.000 65.50000  ?  204 LEU B CG    1 
ATOM   425  C CD1   . LEU A 1 51  ? 0.89829   14.88633  1.97054   1.000 71.24000  ?  204 LEU B CD1   1 
ATOM   426  C CD2   . LEU A 1 51  ? 2.82399   13.39841  1.42233   1.000 50.88000  ?  204 LEU B CD2   1 
ATOM   427  N N     . ASP A 1 52  ? 2.68538   12.60391  6.98235   1.000 55.06000  ?  205 ASP B N     1 
ATOM   428  C CA    . ASP A 1 52  ? 3.43320   12.72067  8.22764   1.000 64.06000  ?  205 ASP B CA    1 
ATOM   429  C C     . ASP A 1 52  ? 4.25700   11.47414  8.51556   1.000 70.58000  ?  205 ASP B C     1 
ATOM   430  O O     . ASP A 1 52  ? 4.88556   11.39262  9.57649   1.000 57.80000  ?  205 ASP B O     1 
ATOM   431  C CB    . ASP A 1 52  ? 2.49108   13.02877  9.39797   1.000 62.98000  ?  205 ASP B CB    1 
ATOM   432  C CG    . ASP A 1 52  ? 1.60414   11.85473  9.77941   1.000 72.66000  ?  205 ASP B CG    1 
ATOM   433  O OD1   . ASP A 1 52  ? 1.49853   10.87818  9.01108   1.000 68.83000  ?  205 ASP B OD1   1 
ATOM   434  O OD2   . ASP A 1 52  ? 0.99173   11.92240  10.86524  1.000 101.00000 ?  205 ASP B OD2   1 
ATOM   435  N N     . CYS A 1 53  ? 4.25414   10.50351  7.59703   1.000 49.46000  ?  206 CYS B N     1 
ATOM   436  C CA    . CYS A 1 53  ? 5.08113   9.30549   7.68713   1.000 51.62000  ?  206 CYS B CA    1 
ATOM   437  C C     . CYS A 1 53  ? 4.80115   8.50041   8.95196   1.000 60.64000  ?  206 CYS B C     1 
ATOM   438  O O     . CYS A 1 53  ? 5.64819   7.72385   9.40375   1.000 55.93000  ?  206 CYS B O     1 
ATOM   439  C CB    . CYS A 1 53  ? 6.56633   9.66438   7.60141   1.000 47.15000  ?  206 CYS B CB    1 
ATOM   440  S SG    . CYS A 1 53  ? 6.99513   10.51325  6.07226   1.000 52.34000  ?  206 CYS B SG    1 
ATOM   441  N N     . GLY A 1 54  ? 3.62804   8.67666   9.54271   1.000 57.04000  ?  207 GLY B N     1 
ATOM   442  C CA    . GLY A 1 54  ? 3.20909   7.81436   10.62560  1.000 63.56000  ?  207 GLY B CA    1 
ATOM   443  C C     . GLY A 1 54  ? 2.66915   6.52609   10.04684  1.000 62.46000  ?  207 GLY B C     1 
ATOM   444  O O     . GLY A 1 54  ? 1.52923   6.48349   9.58148   1.000 60.99000  ?  207 GLY B O     1 
ATOM   445  N N     . VAL A 1 55  ? 3.47742   5.47612   10.04983  1.000 56.53000  ?  208 VAL B N     1 
ATOM   446  C CA    . VAL A 1 55  ? 3.11862   4.19839   9.45779   1.000 60.85000  ?  208 VAL B CA    1 
ATOM   447  C C     . VAL A 1 55  ? 3.11651   3.14846   10.55941  1.000 62.84000  ?  208 VAL B C     1 
ATOM   448  O O     . VAL A 1 55  ? 4.15597   2.58918   10.89809  1.000 60.58000  ?  208 VAL B O     1 
ATOM   449  C CB    . VAL A 1 55  ? 4.09016   3.80501   8.32957   1.000 53.40000  ?  208 VAL B CB    1 
ATOM   450  C CG1   . VAL A 1 55  ? 3.73687   2.42703   7.79126   1.000 54.45000  ?  208 VAL B CG1   1 
ATOM   451  C CG2   . VAL A 1 55  ? 4.06061   4.84018   7.22390   1.000 59.62000  ?  208 VAL B CG2   1 
ATOM   452  N N     . PRO A 1 56  ? 1.95696   2.85894   11.14130  1.000 67.69000  ?  209 PRO B N     1 
ATOM   453  C CA    . PRO A 1 56  ? 1.89215   1.78802   12.13569  1.000 50.50000  ?  209 PRO B CA    1 
ATOM   454  C C     . PRO A 1 56  ? 2.02741   0.43205   11.46863  1.000 62.99000  ?  209 PRO B C     1 
ATOM   455  O O     . PRO A 1 56  ? 1.78933   0.26668   10.26839  1.000 65.47000  ?  209 PRO B O     1 
ATOM   456  C CB    . PRO A 1 56  ? 0.50481   1.96654   12.75930  1.000 63.13000  ?  209 PRO B CB    1 
ATOM   457  C CG    . PRO A 1 56  ? -0.30346  2.58078   11.68064  1.000 64.99000  ?  209 PRO B CG    1 
ATOM   458  C CD    . PRO A 1 56  ? 0.63777   3.46858   10.89950  1.000 68.51000  ?  209 PRO B CD    1 
ATOM   459  N N     . ASP A 1 57  ? 2.42691   -0.55499  12.26978  1.000 53.33000  ?  210 ASP B N     1 
ATOM   460  C CA    . ASP A 1 57  ? 2.60590   -1.88685  11.70655  1.000 60.65000  ?  210 ASP B CA    1 
ATOM   461  C C     . ASP A 1 57  ? 1.28272   -2.62688  11.57778  1.000 73.17000  ?  210 ASP B C     1 
ATOM   462  O O     . ASP A 1 57  ? 1.11878   -3.44047  10.66137  1.000 72.64000  ?  210 ASP B O     1 
ATOM   463  C CB    . ASP A 1 57  ? 3.60887   -2.67744  12.54580  1.000 77.39000  ?  210 ASP B CB    1 
ATOM   464  C CG    . ASP A 1 57  ? 5.04522   -2.26345  12.26512  1.000 86.04000  ?  210 ASP B CG    1 
ATOM   465  O OD1   . ASP A 1 57  ? 5.31633   -1.81683  11.12296  1.000 80.36000  ?  210 ASP B OD1   1 
ATOM   466  O OD2   . ASP A 1 57  ? 5.89668   -2.38008  13.17673  1.000 73.40000  ?  210 ASP B OD2   1 
ATOM   467  N N     . ASN A 1 58  ? 0.32581   -2.33317  12.45274  1.000 75.14000  ?  211 ASN B N     1 
ATOM   468  C CA    . ASN A 1 58  ? -1.01849  -2.89008  12.38889  1.000 66.27000  ?  211 ASN B CA    1 
ATOM   469  C C     . ASN A 1 58  ? -1.96513  -1.81065  11.88205  1.000 77.24000  ?  211 ASN B C     1 
ATOM   470  O O     . ASN A 1 58  ? -2.11723  -0.75944  12.51954  1.000 66.18000  ?  211 ASN B O     1 
ATOM   471  C CB    . ASN A 1 58  ? -1.46393  -3.39734  13.76127  1.000 79.29000  ?  211 ASN B CB    1 
ATOM   472  C CG    . ASN A 1 58  ? -2.73309  -4.22219  13.69689  1.000 95.02000  ?  211 ASN B CG    1 
ATOM   473  O OD1   . ASN A 1 58  ? -3.44937  -4.21518  12.69307  1.000 106.82000 ?  211 ASN B OD1   1 
ATOM   474  N ND2   . ASN A 1 58  ? -3.02227  -4.93832  14.77821  1.000 95.36000  ?  211 ASN B ND2   1 
ATOM   475  N N     . LEU A 1 59  ? -2.60772  -2.08140  10.74361  1.000 75.17000  ?  212 LEU B N     1 
ATOM   476  C CA    . LEU A 1 59  ? -3.52089  -1.11399  10.14968  1.000 71.36000  ?  212 LEU B CA    1 
ATOM   477  C C     . LEU A 1 59  ? -4.73928  -0.86738  11.02970  1.000 76.38000  ?  212 LEU B C     1 
ATOM   478  O O     . LEU A 1 59  ? -5.30348  0.23186   11.01135  1.000 75.49000  ?  212 LEU B O     1 
ATOM   479  C CB    . LEU A 1 59  ? -3.95700  -1.60383  8.77231   1.000 64.84000  ?  212 LEU B CB    1 
ATOM   480  C CG    . LEU A 1 59  ? -3.60755  -0.71008  7.59103   1.000 70.41000  ?  212 LEU B CG    1 
ATOM   481  C CD1   . LEU A 1 59  ? -4.20493  -1.29268  6.32948   1.000 70.93000  ?  212 LEU B CD1   1 
ATOM   482  C CD2   . LEU A 1 59  ? -4.13224  0.69295   7.82752   1.000 87.89000  ?  212 LEU B CD2   1 
ATOM   483  N N     . SER A 1 60  ? -5.17245  -1.87274  11.79094  1.000 70.22000  ?  213 SER B N     1 
ATOM   484  C CA    . SER A 1 60  ? -6.31187  -1.69225  12.68404  1.000 85.81000  ?  213 SER B CA    1 
ATOM   485  C C     . SER A 1 60  ? -6.01872  -0.72866  13.82535  1.000 82.71000  ?  213 SER B C     1 
ATOM   486  O O     . SER A 1 60  ? -6.96065  -0.26484  14.47648  1.000 87.01000  ?  213 SER B O     1 
ATOM   487  C CB    . SER A 1 60  ? -6.76335  -3.04479  13.23544  1.000 71.86000  ?  213 SER B CB    1 
ATOM   488  O OG    . SER A 1 60  ? -6.64473  -4.05100  12.23781  1.000 86.71000  ?  213 SER B OG    1 
ATOM   489  N N     . MET A 1 61  ? -4.74893  -0.40425  14.07124  1.000 79.30000  ?  214 MET B N     1 
ATOM   490  C CA    . MET A 1 61  ? -4.41235  0.60855   15.06106  1.000 82.99000  ?  214 MET B CA    1 
ATOM   491  C C     . MET A 1 61  ? -4.59792  2.02810   14.53393  1.000 84.08000  ?  214 MET B C     1 
ATOM   492  O O     . MET A 1 61  ? -4.74795  2.95585   15.33348  1.000 87.63000  ?  214 MET B O     1 
ATOM   493  C CB    . MET A 1 61  ? -2.96988  0.41569   15.54534  1.000 91.28000  ?  214 MET B CB    1 
ATOM   494  C CG    . MET A 1 61  ? -2.81470  0.37761   17.06436  1.000 99.39000  ?  214 MET B CG    1 
ATOM   495  S SD    . MET A 1 61  ? -3.78759  -0.91827  17.86551  1.000 117.32000 ?  214 MET B SD    1 
ATOM   496  C CE    . MET A 1 61  ? -2.57086  -2.22674  18.01804  1.000 82.63000  ?  214 MET B CE    1 
ATOM   497  N N     . ALA A 1 62  ? -4.59231  2.22166   13.21413  1.000 82.59000  ?  215 ALA B N     1 
ATOM   498  C CA    . ALA A 1 62  ? -4.87698  3.52965   12.63502  1.000 72.61000  ?  215 ALA B CA    1 
ATOM   499  C C     . ALA A 1 62  ? -6.36745  3.79627   12.47297  1.000 85.56000  ?  215 ALA B C     1 
ATOM   500  O O     . ALA A 1 62  ? -6.76354  4.95773   12.32316  1.000 85.71000  ?  215 ALA B O     1 
ATOM   501  C CB    . ALA A 1 62  ? -4.19001  3.66907   11.27438  1.000 76.88000  ?  215 ALA B CB    1 
ATOM   502  N N     . ASP A 1 63  ? -7.19652  2.75094   12.49057  1.000 82.28000  ?  216 ASP B N     1 
ATOM   503  C CA    . ASP A 1 63  ? -8.64755  2.87083   12.42837  1.000 86.20000  ?  216 ASP B CA    1 
ATOM   504  C C     . ASP A 1 63  ? -9.25812  1.52897   12.81616  1.000 91.15000  ?  216 ASP B C     1 
ATOM   505  O O     . ASP A 1 63  ? -8.89363  0.49267   12.24339  1.000 83.96000  ?  216 ASP B O     1 
ATOM   506  C CB    . ASP A 1 63  ? -9.10764  3.30391   11.03281  1.000 80.63000  ?  216 ASP B CB    1 
ATOM   507  C CG    . ASP A 1 63  ? -10.51728 3.89015   11.02942  1.000 93.96000  ?  216 ASP B CG    1 
ATOM   508  O OD1   . ASP A 1 63  ? -11.42505 3.28805   11.64417  1.000 89.87000  ?  216 ASP B OD1   1 
ATOM   509  O OD2   . ASP A 1 63  ? -10.72010 4.95750   10.40723  1.000 90.04000  ?  216 ASP B OD2   1 
ATOM   510  N N     . PRO A 1 64  ? -10.17217 1.50186   13.79311  1.000 89.41000  ?  217 PRO B N     1 
ATOM   511  C CA    . PRO A 1 64  ? -10.80000 0.22691   14.17291  1.000 88.11000  ?  217 PRO B CA    1 
ATOM   512  C C     . PRO A 1 64  ? -11.75120 -0.30568  13.12139  1.000 73.63000  ?  217 PRO B C     1 
ATOM   513  O O     . PRO A 1 64  ? -12.03162 -1.51156  13.11452  1.000 70.75000  ?  217 PRO B O     1 
ATOM   514  C CB    . PRO A 1 64  ? -11.54946 0.57089   15.46925  1.000 92.41000  ?  217 PRO B CB    1 
ATOM   515  C CG    . PRO A 1 64  ? -11.03022 1.91728   15.89027  1.000 94.43000  ?  217 PRO B CG    1 
ATOM   516  C CD    . PRO A 1 64  ? -10.63962 2.61287   14.63474  1.000 82.34000  ?  217 PRO B CD    1 
ATOM   517  N N     . ASN A 1 65  ? -12.26519 0.55338   12.24161  1.000 65.61000  ?  218 ASN B N     1 
ATOM   518  C CA    . ASN A 1 65  ? -13.12602 0.09405   11.15996  1.000 79.86000  ?  218 ASN B CA    1 
ATOM   519  C C     . ASN A 1 65  ? -12.36583 -0.66280  10.07765  1.000 91.50000  ?  218 ASN B C     1 
ATOM   520  O O     . ASN A 1 65  ? -13.00262 -1.20991  9.17050   1.000 87.97000  ?  218 ASN B O     1 
ATOM   521  C CB    . ASN A 1 65  ? -13.86159 1.28049   10.53394  1.000 89.36000  ?  218 ASN B CB    1 
ATOM   522  C CG    . ASN A 1 65  ? -14.94054 1.84328   11.44028  1.000 87.98000  ?  218 ASN B CG    1 
ATOM   523  O OD1   . ASN A 1 65  ? -15.02055 1.49297   12.61436  1.000 65.01000  ?  218 ASN B OD1   1 
ATOM   524  N ND2   . ASN A 1 65  ? -15.77499 2.72320   10.89581  1.000 88.99000  ?  218 ASN B ND2   1 
ATOM   525  N N     . ILE A 1 66  ? -11.03735 -0.69784  10.13651  1.000 87.15000  ?  219 ILE B N     1 
ATOM   526  C CA    . ILE A 1 66  ? -10.22148 -1.43490  9.17885   1.000 73.40000  ?  219 ILE B CA    1 
ATOM   527  C C     . ILE A 1 66  ? -9.75740  -2.71067  9.86483   1.000 66.69000  ?  219 ILE B C     1 
ATOM   528  O O     . ILE A 1 66  ? -8.94430  -2.66633  10.79334  1.000 83.13000  ?  219 ILE B O     1 
ATOM   529  C CB    . ILE A 1 66  ? -9.03567  -0.60008  8.67901   1.000 74.66000  ?  219 ILE B CB    1 
ATOM   530  C CG1   . ILE A 1 66  ? -9.53395  0.60221   7.86853   1.000 62.60000  ?  219 ILE B CG1   1 
ATOM   531  C CG2   . ILE A 1 66  ? -8.10031  -1.46028  7.84144   1.000 70.77000  ?  219 ILE B CG2   1 
ATOM   532  C CD1   . ILE A 1 66  ? -8.53173  1.72496   7.77266   1.000 69.42000  ?  219 ILE B CD1   1 
ATOM   533  N N     . ARG A 1 67  ? -10.26487 -3.85099  9.40763   1.000 72.50000  ?  220 ARG B N     1 
ATOM   534  C CA    . ARG A 1 67  ? -10.02245 -5.13212  10.05619  1.000 77.71000  ?  220 ARG B CA    1 
ATOM   535  C C     . ARG A 1 67  ? -9.43922  -6.12019  9.05678   1.000 75.03000  ?  220 ARG B C     1 
ATOM   536  O O     . ARG A 1 67  ? -9.94396  -6.25109  7.93583   1.000 72.95000  ?  220 ARG B O     1 
ATOM   537  C CB    . ARG A 1 67  ? -11.31196 -5.69544  10.66638  1.000 89.46000  ?  220 ARG B CB    1 
ATOM   538  C CG    . ARG A 1 67  ? -12.00988 -4.75800  11.65123  1.000 94.52000  ?  220 ARG B CG    1 
ATOM   539  C CD    . ARG A 1 67  ? -12.94261 -5.52059  12.59284  1.000 106.39000 ?  220 ARG B CD    1 
ATOM   540  N NE    . ARG A 1 67  ? -13.74004 -6.53262  11.89881  1.000 125.98000 ?  220 ARG B NE    1 
ATOM   541  C CZ    . ARG A 1 67  ? -15.02614 -6.77401  12.14422  1.000 123.00000 ?  220 ARG B CZ    1 
ATOM   542  N NH1   . ARG A 1 67  ? -15.66870 -6.07058  13.06723  1.000 106.96000 ?  220 ARG B NH1   1 
ATOM   543  N NH2   . ARG A 1 67  ? -15.67115 -7.71562  11.46282  1.000 110.78000 ?  220 ARG B NH2   1 
ATOM   544  N N     . PHE A 1 68  ? -8.38521  -6.81617  9.47485   1.000 74.82000  ?  221 PHE B N     1 
ATOM   545  C CA    . PHE A 1 68  ? -7.78060  -7.84924  8.64469   1.000 72.21000  ?  221 PHE B CA    1 
ATOM   546  C C     . PHE A 1 68  ? -8.76008  -8.99736  8.42228   1.000 73.88000  ?  221 PHE B C     1 
ATOM   547  O O     . PHE A 1 68  ? -9.53107  -9.35689  9.31375   1.000 79.37000  ?  221 PHE B O     1 
ATOM   548  C CB    . PHE A 1 68  ? -6.49992  -8.36370  9.30782   1.000 62.29000  ?  221 PHE B CB    1 
ATOM   549  C CG    . PHE A 1 68  ? -5.84819  -9.50363  8.57731   1.000 68.31000  ?  221 PHE B CG    1 
ATOM   550  C CD1   . PHE A 1 68  ? -5.01691  -9.26376  7.49793   1.000 61.42000  ?  221 PHE B CD1   1 
ATOM   551  C CD2   . PHE A 1 68  ? -6.05195  -10.81377 8.98288   1.000 70.00000  ?  221 PHE B CD2   1 
ATOM   552  C CE1   . PHE A 1 68  ? -4.40679  -10.31373 6.82114   1.000 74.67000  ?  221 PHE B CE1   1 
ATOM   553  C CE2   . PHE A 1 68  ? -5.44651  -11.86409 8.31624   1.000 72.47000  ?  221 PHE B CE2   1 
ATOM   554  C CZ    . PHE A 1 68  ? -4.62304  -11.61290 7.23208   1.000 71.38000  ?  221 PHE B CZ    1 
ATOM   555  N N     . LEU A 1 69  ? -8.73463  -9.56667  7.21783   1.000 68.41000  ?  222 LEU B N     1 
ATOM   556  C CA    . LEU A 1 69  ? -9.53718  -10.73580 6.87724   1.000 61.03000  ?  222 LEU B CA    1 
ATOM   557  C C     . LEU A 1 69  ? -8.69892  -11.92565 6.44990   1.000 77.16000  ?  222 LEU B C     1 
ATOM   558  O O     . LEU A 1 69  ? -8.83040  -13.00887 7.03091   1.000 83.08000  ?  222 LEU B O     1 
ATOM   559  C CB    . LEU A 1 69  ? -10.53144 -10.40577 5.75341   1.000 75.07000  ?  222 LEU B CB    1 
ATOM   560  C CG    . LEU A 1 69  ? -11.58171 -9.34890  6.06493   1.000 93.51000  ?  222 LEU B CG    1 
ATOM   561  C CD1   . LEU A 1 69  ? -12.61061 -9.33132  4.95045   1.000 86.17000  ?  222 LEU B CD1   1 
ATOM   562  C CD2   . LEU A 1 69  ? -12.21948 -9.63919  7.41609   1.000 87.81000  ?  222 LEU B CD2   1 
ATOM   563  N N     . ASP A 1 70  ? -7.84429  -11.75737 5.44527   1.000 74.07000  ?  223 ASP B N     1 
ATOM   564  C CA    . ASP A 1 70  ? -7.14174  -12.87870 4.83950   1.000 69.77000  ?  223 ASP B CA    1 
ATOM   565  C C     . ASP A 1 70  ? -5.92445  -12.34651 4.09528   1.000 77.42000  ?  223 ASP B C     1 
ATOM   566  O O     . ASP A 1 70  ? -5.76166  -11.13667 3.90666   1.000 64.93000  ?  223 ASP B O     1 
ATOM   567  C CB    . ASP A 1 70  ? -8.07422  -13.65658 3.90443   1.000 67.64000  ?  223 ASP B CB    1 
ATOM   568  C CG    . ASP A 1 70  ? -7.95614  -15.15999 4.06854   1.000 80.30000  ?  223 ASP B CG    1 
ATOM   569  O OD1   . ASP A 1 70  ? -6.86069  -15.63868 4.43265   1.000 87.03000  ?  223 ASP B OD1   1 
ATOM   570  O OD2   . ASP A 1 70  ? -8.96097  -15.86576 3.82893   1.000 89.54000  ?  223 ASP B OD2   1 
ATOM   571  N N     . LYS A 1 71  ? -5.06455  -13.27078 3.67855   1.000 71.95000  ?  224 LYS B N     1 
ATOM   572  C CA    . LYS A 1 71  ? -3.92592  -12.95944 2.83005   1.000 74.11000  ?  224 LYS B CA    1 
ATOM   573  C C     . LYS A 1 71  ? -4.18146  -13.47062 1.41765   1.000 73.34000  ?  224 LYS B C     1 
ATOM   574  O O     . LYS A 1 71  ? -4.81292  -14.51353 1.21954   1.000 67.41000  ?  224 LYS B O     1 
ATOM   575  C CB    . LYS A 1 71  ? -2.63219  -13.58361 3.36799   1.000 58.32000  ?  224 LYS B CB    1 
ATOM   576  C CG    . LYS A 1 71  ? -2.31899  -13.29583 4.83100   1.000 80.62000  ?  224 LYS B CG    1 
ATOM   577  C CD    . LYS A 1 71  ? -1.12747  -14.13335 5.29497   1.000 77.05000  ?  224 LYS B CD    1 
ATOM   578  C CE    . LYS A 1 71  ? -0.97756  -14.11708 6.80813   1.000 73.78000  ?  224 LYS B CE    1 
ATOM   579  N NZ    . LYS A 1 71  ? -0.01521  -15.15436 7.26642   1.000 78.31000  ?  224 LYS B NZ    1 
ATOM   580  N N     . LEU A 1 72  ? -3.68797  -12.72888 0.43120   1.000 62.21000  ?  225 LEU B N     1 
ATOM   581  C CA    . LEU A 1 72  ? -3.68645  -13.23330 -0.92645  1.000 61.07000  ?  225 LEU B CA    1 
ATOM   582  C C     . LEU A 1 72  ? -2.79090  -14.46779 -1.01746  1.000 58.32000  ?  225 LEU B C     1 
ATOM   583  O O     . LEU A 1 72  ? -2.01377  -14.74901 -0.10343  1.000 62.89000  ?  225 LEU B O     1 
ATOM   584  C CB    . LEU A 1 72  ? -3.19334  -12.16167 -1.88940  1.000 62.44000  ?  225 LEU B CB    1 
ATOM   585  C CG    . LEU A 1 72  ? -4.18533  -11.10817 -2.35330  1.000 62.03000  ?  225 LEU B CG    1 
ATOM   586  C CD1   . LEU A 1 72  ? -3.50593  -10.24083 -3.38811  1.000 54.75000  ?  225 LEU B CD1   1 
ATOM   587  C CD2   . LEU A 1 72  ? -5.43250  -11.75798 -2.92598  1.000 65.07000  ?  225 LEU B CD2   1 
ATOM   588  N N     . PRO A 1 73  ? -2.89242  -15.23606 -2.10227  1.000 59.26000  ?  226 PRO B N     1 
ATOM   589  C CA    . PRO A 1 73  ? -1.85567  -16.23558 -2.37861  1.000 72.85000  ?  226 PRO B CA    1 
ATOM   590  C C     . PRO A 1 73  ? -0.49014  -15.56616 -2.42038  1.000 59.17000  ?  226 PRO B C     1 
ATOM   591  O O     . PRO A 1 73  ? -0.33983  -14.46462 -2.95248  1.000 66.10000  ?  226 PRO B O     1 
ATOM   592  C CB    . PRO A 1 73  ? -2.25728  -16.79534 -3.74775  1.000 65.08000  ?  226 PRO B CB    1 
ATOM   593  C CG    . PRO A 1 73  ? -3.73008  -16.59185 -3.80534  1.000 74.01000  ?  226 PRO B CG    1 
ATOM   594  C CD    . PRO A 1 73  ? -4.00518  -15.31347 -3.06596  1.000 67.08000  ?  226 PRO B CD    1 
ATOM   595  N N     . GLN A 1 74  ? 0.51168   -16.22321 -1.83957  1.000 64.84000  ?  227 GLN B N     1 
ATOM   596  C CA    . GLN A 1 74  ? 1.83386   -15.61394 -1.78379  1.000 68.59000  ?  227 GLN B CA    1 
ATOM   597  C C     . GLN A 1 74  ? 2.51425   -15.69411 -3.14198  1.000 72.65000  ?  227 GLN B C     1 
ATOM   598  O O     . GLN A 1 74  ? 2.31581   -16.64536 -3.90272  1.000 77.11000  ?  227 GLN B O     1 
ATOM   599  C CB    . GLN A 1 74  ? 2.70857   -16.28427 -0.72436  1.000 68.29000  ?  227 GLN B CB    1 
ATOM   600  C CG    . GLN A 1 74  ? 2.73362   -17.79436 -0.80479  1.000 90.62000  ?  227 GLN B CG    1 
ATOM   601  C CD    . GLN A 1 74  ? 3.82545   -18.39653 0.05502   1.000 100.53000 ?  227 GLN B CD    1 
ATOM   602  O OE1   . GLN A 1 74  ? 3.98738   -18.02436 1.21989   1.000 85.26000  ?  227 GLN B OE1   1 
ATOM   603  N NE2   . GLN A 1 74  ? 4.57753   -19.33738 -0.51143  1.000 88.20000  ?  227 GLN B NE2   1 
ATOM   604  N N     . GLN A 1 75  ? 3.31086   -14.67685 -3.44544  1.000 68.33000  ?  228 GLN B N     1 
ATOM   605  C CA    . GLN A 1 75  ? 4.13412   -14.64368 -4.64298  1.000 65.49000  ?  228 GLN B CA    1 
ATOM   606  C C     . GLN A 1 75  ? 5.58470   -14.81715 -4.22100  1.000 65.52000  ?  228 GLN B C     1 
ATOM   607  O O     . GLN A 1 75  ? 6.07323   -14.09231 -3.34648  1.000 70.33000  ?  228 GLN B O     1 
ATOM   608  C CB    . GLN A 1 75  ? 3.93862   -13.33664 -5.40815  1.000 65.78000  ?  228 GLN B CB    1 
ATOM   609  C CG    . GLN A 1 75  ? 4.80971   -13.22797 -6.64498  1.000 69.13000  ?  228 GLN B CG    1 
ATOM   610  C CD    . GLN A 1 75  ? 4.48966   -12.00762 -7.48174  1.000 70.19000  ?  228 GLN B CD    1 
ATOM   611  O OE1   . GLN A 1 75  ? 3.36116   -11.51778 -7.48287  1.000 77.82000  ?  228 GLN B OE1   1 
ATOM   612  N NE2   . GLN A 1 75  ? 5.48793   -11.50757 -8.19807  1.000 73.37000  ?  228 GLN B NE2   1 
ATOM   613  N N     . THR A 1 76  ? 6.26192   -15.78710 -4.82372  1.000 65.63000  ?  229 THR B N     1 
ATOM   614  C CA    . THR A 1 76  ? 7.64196   -16.09282 -4.48915  1.000 70.75000  ?  229 THR B CA    1 
ATOM   615  C C     . THR A 1 76  ? 8.51031   -16.00857 -5.73204  1.000 70.15000  ?  229 THR B C     1 
ATOM   616  O O     . THR A 1 76  ? 8.02271   -16.10506 -6.85985  1.000 73.93000  ?  229 THR B O     1 
ATOM   617  C CB    . THR A 1 76  ? 7.77277   -17.48863 -3.86365  1.000 77.02000  ?  229 THR B CB    1 
ATOM   618  O OG1   . THR A 1 76  ? 7.26403   -18.46374 -4.77971  1.000 85.19000  ?  229 THR B OG1   1 
ATOM   619  C CG2   . THR A 1 76  ? 7.00111   -17.55689 -2.55835  1.000 65.83000  ?  229 THR B CG2   1 
ATOM   620  N N     . GLY A 1 77  ? 9.80608   -15.83215 -5.50937  1.000 76.53000  ?  230 GLY B N     1 
ATOM   621  C CA    . GLY A 1 77  ? 10.74044  -15.75374 -6.61143  1.000 68.27000  ?  230 GLY B CA    1 
ATOM   622  C C     . GLY A 1 77  ? 12.13681  -15.46664 -6.10718  1.000 76.88000  ?  230 GLY B C     1 
ATOM   623  O O     . GLY A 1 77  ? 12.33808  -14.93042 -5.00627  1.000 65.58000  ?  230 GLY B O     1 
ATOM   624  N N     . ASP A 1 78  ? 13.10454  -15.83681 -6.93647  1.000 66.72000  ?  231 ASP B N     1 
ATOM   625  C CA    . ASP A 1 78  ? 14.50214  -15.60485 -6.61474  1.000 67.55000  ?  231 ASP B CA    1 
ATOM   626  C C     . ASP A 1 78  ? 14.85419  -14.14621 -6.86609  1.000 70.31000  ?  231 ASP B C     1 
ATOM   627  O O     . ASP A 1 78  ? 14.42071  -13.54796 -7.85323  1.000 53.08000  ?  231 ASP B O     1 
ATOM   628  C CB    . ASP A 1 78  ? 15.40825  -16.53182 -7.42860  1.000 76.32000  ?  231 ASP B CB    1 
ATOM   629  C CG    . ASP A 1 78  ? 15.11344  -18.00941 -7.17519  1.000 76.19000  ?  231 ASP B CG    1 
ATOM   630  O OD1   . ASP A 1 78  ? 14.40568  -18.33036 -6.19258  1.000 86.04000  ?  231 ASP B OD1   1 
ATOM   631  O OD2   . ASP A 1 78  ? 15.60946  -18.85815 -7.94176  1.000 82.68000  ?  231 ASP B OD2   1 
ATOM   632  N N     . HIS A 1 79  ? 15.62799  -13.56511 -5.95122  1.000 59.48000  ?  232 HIS B N     1 
ATOM   633  C CA    . HIS A 1 79  ? 15.87786  -12.12492 -5.97589  1.000 66.38000  ?  232 HIS B CA    1 
ATOM   634  C C     . HIS A 1 79  ? 17.18102  -11.83798 -5.23940  1.000 58.22000  ?  232 HIS B C     1 
ATOM   635  O O     . HIS A 1 79  ? 17.26676  -12.03840 -4.02034  1.000 50.14000  ?  232 HIS B O     1 
ATOM   636  C CB    . HIS A 1 79  ? 14.70889  -11.36837 -5.34218  1.000 66.12000  ?  232 HIS B CB    1 
ATOM   637  C CG    . HIS A 1 79  ? 14.55067  -9.96684  -5.83371  1.000 71.91000  ?  232 HIS B CG    1 
ATOM   638  N ND1   . HIS A 1 79  ? 14.94907  -8.87254  -5.09800  1.000 73.95000  ?  232 HIS B ND1   1 
ATOM   639  C CD2   . HIS A 1 79  ? 14.03519  -9.47852  -6.98725  1.000 82.93000  ?  232 HIS B CD2   1 
ATOM   640  C CE1   . HIS A 1 79  ? 14.68538  -7.76876  -5.77533  1.000 62.17000  ?  232 HIS B CE1   1 
ATOM   641  N NE2   . HIS A 1 79  ? 14.13101  -8.10906  -6.92521  1.000 86.83000  ?  232 HIS B NE2   1 
ATOM   642  N N     . ALA A 1 80  ? 18.19273  -11.38284 -5.98440  1.000 55.85000  ?  233 ALA B N     1 
ATOM   643  C CA    . ALA A 1 80  ? 19.47571  -10.96049 -5.41732  1.000 60.30000  ?  233 ALA B CA    1 
ATOM   644  C C     . ALA A 1 80  ? 20.08143  -12.03445 -4.51419  1.000 60.63000  ?  233 ALA B C     1 
ATOM   645  O O     . ALA A 1 80  ? 20.62778  -11.74355 -3.44498  1.000 61.01000  ?  233 ALA B O     1 
ATOM   646  C CB    . ALA A 1 80  ? 19.32797  -9.64160  -4.65868  1.000 56.78000  ?  233 ALA B CB    1 
ATOM   647  N N     . GLY A 1 81  ? 19.97186  -13.29045 -4.93929  1.000 46.37000  ?  234 GLY B N     1 
ATOM   648  C CA    . GLY A 1 81  ? 20.56086  -14.39798 -4.22196  1.000 55.58000  ?  234 GLY B CA    1 
ATOM   649  C C     . GLY A 1 81  ? 19.67222  -15.02075 -3.17401  1.000 65.42000  ?  234 GLY B C     1 
ATOM   650  O O     . GLY A 1 81  ? 20.06259  -16.03443 -2.57936  1.000 62.07000  ?  234 GLY B O     1 
ATOM   651  N N     . ILE A 1 82  ? 18.50381  -14.44366 -2.91700  1.000 54.51000  ?  235 ILE B N     1 
ATOM   652  C CA    . ILE A 1 82  ? 17.52980  -15.01623 -1.99666  1.000 56.17000  ?  235 ILE B CA    1 
ATOM   653  C C     . ILE A 1 82  ? 16.64297  -15.95763 -2.79728  1.000 60.63000  ?  235 ILE B C     1 
ATOM   654  O O     . ILE A 1 82  ? 15.95577  -15.53214 -3.73130  1.000 63.56000  ?  235 ILE B O     1 
ATOM   655  C CB    . ILE A 1 82  ? 16.69846  -13.91753 -1.31374  1.000 62.98000  ?  235 ILE B CB    1 
ATOM   656  C CG1   . ILE A 1 82  ? 17.60650  -12.95225 -0.55237  1.000 61.24000  ?  235 ILE B CG1   1 
ATOM   657  C CG2   . ILE A 1 82  ? 15.64236  -14.52120 -0.37829  1.000 54.75000  ?  235 ILE B CG2   1 
ATOM   658  C CD1   . ILE A 1 82  ? 18.24145  -13.56066 0.67042   1.000 68.23000  ?  235 ILE B CD1   1 
ATOM   659  N N     . LYS A 1 83  ? 16.66117  -17.23707 -2.44785  1.000 66.04000  ?  236 LYS B N     1 
ATOM   660  C CA    . LYS A 1 83  ? 15.81038  -18.19689 -3.13567  1.000 74.53000  ?  236 LYS B CA    1 
ATOM   661  C C     . LYS A 1 83  ? 14.41315  -18.16022 -2.53277  1.000 68.56000  ?  236 LYS B C     1 
ATOM   662  O O     . LYS A 1 83  ? 14.25322  -18.21292 -1.30949  1.000 68.23000  ?  236 LYS B O     1 
ATOM   663  C CB    . LYS A 1 83  ? 16.39109  -19.60851 -3.04678  1.000 73.89000  ?  236 LYS B CB    1 
ATOM   664  C CG    . LYS A 1 83  ? 15.62324  -20.62301 -3.88156  1.000 83.99000  ?  236 LYS B CG    1 
ATOM   665  C CD    . LYS A 1 83  ? 16.09772  -22.03496 -3.62229  1.000 87.01000  ?  236 LYS B CD    1 
ATOM   666  C CE    . LYS A 1 83  ? 15.32603  -23.02079 -4.47163  1.000 82.12000  ?  236 LYS B CE    1 
ATOM   667  N NZ    . LYS A 1 83  ? 15.44431  -22.68845 -5.91590  1.000 84.09000  ?  236 LYS B NZ    1 
ATOM   668  N N     . ASP A 1 84  ? 13.40566  -18.05151 -3.39700  1.000 77.59000  ?  237 ASP B N     1 
ATOM   669  C CA    . ASP A 1 84  ? 12.00130  -18.03660 -2.98315  1.000 76.98000  ?  237 ASP B CA    1 
ATOM   670  C C     . ASP A 1 84  ? 11.73359  -16.93412 -1.95645  1.000 66.03000  ?  237 ASP B C     1 
ATOM   671  O O     . ASP A 1 84  ? 11.20220  -17.17578 -0.87115  1.000 76.19000  ?  237 ASP B O     1 
ATOM   672  C CB    . ASP A 1 84  ? 11.57596  -19.40682 -2.44643  1.000 76.31000  ?  237 ASP B CB    1 
ATOM   673  C CG    . ASP A 1 84  ? 11.70807  -20.50773 -3.48853  1.000 95.11000  ?  237 ASP B CG    1 
ATOM   674  O OD1   . ASP A 1 84  ? 11.88179  -20.18479 -4.68405  1.000 84.92000  ?  237 ASP B OD1   1 
ATOM   675  O OD2   . ASP A 1 84  ? 11.65753  -21.69933 -3.11045  1.000 98.87000  ?  237 ASP B OD2   1 
ATOM   676  N N     . ARG A 1 85  ? 12.11834  -15.70867 -2.30339  1.000 67.60000  ?  238 ARG B N     1 
ATOM   677  C CA    . ARG A 1 85  ? 11.74600  -14.56679 -1.47738  1.000 72.22000  ?  238 ARG B CA    1 
ATOM   678  C C     . ARG A 1 85  ? 10.24396  -14.33001 -1.59240  1.000 53.47000  ?  238 ARG B C     1 
ATOM   679  O O     . ARG A 1 85  ? 9.67802   -14.38459 -2.68705  1.000 63.49000  ?  238 ARG B O     1 
ATOM   680  C CB    . ARG A 1 85  ? 12.52564  -13.31925 -1.89089  1.000 67.77000  ?  238 ARG B CB    1 
ATOM   681  C CG    . ARG A 1 85  ? 12.11641  -12.07282 -1.13192  1.000 48.91000  ?  238 ARG B CG    1 
ATOM   682  C CD    . ARG A 1 85  ? 13.02417  -10.89769 -1.44117  1.000 55.85000  ?  238 ARG B CD    1 
ATOM   683  N NE    . ARG A 1 85  ? 12.44123  -9.64053  -0.98151  1.000 51.13000  ?  238 ARG B NE    1 
ATOM   684  C CZ    . ARG A 1 85  ? 13.04934  -8.46353  -1.05400  1.000 50.99000  ?  238 ARG B CZ    1 
ATOM   685  N NH1   . ARG A 1 85  ? 14.26384  -8.36312  -1.56417  1.000 44.17000  ?  238 ARG B NH1   1 
ATOM   686  N NH2   . ARG A 1 85  ? 12.43874  -7.37804  -0.61432  1.000 44.57000  ?  238 ARG B NH2   1 
ATOM   687  N N     . VAL A 1 86  ? 9.59806   -14.07557 -0.46132  1.000 59.39000  ?  239 VAL B N     1 
ATOM   688  C CA    . VAL A 1 86  ? 8.14306   -14.07560 -0.36243  1.000 55.40000  ?  239 VAL B CA    1 
ATOM   689  C C     . VAL A 1 86  ? 7.62653   -12.64469 -0.38770  1.000 62.75000  ?  239 VAL B C     1 
ATOM   690  O O     . VAL A 1 86  ? 8.01760   -11.81658 0.44760   1.000 60.04000  ?  239 VAL B O     1 
ATOM   691  C CB    . VAL A 1 86  ? 7.67879   -14.79585 0.91427   1.000 63.20000  ?  239 VAL B CB    1 
ATOM   692  C CG1   . VAL A 1 86  ? 6.15765   -14.70488 1.05760   1.000 60.03000  ?  239 VAL B CG1   1 
ATOM   693  C CG2   . VAL A 1 86  ? 8.13924   -16.23905 0.89517   1.000 59.73000  ?  239 VAL B CG2   1 
ATOM   694  N N     . TYR A 1 87  ? 6.73215   -12.36257 -1.33579  1.000 54.93000  ?  240 TYR B N     1 
ATOM   695  C CA    . TYR A 1 87  ? 5.99725   -11.10626 -1.40561  1.000 61.67000  ?  240 TYR B CA    1 
ATOM   696  C C     . TYR A 1 87  ? 4.54817   -11.42105 -1.04557  1.000 58.06000  ?  240 TYR B C     1 
ATOM   697  O O     . TYR A 1 87  ? 3.86247   -12.14669 -1.77230  1.000 61.73000  ?  240 TYR B O     1 
ATOM   698  C CB    . TYR A 1 87  ? 6.11991   -10.47251 -2.79236  1.000 49.46000  ?  240 TYR B CB    1 
ATOM   699  C CG    . TYR A 1 87  ? 7.55066   -10.19465 -3.18803  1.000 55.95000  ?  240 TYR B CG    1 
ATOM   700  C CD1   . TYR A 1 87  ? 8.35610   -11.19666 -3.71164  1.000 56.04000  ?  240 TYR B CD1   1 
ATOM   701  C CD2   . TYR A 1 87  ? 8.10834   -8.94183  -2.99925  1.000 54.50000  ?  240 TYR B CD2   1 
ATOM   702  C CE1   . TYR A 1 87  ? 9.68204   -10.94959 -4.05723  1.000 60.41000  ?  240 TYR B CE1   1 
ATOM   703  C CE2   . TYR A 1 87  ? 9.42415   -8.68583  -3.33894  1.000 59.54000  ?  240 TYR B CE2   1 
ATOM   704  C CZ    . TYR A 1 87  ? 10.20710  -9.69283  -3.86432  1.000 46.02000  ?  240 TYR B CZ    1 
ATOM   705  O OH    . TYR A 1 87  ? 11.51254  -9.42375  -4.20006  1.000 58.56000  ?  240 TYR B OH    1 
ATOM   706  N N     . SER A 1 88  ? 4.09855   -10.91699 0.09145   1.000 60.44000  ?  241 SER B N     1 
ATOM   707  C CA    A SER A 1 88  ? 2.75920   -11.18415 0.58326   0.390 63.76000  ?  241 SER B CA    1 
ATOM   708  C CA    B SER A 1 88  ? 2.75799   -11.18532 0.58040   0.610 63.83000  ?  241 SER B CA    1 
ATOM   709  C C     . SER A 1 88  ? 1.97401   -9.88397  0.67722   1.000 64.32000  ?  241 SER B C     1 
ATOM   710  O O     . SER A 1 88  ? 2.54756   -8.80854  0.86212   1.000 65.25000  ?  241 SER B O     1 
ATOM   711  C CB    A SER A 1 88  ? 2.80313   -11.88266 1.94803   0.390 65.06000  ?  241 SER B CB    1 
ATOM   712  C CB    B SER A 1 88  ? 2.78988   -11.88572 1.94822   0.610 65.19000  ?  241 SER B CB    1 
ATOM   713  O OG    A SER A 1 88  ? 3.81193   -11.32868 2.77371   0.390 59.01000  ?  241 SER B OG    1 
ATOM   714  O OG    B SER A 1 88  ? 1.54091   -12.49970 2.24114   0.610 68.62000  ?  241 SER B OG    1 
ATOM   715  N N     . ASN A 1 89  ? 0.65236   -9.99768  0.52807   1.000 62.02000  ?  242 ASN B N     1 
ATOM   716  C CA    . ASN A 1 89  ? -0.27401  -8.87838  0.63586   1.000 68.85000  ?  242 ASN B CA    1 
ATOM   717  C C     . ASN A 1 89  ? -1.47506  -9.29722  1.46557   1.000 62.44000  ?  242 ASN B C     1 
ATOM   718  O O     . ASN A 1 89  ? -1.83453  -10.47753 1.51382   1.000 64.64000  ?  242 ASN B O     1 
ATOM   719  C CB    . ASN A 1 89  ? -0.76570  -8.39832  -0.72700  1.000 51.44000  ?  242 ASN B CB    1 
ATOM   720  C CG    . ASN A 1 89  ? 0.35456   -7.94676  -1.61278  1.000 61.50000  ?  242 ASN B CG    1 
ATOM   721  O OD1   . ASN A 1 89  ? 0.91860   -8.73836  -2.36171  1.000 56.64000  ?  242 ASN B OD1   1 
ATOM   722  N ND2   . ASN A 1 89  ? 0.69710   -6.66863  -1.52622  1.000 65.04000  ?  242 ASN B ND2   1 
ATOM   723  N N     . SER A 1 90  ? -2.11644  -8.31318  2.08903   1.000 61.04000  ?  243 SER B N     1 
ATOM   724  C CA    . SER A 1 90  ? -3.19608  -8.56960  3.02905   1.000 66.47000  ?  243 SER B CA    1 
ATOM   725  C C     . SER A 1 90  ? -4.48853  -7.90026  2.58578   1.000 75.18000  ?  243 SER B C     1 
ATOM   726  O O     . SER A 1 90  ? -4.49129  -6.74820  2.13864   1.000 60.19000  ?  243 SER B O     1 
ATOM   727  C CB    . SER A 1 90  ? -2.82057  -8.10029  4.43228   1.000 57.44000  ?  243 SER B CB    1 
ATOM   728  O OG    . SER A 1 90  ? -1.67635  -8.79268  4.89783   1.000 58.66000  ?  243 SER B OG    1 
ATOM   729  N N     . ILE A 1 91  ? -5.58383  -8.63986  2.72510   1.000 65.34000  ?  244 ILE B N     1 
ATOM   730  C CA    . ILE A 1 91  ? -6.91677  -8.17047  2.38529   1.000 53.73000  ?  244 ILE B CA    1 
ATOM   731  C C     . ILE A 1 91  ? -7.58991  -7.67019  3.65344   1.000 76.07000  ?  244 ILE B C     1 
ATOM   732  O O     . ILE A 1 91  ? -7.55753  -8.33552  4.69623   1.000 65.28000  ?  244 ILE B O     1 
ATOM   733  C CB    . ILE A 1 91  ? -7.74373  -9.29047  1.73007   1.000 62.50000  ?  244 ILE B CB    1 
ATOM   734  C CG1   . ILE A 1 91  ? -6.94274  -9.95546  0.61387   1.000 58.66000  ?  244 ILE B CG1   1 
ATOM   735  C CG2   . ILE A 1 91  ? -9.06704  -8.73516  1.23779   1.000 62.78000  ?  244 ILE B CG2   1 
ATOM   736  C CD1   . ILE A 1 91  ? -7.34717  -11.38454 0.34393   1.000 61.77000  ?  244 ILE B CD1   1 
ATOM   737  N N     . TYR A 1 92  ? -8.21101  -6.50094  3.56256   1.000 62.76000  ?  245 TYR B N     1 
ATOM   738  C CA    . TYR A 1 92  ? -8.86322  -5.86682  4.69279   1.000 58.55000  ?  245 TYR B CA    1 
ATOM   739  C C     . TYR A 1 92  ? -10.33351 -5.62166  4.38559   1.000 68.32000  ?  245 TYR B C     1 
ATOM   740  O O     . TYR A 1 92  ? -10.72098 -5.44653  3.22584   1.000 69.57000  ?  245 TYR B O     1 
ATOM   741  C CB    . TYR A 1 92  ? -8.19286  -4.54132  5.02848   1.000 57.74000  ?  245 TYR B CB    1 
ATOM   742  C CG    . TYR A 1 92  ? -6.84154  -4.69387  5.66971   1.000 75.20000  ?  245 TYR B CG    1 
ATOM   743  C CD1   . TYR A 1 92  ? -5.68648  -4.78351  4.89771   1.000 61.35000  ?  245 TYR B CD1   1 
ATOM   744  C CD2   . TYR A 1 92  ? -6.71666  -4.75197  7.05173   1.000 59.62000  ?  245 TYR B CD2   1 
ATOM   745  C CE1   . TYR A 1 92  ? -4.44585  -4.92243  5.49416   1.000 58.67000  ?  245 TYR B CE1   1 
ATOM   746  C CE2   . TYR A 1 92  ? -5.48702  -4.88791  7.65022   1.000 68.72000  ?  245 TYR B CE2   1 
ATOM   747  C CZ    . TYR A 1 92  ? -4.35798  -4.97465  6.86949   1.000 61.54000  ?  245 TYR B CZ    1 
ATOM   748  O OH    . TYR A 1 92  ? -3.14277  -5.10569  7.47766   1.000 54.83000  ?  245 TYR B OH    1 
ATOM   749  N N     . GLU A 1 93  ? -11.14791 -5.60638  5.43571   1.000 81.03000  ?  246 GLU B N     1 
ATOM   750  C CA    . GLU A 1 93  ? -12.52651 -5.14915  5.34370   1.000 84.30000  ?  246 GLU B CA    1 
ATOM   751  C C     . GLU A 1 93  ? -12.64122 -3.74354  5.92186   1.000 81.35000  ?  246 GLU B C     1 
ATOM   752  O O     . GLU A 1 93  ? -11.94216 -3.38625  6.87454   1.000 82.70000  ?  246 GLU B O     1 
ATOM   753  C CB    . GLU A 1 93  ? -13.48244 -6.09175  6.07992   1.000 88.34000  ?  246 GLU B CB    1 
ATOM   754  C CG    . GLU A 1 93  ? -13.30300 -6.12708  7.58794   1.000 94.00000  ?  246 GLU B CG    1 
ATOM   755  C CD    . GLU A 1 93  ? -14.40059 -6.91032  8.29166   1.000 105.76000 ?  246 GLU B CD    1 
ATOM   756  O OE1   . GLU A 1 93  ? -15.52627 -6.98862  7.75162   1.000 102.91000 ?  246 GLU B OE1   1 
ATOM   757  O OE2   . GLU A 1 93  ? -14.13127 -7.45866  9.38090   1.000 99.82000  ?  246 GLU B OE2   1 
ATOM   758  N N     . LEU A 1 94  ? -13.53071 -2.94538  5.33177   1.000 68.09000  ?  247 LEU B N     1 
ATOM   759  C CA    . LEU A 1 94  ? -13.73331 -1.55932  5.73902   1.000 79.84000  ?  247 LEU B CA    1 
ATOM   760  C C     . LEU A 1 94  ? -15.15862 -1.38522  6.24244   1.000 82.81000  ?  247 LEU B C     1 
ATOM   761  O O     . LEU A 1 94  ? -16.11358 -1.53105  5.47228   1.000 83.72000  ?  247 LEU B O     1 
ATOM   762  C CB    . LEU A 1 94  ? -13.43895 -0.60656  4.58289   1.000 75.42000  ?  247 LEU B CB    1 
ATOM   763  C CG    . LEU A 1 94  ? -12.03772 -0.84323  4.01439   1.000 81.27000  ?  247 LEU B CG    1 
ATOM   764  C CD1   . LEU A 1 94  ? -12.11630 -1.19963  2.54698   1.000 76.17000  ?  247 LEU B CD1   1 
ATOM   765  C CD2   . LEU A 1 94  ? -11.15095 0.36958   4.24197   1.000 74.52000  ?  247 LEU B CD2   1 
ATOM   766  N N     . LEU A 1 95  ? -15.29250 -1.05876  7.52656   1.000 87.16000  ?  248 LEU B N     1 
ATOM   767  C CA    . LEU A 1 95  ? -16.58431 -1.01167  8.19954   1.000 85.03000  ?  248 LEU B CA    1 
ATOM   768  C C     . LEU A 1 95  ? -17.16357 0.39736   8.17783   1.000 85.45000  ?  248 LEU B C     1 
ATOM   769  O O     . LEU A 1 95  ? -16.50105 1.35879   8.58317   1.000 81.39000  ?  248 LEU B O     1 
ATOM   770  C CB    . LEU A 1 95  ? -16.44799 -1.49246  9.64416   1.000 81.70000  ?  248 LEU B CB    1 
ATOM   771  C CG    . LEU A 1 95  ? -15.77670 -2.85208  9.82326   1.000 81.94000  ?  248 LEU B CG    1 
ATOM   772  C CD1   . LEU A 1 95  ? -15.62418 -3.18691  11.29509  1.000 78.68000  ?  248 LEU B CD1   1 
ATOM   773  C CD2   . LEU A 1 95  ? -16.56629 -3.93169  9.09709   1.000 93.01000  ?  248 LEU B CD2   1 
ATOM   774  N N     . GLU A 1 96  ? -18.40376 0.50953   7.70803   1.000 93.19000  ?  249 GLU B N     1 
ATOM   775  C CA    . GLU A 1 96  ? -19.18052 1.73910   7.77258   1.000 87.60000  ?  249 GLU B CA    1 
ATOM   776  C C     . GLU A 1 96  ? -20.45208 1.45836   8.55749   1.000 99.98000  ?  249 GLU B C     1 
ATOM   777  O O     . GLU A 1 96  ? -21.18343 0.51277   8.24149   1.000 97.37000  ?  249 GLU B O     1 
ATOM   778  C CB    . GLU A 1 96  ? -19.52137 2.26081   6.37531   1.000 82.15000  ?  249 GLU B CB    1 
ATOM   779  C CG    . GLU A 1 96  ? -20.34535 3.53477   6.37119   1.000 78.19000  ?  249 GLU B CG    1 
ATOM   780  C CD    . GLU A 1 96  ? -20.64899 4.01786   4.96724   1.000 106.18000 ?  249 GLU B CD    1 
ATOM   781  O OE1   . GLU A 1 96  ? -19.85457 4.81791   4.42933   1.000 101.22000 ?  249 GLU B OE1   1 
ATOM   782  O OE2   . GLU A 1 96  ? -21.67703 3.59231   4.39557   1.000 107.79000 ?  249 GLU B OE2   1 
ATOM   783  N N     . ASN A 1 97  ? -20.70282 2.27066   9.58439   1.000 112.28000 ?  250 ASN B N     1 
ATOM   784  C CA    . ASN A 1 97  ? -21.83001 2.06458   10.49540  1.000 116.11000 ?  250 ASN B CA    1 
ATOM   785  C C     . ASN A 1 97  ? -21.78033 0.68188   11.14282  1.000 105.43000 ?  250 ASN B C     1 
ATOM   786  O O     . ASN A 1 97  ? -22.80858 0.13239   11.54424  1.000 105.43000 ?  250 ASN B O     1 
ATOM   787  C CB    . ASN A 1 97  ? -23.16992 2.28423   9.78264   1.000 94.97000  ?  250 ASN B CB    1 
ATOM   788  C CG    . ASN A 1 97  ? -23.35005 3.71854   9.31290   1.000 100.49000 ?  250 ASN B CG    1 
ATOM   789  O OD1   . ASN A 1 97  ? -22.94357 4.66008   9.99610   1.000 106.07000 ?  250 ASN B OD1   1 
ATOM   790  N ND2   . ASN A 1 97  ? -23.95633 3.89190   8.13962   1.000 85.72000  ?  250 ASN B ND2   1 
ATOM   791  N N     . GLY A 1 98  ? -20.57991 0.11390   11.25258  1.000 97.19000  ?  251 GLY B N     1 
ATOM   792  C CA    . GLY A 1 98  ? -20.37162 -1.15854  11.89804  1.000 85.98000  ?  251 GLY B CA    1 
ATOM   793  C C     . GLY A 1 98  ? -20.39628 -2.35957  10.97250  1.000 106.75000 ?  251 GLY B C     1 
ATOM   794  O O     . GLY A 1 98  ? -19.91463 -3.42891  11.36745  1.000 104.30000 ?  251 GLY B O     1 
ATOM   795  N N     . GLN A 1 99  ? -20.94299 -2.22148  9.76394   1.000 109.43000 ?  252 GLN B N     1 
ATOM   796  C CA    . GLN A 1 99  ? -21.06730 -3.32780  8.82349   1.000 112.68000 ?  252 GLN B CA    1 
ATOM   797  C C     . GLN A 1 99  ? -20.08833 -3.17247  7.66021   1.000 103.12000 ?  252 GLN B C     1 
ATOM   798  O O     . GLN A 1 99  ? -19.65756 -2.06410  7.32703   1.000 96.09000  ?  252 GLN B O     1 
ATOM   799  C CB    . GLN A 1 99  ? -22.50013 -3.44483  8.28097   1.000 104.51000 ?  252 GLN B CB    1 
ATOM   800  C CG    . GLN A 1 99  ? -23.64785 -3.53468  9.31139   1.000 113.89000 ?  252 GLN B CG    1 
ATOM   801  C CD    . GLN A 1 99  ? -23.21593 -3.85102  10.74098  1.000 123.59000 ?  252 GLN B CD    1 
ATOM   802  O OE1   . GLN A 1 99  ? -22.79997 -4.96961  11.04704  1.000 122.60000 ?  252 GLN B OE1   1 
ATOM   803  N NE2   . GLN A 1 99  ? -23.37020 -2.87583  11.63452  1.000 109.92000 ?  252 GLN B NE2   1 
ATOM   804  N N     . ARG A 1 100 ? -19.75397 -4.30458  7.03142   1.000 97.13000  ?  253 ARG B N     1 
ATOM   805  C CA    . ARG A 1 100 ? -18.77062 -4.32295  5.95111   1.000 83.58000  ?  253 ARG B CA    1 
ATOM   806  C C     . ARG A 1 100 ? -19.29543 -3.56578  4.73572   1.000 88.34000  ?  253 ARG B C     1 
ATOM   807  O O     . ARG A 1 100 ? -20.28116 -3.97780  4.11346   1.000 94.89000  ?  253 ARG B O     1 
ATOM   808  C CB    . ARG A 1 100 ? -18.41901 -5.76003  5.56843   1.000 84.54000  ?  253 ARG B CB    1 
ATOM   809  C CG    . ARG A 1 100 ? -17.45446 -5.87303  4.38003   1.000 87.11000  ?  253 ARG B CG    1 
ATOM   810  C CD    . ARG A 1 100 ? -17.03817 -7.31837  4.12329   1.000 76.45000  ?  253 ARG B CD    1 
ATOM   811  N NE    . ARG A 1 100 ? -16.58171 -7.96794  5.35074   1.000 89.01000  ?  253 ARG B NE    1 
ATOM   812  C CZ    . ARG A 1 100 ? -16.13764 -9.21949  5.42149   1.000 93.12000  ?  253 ARG B CZ    1 
ATOM   813  N NH1   . ARG A 1 100 ? -16.08955 -9.97739  4.33154   1.000 80.87000  ?  253 ARG B NH1   1 
ATOM   814  N NH2   . ARG A 1 100 ? -15.74562 -9.71583  6.58775   1.000 85.26000  ?  253 ARG B NH2   1 
ATOM   815  N N     . ALA A 1 101 ? -18.62532 -2.46641  4.39047   1.000 73.85000  ?  254 ALA B N     1 
ATOM   816  C CA    . ALA A 1 101 ? -18.95085 -1.68281  3.20816   1.000 76.87000  ?  254 ALA B CA    1 
ATOM   817  C C     . ALA A 1 101 ? -18.04746 -1.98225  2.01921   1.000 76.19000  ?  254 ALA B C     1 
ATOM   818  O O     . ALA A 1 101 ? -18.30437 -1.47113  0.92620   1.000 81.19000  ?  254 ALA B O     1 
ATOM   819  C CB    . ALA A 1 101 ? -18.88110 -0.18450  3.52797   1.000 80.19000  ?  254 ALA B CB    1 
ATOM   820  N N     . GLY A 1 102 ? -17.00189 -2.78672  2.20047   1.000 86.95000  ?  255 GLY B N     1 
ATOM   821  C CA    . GLY A 1 102 ? -16.11818 -3.12851  1.09990   1.000 77.77000  ?  255 GLY B CA    1 
ATOM   822  C C     . GLY A 1 102 ? -14.88157 -3.89551  1.52146   1.000 76.83000  ?  255 GLY B C     1 
ATOM   823  O O     . GLY A 1 102 ? -14.51146 -3.88203  2.69899   1.000 81.04000  ?  255 GLY B O     1 
ATOM   824  N N     . THR A 1 103 ? -14.23907 -4.57564  0.57086   1.000 66.66000  ?  256 THR B N     1 
ATOM   825  C CA    . THR A 1 103 ? -13.00672 -5.31069  0.81740   1.000 69.16000  ?  256 THR B CA    1 
ATOM   826  C C     . THR A 1 103 ? -11.97373 -4.93683  -0.23480  1.000 62.68000  ?  256 THR B C     1 
ATOM   827  O O     . THR A 1 103 ? -12.31087 -4.76552  -1.40935  1.000 80.07000  ?  256 THR B O     1 
ATOM   828  C CB    . THR A 1 103 ? -13.24123 -6.82711  0.79979   1.000 70.62000  ?  256 THR B CB    1 
ATOM   829  O OG1   . THR A 1 103 ? -13.77683 -7.21640  -0.46985  1.000 88.27000  ?  256 THR B OG1   1 
ATOM   830  C CG2   . THR A 1 103 ? -14.21039 -7.23236  1.89999   1.000 85.40000  ?  256 THR B CG2   1 
ATOM   831  N N     . CYS A 1 104 ? -10.71306 -4.82086  0.18408   1.000 69.53000  ?  257 CYS B N     1 
ATOM   832  C CA    . CYS A 1 104 ? -9.66662  -4.40552  -0.74355  1.000 72.24000  ?  257 CYS B CA    1 
ATOM   833  C C     . CYS A 1 104 ? -8.28890  -4.78069  -0.20863  1.000 57.17000  ?  257 CYS B C     1 
ATOM   834  O O     . CYS A 1 104 ? -8.07940  -4.91797  1.00212   1.000 61.16000  ?  257 CYS B O     1 
ATOM   835  C CB    . CYS A 1 104 ? -9.72494  -2.90014  -1.00529  1.000 66.71000  ?  257 CYS B CB    1 
ATOM   836  S SG    . CYS A 1 104 ? -9.14745  -1.92600  0.39470   1.000 76.01000  ?  257 CYS B SG    1 
ATOM   837  N N     . VAL A 1 105 ? -7.35041  -4.91966  -1.14246  1.000 63.57000  ?  258 VAL B N     1 
ATOM   838  C CA    . VAL A 1 105 ? -5.94049  -5.12907  -0.82674  1.000 52.16000  ?  258 VAL B CA    1 
ATOM   839  C C     . VAL A 1 105 ? -5.33429  -3.77709  -0.46529  1.000 53.48000  ?  258 VAL B C     1 
ATOM   840  O O     . VAL A 1 105 ? -5.29477  -2.85792  -1.29345  1.000 58.72000  ?  258 VAL B O     1 
ATOM   841  C CB    . VAL A 1 105 ? -5.20066  -5.76984  -2.00976  1.000 52.22000  ?  258 VAL B CB    1 
ATOM   842  C CG1   . VAL A 1 105 ? -3.87513  -6.35761  -1.56359  1.000 59.25000  ?  258 VAL B CG1   1 
ATOM   843  C CG2   . VAL A 1 105 ? -6.08003  -6.81802  -2.68041  1.000 57.70000  ?  258 VAL B CG2   1 
ATOM   844  N N     . LEU A 1 106 ? -4.85510  -3.65536  0.76937   1.000 48.98000  ?  259 LEU B N     1 
ATOM   845  C CA    . LEU A 1 106 ? -4.46734  -2.37740  1.34805   1.000 54.92000  ?  259 LEU B CA    1 
ATOM   846  C C     . LEU A 1 106 ? -3.16160  -2.52408  2.11234   1.000 51.37000  ?  259 LEU B C     1 
ATOM   847  O O     . LEU A 1 106 ? -2.93270  -3.54327  2.77106   1.000 54.50000  ?  259 LEU B O     1 
ATOM   848  C CB    . LEU A 1 106 ? -5.56645  -1.86182  2.29569   1.000 47.94000  ?  259 LEU B CB    1 
ATOM   849  C CG    . LEU A 1 106 ? -5.45220  -0.44928  2.85793   1.000 52.23000  ?  259 LEU B CG    1 
ATOM   850  C CD1   . LEU A 1 106 ? -5.45795  0.58205   1.74062   1.000 51.82000  ?  259 LEU B CD1   1 
ATOM   851  C CD2   . LEU A 1 106 ? -6.59553  -0.19981  3.82600   1.000 64.43000  ?  259 LEU B CD2   1 
ATOM   852  N N     . GLU A 1 107 ? -2.32072  -1.49197  2.04376   1.000 53.14000  ?  260 GLU B N     1 
ATOM   853  C CA    . GLU A 1 107 ? -1.05528  -1.45723  2.76820   1.000 47.73000  ?  260 GLU B CA    1 
ATOM   854  C C     . GLU A 1 107 ? -0.50521  -0.04400  2.70783   1.000 46.26000  ?  260 GLU B C     1 
ATOM   855  O O     . GLU A 1 107 ? -0.88824  0.75345   1.84916   1.000 45.61000  ?  260 GLU B O     1 
ATOM   856  C CB    . GLU A 1 107 ? -0.03121  -2.44670  2.19023   1.000 48.76000  ?  260 GLU B CB    1 
ATOM   857  C CG    . GLU A 1 107 ? 0.49328   -2.04222  0.81433   1.000 53.59000  ?  260 GLU B CG    1 
ATOM   858  C CD    . GLU A 1 107 ? 1.17147   -3.18591  0.09479   1.000 74.49000  ?  260 GLU B CD    1 
ATOM   859  O OE1   . GLU A 1 107 ? 0.63954   -4.31844  0.15623   1.000 58.88000  ?  260 GLU B OE1   1 
ATOM   860  O OE2   . GLU A 1 107 ? 2.22800   -2.95004  -0.53542  1.000 62.11000  ?  260 GLU B OE2   1 
ATOM   861  N N     . TYR A 1 108 ? 0.40352   0.24900   3.63482   1.000 47.41000  ?  261 TYR B N     1 
ATOM   862  C CA    . TYR A 1 108 ? 1.17371   1.48227   3.60807   1.000 45.29000  ?  261 TYR B CA    1 
ATOM   863  C C     . TYR A 1 108 ? 2.37297   1.33783   2.67649   1.000 50.88000  ?  261 TYR B C     1 
ATOM   864  O O     . TYR A 1 108 ? 2.90516   0.24019   2.48549   1.000 49.32000  ?  261 TYR B O     1 
ATOM   865  C CB    . TYR A 1 108 ? 1.68540   1.82458   5.01097   1.000 39.01000  ?  261 TYR B CB    1 
ATOM   866  C CG    . TYR A 1 108 ? 0.64687   2.33250   5.97983   1.000 50.95000  ?  261 TYR B CG    1 
ATOM   867  C CD1   . TYR A 1 108 ? 0.27814   3.66891   6.00287   1.000 49.52000  ?  261 TYR B CD1   1 
ATOM   868  C CD2   . TYR A 1 108 ? 0.05203   1.47258   6.89315   1.000 57.57000  ?  261 TYR B CD2   1 
ATOM   869  C CE1   . TYR A 1 108 ? -0.66034  4.12818   6.90803   1.000 50.62000  ?  261 TYR B CE1   1 
ATOM   870  C CE2   . TYR A 1 108 ? -0.88439  1.92372   7.78992   1.000 66.86000  ?  261 TYR B CE2   1 
ATOM   871  C CZ    . TYR A 1 108 ? -1.24173  3.25003   7.79303   1.000 65.31000  ?  261 TYR B CZ    1 
ATOM   872  O OH    . TYR A 1 108 ? -2.18405  3.70120   8.69367   1.000 64.79000  ?  261 TYR B OH    1 
ATOM   873  N N     . ALA A 1 109 ? 2.82371   2.45918   2.12105   1.000 46.13000  ?  262 ALA B N     1 
ATOM   874  C CA    . ALA A 1 109 ? 4.09252   2.45869   1.39309   1.000 54.57000  ?  262 ALA B CA    1 
ATOM   875  C C     . ALA A 1 109 ? 5.22157   2.47438   2.41583   1.000 58.23000  ?  262 ALA B C     1 
ATOM   876  O O     . ALA A 1 109 ? 5.45726   3.48974   3.07999   1.000 48.13000  ?  262 ALA B O     1 
ATOM   877  C CB    . ALA A 1 109 ? 4.19924   3.64768   0.44210   1.000 44.46000  ?  262 ALA B CB    1 
ATOM   878  N N     . THR A 1 110 ? 5.91091   1.34346   2.53050   1.000 45.60000  ?  263 THR B N     1 
ATOM   879  C CA    . THR A 1 110 ? 6.99481   1.17424   3.49046   1.000 51.57000  ?  263 THR B CA    1 
ATOM   880  C C     . THR A 1 110 ? 8.07597   2.25436   3.44148   1.000 47.53000  ?  263 THR B C     1 
ATOM   881  O O     . THR A 1 110 ? 8.55305   2.64713   4.51988   1.000 48.86000  ?  263 THR B O     1 
ATOM   882  C CB    . THR A 1 110 ? 7.60044   -0.21338  3.25759   1.000 62.46000  ?  263 THR B CB    1 
ATOM   883  O OG1   . THR A 1 110 ? 7.67681   -0.43094  1.85048   1.000 76.16000  ?  263 THR B OG1   1 
ATOM   884  C CG2   . THR A 1 110 ? 6.69276   -1.28343  3.80717   1.000 41.98000  ?  263 THR B CG2   1 
ATOM   885  N N     . PRO A 1 111 ? 8.49668   2.78704   2.29002   1.000 45.47000  ?  264 PRO B N     1 
ATOM   886  C CA    . PRO A 1 111 ? 9.56346   3.80246   2.31808   1.000 42.74000  ?  264 PRO B CA    1 
ATOM   887  C C     . PRO A 1 111 ? 9.22712   5.02982   3.14522   1.000 48.06000  ?  264 PRO B C     1 
ATOM   888  O O     . PRO A 1 111 ? 10.13422  5.80111   3.47667   1.000 45.23000  ?  264 PRO B O     1 
ATOM   889  C CB    . PRO A 1 111 ? 9.72689   4.18145   0.83967   1.000 44.49000  ?  264 PRO B CB    1 
ATOM   890  C CG    . PRO A 1 111 ? 9.24905   3.02353   0.09552   1.000 45.76000  ?  264 PRO B CG    1 
ATOM   891  C CD    . PRO A 1 111 ? 8.10709   2.47858   0.90047   1.000 50.91000  ?  264 PRO B CD    1 
ATOM   892  N N     . LEU A 1 112 ? 7.95004   5.27059   3.44690   1.000 42.06000  ?  265 LEU B N     1 
ATOM   893  C CA    . LEU A 1 112 ? 7.62921   6.39097   4.32140   1.000 51.71000  ?  265 LEU B CA    1 
ATOM   894  C C     . LEU A 1 112 ? 8.09876   6.11716   5.74616   1.000 49.39000  ?  265 LEU B C     1 
ATOM   895  O O     . LEU A 1 112 ? 8.51055   7.04494   6.45506   1.000 53.25000  ?  265 LEU B O     1 
ATOM   896  C CB    . LEU A 1 112 ? 6.12987   6.67224   4.27872   1.000 53.55000  ?  265 LEU B CB    1 
ATOM   897  C CG    . LEU A 1 112 ? 5.58105   7.19389   2.94371   1.000 48.85000  ?  265 LEU B CG    1 
ATOM   898  C CD1   . LEU A 1 112 ? 4.08388   7.39264   3.05728   1.000 53.75000  ?  265 LEU B CD1   1 
ATOM   899  C CD2   . LEU A 1 112 ? 6.25623   8.47447   2.49064   1.000 47.43000  ?  265 LEU B CD2   1 
ATOM   900  N N     . GLN A 1 113 ? 8.06542   4.84822   6.16828   1.000 50.14000  ?  266 GLN B N     1 
ATOM   901  C CA    . GLN A 1 113 ? 8.63819   4.46812   7.45392   1.000 46.17000  ?  266 GLN B CA    1 
ATOM   902  C C     . GLN A 1 113 ? 10.13144  4.76754   7.49200   1.000 59.18000  ?  266 GLN B C     1 
ATOM   903  O O     . GLN A 1 113 ? 10.67062  5.16219   8.53225   1.000 50.46000  ?  266 GLN B O     1 
ATOM   904  C CB    . GLN A 1 113 ? 8.38685   2.98791   7.71660   1.000 64.49000  ?  266 GLN B CB    1 
ATOM   905  C CG    . GLN A 1 113 ? 7.88741   2.67359   9.10963   1.000 81.60000  ?  266 GLN B CG    1 
ATOM   906  C CD    . GLN A 1 113 ? 7.66080   1.19067   9.31337   1.000 87.01000  ?  266 GLN B CD    1 
ATOM   907  O OE1   . GLN A 1 113 ? 8.57623   0.38717   9.13654   1.000 85.81000  ?  266 GLN B OE1   1 
ATOM   908  N NE2   . GLN A 1 113 ? 6.44504   0.82123   9.70790   1.000 79.76000  ?  266 GLN B NE2   1 
ATOM   909  N N     . THR A 1 114 ? 10.81241  4.59308   6.36014   1.000 45.98000  ?  267 THR B N     1 
ATOM   910  C CA    . THR A 1 114 ? 12.22787  4.94032   6.28062   1.000 41.81000  ?  267 THR B CA    1 
ATOM   911  C C     . THR A 1 114 ? 12.45197  6.43309   6.50472   1.000 41.20000  ?  267 THR B C     1 
ATOM   912  O O     . THR A 1 114 ? 13.39053  6.82964   7.20137   1.000 41.55000  ?  267 THR B O     1 
ATOM   913  C CB    . THR A 1 114 ? 12.79268  4.52294   4.91483   1.000 49.81000  ?  267 THR B CB    1 
ATOM   914  O OG1   . THR A 1 114 ? 12.68047  3.10142   4.75191   1.000 49.25000  ?  267 THR B OG1   1 
ATOM   915  C CG2   . THR A 1 114 ? 14.23859  4.93697   4.77579   1.000 34.90000  ?  267 THR B CG2   1 
ATOM   916  N N     . LEU A 1 115 ? 11.64335  7.27949   5.86094   1.000 44.55000  ?  268 LEU B N     1 
ATOM   917  C CA    . LEU A 1 115 ? 11.77941  8.71680   6.07656   1.000 44.77000  ?  268 LEU B CA    1 
ATOM   918  C C     . LEU A 1 115 ? 11.50957  9.07769   7.53473   1.000 39.57000  ?  268 LEU B C     1 
ATOM   919  O O     . LEU A 1 115 ? 12.21221  9.91334   8.11219   1.000 43.56000  ?  268 LEU B O     1 
ATOM   920  C CB    . LEU A 1 115 ? 10.83659  9.49006   5.16027   1.000 37.84000  ?  268 LEU B CB    1 
ATOM   921  C CG    . LEU A 1 115 ? 11.07730  9.40568   3.64096   1.000 46.73000  ?  268 LEU B CG    1 
ATOM   922  C CD1   . LEU A 1 115 ? 10.03904  10.21846  2.89599   1.000 53.43000  ?  268 LEU B CD1   1 
ATOM   923  C CD2   . LEU A 1 115 ? 12.49330  9.86520   3.28925   1.000 41.80000  ?  268 LEU B CD2   1 
ATOM   924  N N     . PHE A 1 116 ? 10.50381  8.45336   8.14674   1.000 36.38000  ?  269 PHE B N     1 
ATOM   925  C CA    . PHE A 1 116 ? 10.26806  8.69003   9.56861   1.000 41.54000  ?  269 PHE B CA    1 
ATOM   926  C C     . PHE A 1 116 ? 11.49972  8.33154   10.38758  1.000 48.93000  ?  269 PHE B C     1 
ATOM   927  O O     . PHE A 1 116 ? 12.06485  9.18273   11.08068  1.000 44.79000  ?  269 PHE B O     1 
ATOM   928  C CB    . PHE A 1 116 ? 9.05501   7.91265   10.07445  1.000 47.78000  ?  269 PHE B CB    1 
ATOM   929  C CG    . PHE A 1 116 ? 8.74301   8.21110   11.51704  1.000 50.73000  ?  269 PHE B CG    1 
ATOM   930  C CD1   . PHE A 1 116 ? 8.00321   9.33288   11.84698  1.000 60.44000  ?  269 PHE B CD1   1 
ATOM   931  C CD2   . PHE A 1 116 ? 9.23322   7.40870   12.53829  1.000 48.27000  ?  269 PHE B CD2   1 
ATOM   932  C CE1   . PHE A 1 116 ? 7.73527   9.64833   13.16661  1.000 57.85000  ?  269 PHE B CE1   1 
ATOM   933  C CE2   . PHE A 1 116 ? 8.96784   7.71552   13.87013  1.000 47.71000  ?  269 PHE B CE2   1 
ATOM   934  C CZ    . PHE A 1 116 ? 8.21774   8.83870   14.17380  1.000 52.32000  ?  269 PHE B CZ    1 
ATOM   935  N N     . ALA A 1 117 ? 11.95807  7.07532   10.28475  1.000 43.40000  ?  270 ALA B N     1 
ATOM   936  C CA    . ALA A 1 117 ? 13.08617  6.64827   11.10675  1.000 45.70000  ?  270 ALA B CA    1 
ATOM   937  C C     . ALA A 1 117 ? 14.32494  7.48133   10.82217  1.000 55.52000  ?  270 ALA B C     1 
ATOM   938  O O     . ALA A 1 117 ? 15.09828  7.77787   11.73847  1.000 43.29000  ?  270 ALA B O     1 
ATOM   939  C CB    . ALA A 1 117 ? 13.37992  5.16555   10.88963  1.000 44.97000  ?  270 ALA B CB    1 
ATOM   940  N N     . MET A 1 118 ? 14.51759  7.89477   9.57180   1.000 44.23000  ?  271 MET B N     1 
ATOM   941  C CA    . MET A 1 118 ? 15.67332  8.73029   9.26326   1.000 38.17000  ?  271 MET B CA    1 
ATOM   942  C C     . MET A 1 118 ? 15.60617  10.04403  10.02178  1.000 40.31000  ?  271 MET B C     1 
ATOM   943  O O     . MET A 1 118 ? 16.64009  10.57953  10.43664  1.000 47.30000  ?  271 MET B O     1 
ATOM   944  C CB    . MET A 1 118 ? 15.74690  8.99412   7.75140   1.000 38.25000  ?  271 MET B CB    1 
ATOM   945  C CG    . MET A 1 118 ? 16.45380  7.91485   6.93492   1.000 44.66000  ?  271 MET B CG    1 
ATOM   946  S SD    . MET A 1 118 ? 16.55862  8.42493   5.18837   1.000 45.14000  ?  271 MET B SD    1 
ATOM   947  C CE    . MET A 1 118 ? 18.19504  9.12936   5.20083   1.000 43.31000  ?  271 MET B CE    1 
ATOM   948  N N     . SER A 1 119 ? 14.40239  10.57945  10.21594  1.000 44.88000  ?  272 SER B N     1 
ATOM   949  C CA    . SER A 1 119 ? 14.28182  11.84018  10.93187  1.000 43.92000  ?  272 SER B CA    1 
ATOM   950  C C     . SER A 1 119 ? 14.58113  11.67991  12.42010  1.000 56.01000  ?  272 SER B C     1 
ATOM   951  O O     . SER A 1 119 ? 14.90949  12.67236  13.07717  1.000 47.97000  ?  272 SER B O     1 
ATOM   952  C CB    . SER A 1 119 ? 12.88562  12.43257  10.71872  1.000 49.52000  ?  272 SER B CB    1 
ATOM   953  O OG    . SER A 1 119 ? 11.88516  11.73177  11.44687  1.000 42.71000  ?  272 SER B OG    1 
ATOM   954  N N     . GLN A 1 120 ? 14.50241  10.45256  12.95035  1.000 47.33000  ?  273 GLN B N     1 
ATOM   955  C CA    . GLN A 1 120 ? 14.74390  10.17374  14.36401  1.000 59.53000  ?  273 GLN B CA    1 
ATOM   956  C C     . GLN A 1 120 ? 16.19248  9.82892   14.67469  1.000 55.76000  ?  273 GLN B C     1 
ATOM   957  O O     . GLN A 1 120 ? 16.62868  10.02103  15.81369  1.000 49.61000  ?  273 GLN B O     1 
ATOM   958  C CB    . GLN A 1 120 ? 13.86646  9.01368   14.84616  1.000 44.86000  ?  273 GLN B CB    1 
ATOM   959  C CG    . GLN A 1 120 ? 12.38558  9.21659   14.64198  1.000 55.27000  ?  273 GLN B CG    1 
ATOM   960  C CD    . GLN A 1 120 ? 11.87776  10.43125  15.37159  1.000 63.12000  ?  273 GLN B CD    1 
ATOM   961  O OE1   . GLN A 1 120 ? 11.54094  11.44312  14.75159  1.000 77.47000  ?  273 GLN B OE1   1 
ATOM   962  N NE2   . GLN A 1 120 ? 11.83654  10.35273  16.70095  1.000 67.67000  ?  273 GLN B NE2   1 
ATOM   963  N N     . TYR A 1 121 ? 16.94048  9.30174   13.70381  1.000 43.59000  ?  274 TYR B N     1 
ATOM   964  C CA    . TYR A 1 121 ? 18.32635  8.88715   13.91275  1.000 35.48000  ?  274 TYR B CA    1 
ATOM   965  C C     . TYR A 1 121 ? 19.25621  10.06484  13.65287  1.000 61.40000  ?  274 TYR B C     1 
ATOM   966  O O     . TYR A 1 121 ? 19.29430  10.59149  12.53113  1.000 50.03000  ?  274 TYR B O     1 
ATOM   967  C CB    . TYR A 1 121 ? 18.70568  7.75236   12.96666  1.000 47.53000  ?  274 TYR B CB    1 
ATOM   968  C CG    . TYR A 1 121 ? 18.25156  6.36346   13.33234  1.000 54.33000  ?  274 TYR B CG    1 
ATOM   969  C CD1   . TYR A 1 121 ? 18.70735  5.73450   14.48464  1.000 51.97000  ?  274 TYR B CD1   1 
ATOM   970  C CD2   . TYR A 1 121 ? 17.40607  5.65333   12.48086  1.000 57.52000  ?  274 TYR B CD2   1 
ATOM   971  C CE1   . TYR A 1 121 ? 18.32079  4.44610   14.79606  1.000 54.28000  ?  274 TYR B CE1   1 
ATOM   972  C CE2   . TYR A 1 121 ? 17.01317  4.36236   12.78237  1.000 57.90000  ?  274 TYR B CE2   1 
ATOM   973  C CZ    . TYR A 1 121 ? 17.46839  3.76636   13.94285  1.000 59.23000  ?  274 TYR B CZ    1 
ATOM   974  O OH    . TYR A 1 121 ? 17.07774  2.48276   14.24181  1.000 55.01000  ?  274 TYR B OH    1 
ATOM   975  N N     . SER A 1 122 ? 20.05261  10.43009  14.66257  1.000 41.81000  ?  275 SER B N     1 
ATOM   976  C CA    . SER A 1 122 ? 20.91496  11.60318  14.53646  1.000 51.49000  ?  275 SER B CA    1 
ATOM   977  C C     . SER A 1 122 ? 21.93374  11.42811  13.41570  1.000 51.73000  ?  275 SER B C     1 
ATOM   978  O O     . SER A 1 122 ? 22.20095  12.36646  12.65699  1.000 48.79000  ?  275 SER B O     1 
ATOM   979  C CB    . SER A 1 122 ? 21.63724  11.87167  15.85742  1.000 47.08000  ?  275 SER B CB    1 
ATOM   980  O OG    . SER A 1 122 ? 22.42790  10.75258  16.21067  1.000 59.74000  ?  275 SER B OG    1 
ATOM   981  N N     . GLN A 1 123 ? 22.52379  10.23642  13.30659  1.000 47.74000  ?  276 GLN B N     1 
ATOM   982  C CA    . GLN A 1 123 ? 23.53889  9.97538   12.29040  1.000 51.56000  ?  276 GLN B CA    1 
ATOM   983  C C     . GLN A 1 123 ? 23.01068  10.13288  10.86632  1.000 67.90000  ?  276 GLN B C     1 
ATOM   984  O O     . GLN A 1 123 ? 23.81446  10.18138  9.92791   1.000 52.86000  ?  276 GLN B O     1 
ATOM   985  C CB    . GLN A 1 123 ? 24.09639  8.56611   12.49469  1.000 60.33000  ?  276 GLN B CB    1 
ATOM   986  C CG    . GLN A 1 123 ? 25.47348  8.33940   11.93443  1.000 82.13000  ?  276 GLN B CG    1 
ATOM   987  C CD    . GLN A 1 123 ? 25.94580  6.91696   12.15904  1.000 91.80000  ?  276 GLN B CD    1 
ATOM   988  O OE1   . GLN A 1 123 ? 25.33355  6.15889   12.91854  1.000 84.70000  ?  276 GLN B OE1   1 
ATOM   989  N NE2   . GLN A 1 123 ? 27.03367  6.54204   11.49376  1.000 76.66000  ?  276 GLN B NE2   1 
ATOM   990  N N     . ALA A 1 124 ? 21.69008  10.22519  10.67958  1.000 49.97000  ?  277 ALA B N     1 
ATOM   991  C CA    . ALA A 1 124 ? 21.13034  10.36538  9.33801   1.000 58.50000  ?  277 ALA B CA    1 
ATOM   992  C C     . ALA A 1 124 ? 21.20576  11.79020  8.81182   1.000 62.38000  ?  277 ALA B C     1 
ATOM   993  O O     . ALA A 1 124 ? 21.08711  11.98292  7.60453   1.000 56.66000  ?  277 ALA B O     1 
ATOM   994  C CB    . ALA A 1 124 ? 19.67269  9.89202   9.30624   1.000 47.20000  ?  277 ALA B CB    1 
ATOM   995  N N     . GLY A 1 125 ? 21.40571  12.78726  9.67632   1.000 69.74000  ?  278 GLY B N     1 
ATOM   996  C CA    . GLY A 1 125 ? 21.46062  14.17425  9.24261   1.000 68.74000  ?  278 GLY B CA    1 
ATOM   997  C C     . GLY A 1 125 ? 20.23034  14.60569  8.46927   1.000 63.43000  ?  278 GLY B C     1 
ATOM   998  O O     . GLY A 1 125 ? 20.33513  15.22901  7.40977   1.000 77.47000  ?  278 GLY B O     1 
ATOM   999  N N     . PHE A 1 126 ? 19.05629  14.29022  9.01227   1.000 60.46000  ?  279 PHE B N     1 
ATOM   1000 C CA    . PHE A 1 126 ? 17.78951  14.38177  8.29514   1.000 53.92000  ?  279 PHE B CA    1 
ATOM   1001 C C     . PHE A 1 126 ? 16.75954  14.95151  9.25905   1.000 53.39000  ?  279 PHE B C     1 
ATOM   1002 O O     . PHE A 1 126 ? 16.36385  14.26891  10.20541  1.000 61.27000  ?  279 PHE B O     1 
ATOM   1003 C CB    . PHE A 1 126 ? 17.36579  12.99962  7.79313   1.000 51.26000  ?  279 PHE B CB    1 
ATOM   1004 C CG    . PHE A 1 126 ? 16.31237  13.02187  6.74230   1.000 49.27000  ?  279 PHE B CG    1 
ATOM   1005 C CD1   . PHE A 1 126 ? 16.65629  13.11003  5.39905   1.000 55.93000  ?  279 PHE B CD1   1 
ATOM   1006 C CD2   . PHE A 1 126 ? 14.97432  12.91879  7.08277   1.000 57.06000  ?  279 PHE B CD2   1 
ATOM   1007 C CE1   . PHE A 1 126 ? 15.68125  13.12317  4.42261   1.000 57.85000  ?  279 PHE B CE1   1 
ATOM   1008 C CE2   . PHE A 1 126 ? 13.99023  12.92608  6.10728   1.000 57.81000  ?  279 PHE B CE2   1 
ATOM   1009 C CZ    . PHE A 1 126 ? 14.34263  13.03093  4.77710   1.000 52.94000  ?  279 PHE B CZ    1 
ATOM   1010 N N     . SER A 1 127 ? 16.31637  16.17672  9.01589   1.000 59.24000  ?  280 SER B N     1 
ATOM   1011 C CA    . SER A 1 127 ? 15.43005  16.87186  9.93819   1.000 60.76000  ?  280 SER B CA    1 
ATOM   1012 C C     . SER A 1 127 ? 13.96722  16.51280  9.68683   1.000 58.81000  ?  280 SER B C     1 
ATOM   1013 O O     . SER A 1 127 ? 13.60011  15.93925  8.65881   1.000 52.49000  ?  280 SER B O     1 
ATOM   1014 C CB    . SER A 1 127 ? 15.64173  18.37661  9.82133   1.000 59.68000  ?  280 SER B CB    1 
ATOM   1015 O OG    . SER A 1 127 ? 14.81390  18.92362  8.81802   1.000 73.49000  ?  280 SER B OG    1 
ATOM   1016 N N     . ARG A 1 128 ? 13.11601  16.86805  10.64944  1.000 55.61000  ?  281 ARG B N     1 
ATOM   1017 C CA    . ARG A 1 128 ? 11.68683  16.62150  10.48951  1.000 59.25000  ?  281 ARG B CA    1 
ATOM   1018 C C     . ARG A 1 128 ? 11.07804  17.49025  9.39843   1.000 60.63000  ?  281 ARG B C     1 
ATOM   1019 O O     . ARG A 1 128 ? 10.04011  17.12306  8.83625   1.000 67.24000  ?  281 ARG B O     1 
ATOM   1020 C CB    . ARG A 1 128 ? 10.96209  16.83182  11.81988  1.000 72.39000  ?  281 ARG B CB    1 
ATOM   1021 C CG    . ARG A 1 128 ? 11.48368  15.92636  12.93120  1.000 73.11000  ?  281 ARG B CG    1 
ATOM   1022 C CD    . ARG A 1 128 ? 10.67144  16.07535  14.20320  1.000 98.96000  ?  281 ARG B CD    1 
ATOM   1023 N NE    . ARG A 1 128 ? 11.22125  17.09640  15.08923  1.000 102.64000 ?  281 ARG B NE    1 
ATOM   1024 C CZ    . ARG A 1 128 ? 10.48152  17.88763  15.85863  1.000 105.19000 ?  281 ARG B CZ    1 
ATOM   1025 N NH1   . ARG A 1 128 ? 9.15996   17.77752  15.84283  1.000 105.39000 ?  281 ARG B NH1   1 
ATOM   1026 N NH2   . ARG A 1 128 ? 11.06195  18.79174  16.63805  1.000 94.35000  ?  281 ARG B NH2   1 
ATOM   1027 N N     . GLU A 1 129 ? 11.70934  18.61607  9.06756   1.000 61.15000  ?  282 GLU B N     1 
ATOM   1028 C CA    . GLU A 1 129 ? 11.26193  19.40039  7.92274   1.000 63.43000  ?  282 GLU B CA    1 
ATOM   1029 C C     . GLU A 1 129 ? 11.67531  18.74003  6.61464   1.000 73.97000  ?  282 GLU B C     1 
ATOM   1030 O O     . GLU A 1 129 ? 10.87995  18.67615  5.67156   1.000 64.80000  ?  282 GLU B O     1 
ATOM   1031 C CB    . GLU A 1 129 ? 11.80911  20.82574  8.00401   1.000 70.87000  ?  282 GLU B CB    1 
ATOM   1032 C CG    . GLU A 1 129 ? 11.31370  21.60729  9.20811   1.000 81.72000  ?  282 GLU B CG    1 
ATOM   1033 C CD    . GLU A 1 129 ? 11.96239  21.16067  10.50374  1.000 96.68000  ?  282 GLU B CD    1 
ATOM   1034 O OE1   . GLU A 1 129 ? 13.20811  21.06728  10.54572  1.000 102.45000 ?  282 GLU B OE1   1 
ATOM   1035 O OE2   . GLU A 1 129 ? 11.22292  20.88885  11.47454  1.000 100.85000 ?  282 GLU B OE2   1 
ATOM   1036 N N     . ASP A 1 130 ? 12.91547  18.24565  6.54290   1.000 70.40000  ?  283 ASP B N     1 
ATOM   1037 C CA    . ASP A 1 130 ? 13.30878  17.39353  5.42834   1.000 66.22000  ?  283 ASP B CA    1 
ATOM   1038 C C     . ASP A 1 130 ? 12.27030  16.30148  5.19165   1.000 62.07000  ?  283 ASP B C     1 
ATOM   1039 O O     . ASP A 1 130 ? 11.93816  15.98925  4.04457   1.000 69.91000  ?  283 ASP B O     1 
ATOM   1040 C CB    . ASP A 1 130 ? 14.68980  16.77106  5.69049   1.000 74.07000  ?  283 ASP B CB    1 
ATOM   1041 C CG    . ASP A 1 130 ? 15.82654  17.79761  5.68278   1.000 74.61000  ?  283 ASP B CG    1 
ATOM   1042 O OD1   . ASP A 1 130 ? 15.62884  18.91368  5.15360   1.000 81.92000  ?  283 ASP B OD1   1 
ATOM   1043 O OD2   . ASP A 1 130 ? 16.92337  17.47712  6.20710   1.000 55.66000  ?  283 ASP B OD2   1 
ATOM   1044 N N     . ARG A 1 131 ? 11.70091  15.74963  6.26828   1.000 66.87000  ?  284 ARG B N     1 
ATOM   1045 C CA    . ARG A 1 131 ? 10.79130  14.61806  6.12462   1.000 59.33000  ?  284 ARG B CA    1 
ATOM   1046 C C     . ARG A 1 131 ? 9.52670   15.00035  5.36894   1.000 68.79000  ?  284 ARG B C     1 
ATOM   1047 O O     . ARG A 1 131 ? 9.10494   14.28974  4.45068   1.000 67.75000  ?  284 ARG B O     1 
ATOM   1048 C CB    . ARG A 1 131 ? 10.42852  14.04393  7.48682   1.000 55.29000  ?  284 ARG B CB    1 
ATOM   1049 C CG    . ARG A 1 131 ? 9.77121   12.69364  7.37508   1.000 54.98000  ?  284 ARG B CG    1 
ATOM   1050 C CD    . ARG A 1 131 ? 9.45706   12.13829  8.73186   1.000 61.03000  ?  284 ARG B CD    1 
ATOM   1051 N NE    . ARG A 1 131 ? 8.23122   12.70077  9.27057   1.000 62.00000  ?  284 ARG B NE    1 
ATOM   1052 C CZ    . ARG A 1 131 ? 8.11003   13.13911  10.51545  1.000 64.48000  ?  284 ARG B CZ    1 
ATOM   1053 N NH1   . ARG A 1 131 ? 9.15837   13.09192  11.33294  1.000 50.75000  ?  284 ARG B NH1   1 
ATOM   1054 N NH2   . ARG A 1 131 ? 6.94810   13.62892  10.93092  1.000 62.04000  ?  284 ARG B NH2   1 
ATOM   1055 N N     . LEU A 1 132 ? 8.88816   16.10498  5.75534   1.000 60.67000  ?  285 LEU B N     1 
ATOM   1056 C CA    . LEU A 1 132 ? 7.64904   16.49406  5.08818   1.000 58.63000  ?  285 LEU B CA    1 
ATOM   1057 C C     . LEU A 1 132 ? 7.88858   16.79936  3.61211   1.000 60.62000  ?  285 LEU B C     1 
ATOM   1058 O O     . LEU A 1 132 ? 7.12397   16.36302  2.74187   1.000 61.74000  ?  285 LEU B O     1 
ATOM   1059 C CB    . LEU A 1 132 ? 7.01646   17.68603  5.81010   1.000 60.50000  ?  285 LEU B CB    1 
ATOM   1060 C CG    . LEU A 1 132 ? 5.54388   17.97685  5.53181   1.000 76.45000  ?  285 LEU B CG    1 
ATOM   1061 C CD1   . LEU A 1 132 ? 5.37702   18.84702  4.31275   1.000 82.12000  ?  285 LEU B CD1   1 
ATOM   1062 C CD2   . LEU A 1 132 ? 4.80932   16.66624  5.32372   1.000 71.50000  ?  285 LEU B CD2   1 
ATOM   1063 N N     . GLU A 1 133 ? 8.95516   17.53798  3.30713   1.000 55.46000  ?  286 GLU B N     1 
ATOM   1064 C CA    . GLU A 1 133 ? 9.24462   17.87444  1.91719   1.000 61.03000  ?  286 GLU B CA    1 
ATOM   1065 C C     . GLU A 1 133 ? 9.63107   16.63367  1.11522   1.000 63.40000  ?  286 GLU B C     1 
ATOM   1066 O O     . GLU A 1 133 ? 9.22189   16.47864  -0.04009  1.000 63.74000  ?  286 GLU B O     1 
ATOM   1067 C CB    . GLU A 1 133 ? 10.35082  18.92955  1.86430   1.000 68.43000  ?  286 GLU B CB    1 
ATOM   1068 C CG    . GLU A 1 133 ? 11.08053  19.01723  0.53178   1.000 87.53000  ?  286 GLU B CG    1 
ATOM   1069 C CD    . GLU A 1 133 ? 12.39884  19.76160  0.64407   1.000 106.20000 ?  286 GLU B CD    1 
ATOM   1070 O OE1   . GLU A 1 133 ? 12.39593  21.00571  0.50970   1.000 100.04000 ?  286 GLU B OE1   1 
ATOM   1071 O OE2   . GLU A 1 133 ? 13.43501  19.10061  0.88393   1.000 93.14000  ?  286 GLU B OE2   1 
ATOM   1072 N N     . GLN A 1 134 ? 10.41097  15.73350  1.71643   1.000 52.53000  ?  287 GLN B N     1 
ATOM   1073 C CA    . GLN A 1 134 ? 10.78049  14.49940  1.03734   1.000 56.31000  ?  287 GLN B CA    1 
ATOM   1074 C C     . GLN A 1 134 ? 9.59119   13.55829  0.90993   1.000 66.06000  ?  287 GLN B C     1 
ATOM   1075 O O     . GLN A 1 134 ? 9.45988   12.86715  -0.10976  1.000 50.32000  ?  287 GLN B O     1 
ATOM   1076 C CB    . GLN A 1 134 ? 11.93628  13.82414  1.77195   1.000 54.35000  ?  287 GLN B CB    1 
ATOM   1077 C CG    . GLN A 1 134 ? 13.28199  14.54868  1.62534   1.000 55.37000  ?  287 GLN B CG    1 
ATOM   1078 C CD    . GLN A 1 134 ? 13.83462  14.50030  0.20962   1.000 69.28000  ?  287 GLN B CD    1 
ATOM   1079 O OE1   . GLN A 1 134 ? 14.11863  13.42677  -0.32002  1.000 72.43000  ?  287 GLN B OE1   1 
ATOM   1080 N NE2   . GLN A 1 134 ? 13.99750  15.66841  -0.40511  1.000 64.27000  ?  287 GLN B NE2   1 
ATOM   1081 N N     . ALA A 1 135 ? 8.70433   13.53156  1.91439   1.000 51.76000  ?  288 ALA B N     1 
ATOM   1082 C CA    . ALA A 1 135 ? 7.49162   12.72711  1.78716   1.000 41.91000  ?  288 ALA B CA    1 
ATOM   1083 C C     . ALA A 1 135 ? 6.66561   13.16314  0.57867   1.000 60.50000  ?  288 ALA B C     1 
ATOM   1084 O O     . ALA A 1 135 ? 6.15531   12.32040  -0.16860  1.000 55.95000  ?  288 ALA B O     1 
ATOM   1085 C CB    . ALA A 1 135 ? 6.65874   12.80057  3.06358   1.000 44.34000  ?  288 ALA B CB    1 
ATOM   1086 N N     . LYS A 1 136 ? 6.52809   14.47587  0.36215   1.000 52.93000  ?  289 LYS B N     1 
ATOM   1087 C CA    . LYS A 1 136 ? 5.74953   14.94648  -0.78152  1.000 57.36000  ?  289 LYS B CA    1 
ATOM   1088 C C     . LYS A 1 136 ? 6.44829   14.60007  -2.08937  1.000 50.13000  ?  289 LYS B C     1 
ATOM   1089 O O     . LYS A 1 136 ? 5.82786   14.08631  -3.02675  1.000 56.42000  ?  289 LYS B O     1 
ATOM   1090 C CB    . LYS A 1 136 ? 5.50492   16.45526  -0.68095  1.000 50.77000  ?  289 LYS B CB    1 
ATOM   1091 C CG    . LYS A 1 136 ? 4.43171   16.84981  0.33282   1.000 70.13000  ?  289 LYS B CG    1 
ATOM   1092 C CD    . LYS A 1 136 ? 4.42668   18.35482  0.58504   1.000 66.56000  ?  289 LYS B CD    1 
ATOM   1093 C CE    . LYS A 1 136 ? 3.33672   18.76828  1.56851   1.000 75.84000  ?  289 LYS B CE    1 
ATOM   1094 N NZ    . LYS A 1 136 ? 2.08432   19.26223  0.92518   1.000 99.63000  ?  289 LYS B NZ    1 
ATOM   1095 N N     . LEU A 1 137 ? 7.74795   14.87202  -2.15971  1.000 53.19000  ?  290 LEU B N     1 
ATOM   1096 C CA    . LEU A 1 137 ? 8.53752   14.49625  -3.32382  1.000 57.37000  ?  290 LEU B CA    1 
ATOM   1097 C C     . LEU A 1 137 ? 8.46183   12.99933  -3.60012  1.000 58.07000  ?  290 LEU B C     1 
ATOM   1098 O O     . LEU A 1 137 ? 8.40094   12.58422  -4.76538  1.000 50.13000  ?  290 LEU B O     1 
ATOM   1099 C CB    . LEU A 1 137 ? 9.97889   14.93452  -3.11093  1.000 44.41000  ?  290 LEU B CB    1 
ATOM   1100 C CG    . LEU A 1 137 ? 11.02543  14.54900  -4.14297  1.000 62.31000  ?  290 LEU B CG    1 
ATOM   1101 C CD1   . LEU A 1 137 ? 10.58295  14.97731  -5.52970  1.000 66.35000  ?  290 LEU B CD1   1 
ATOM   1102 C CD2   . LEU A 1 137 ? 12.34851  15.18144  -3.75633  1.000 54.25000  ?  290 LEU B CD2   1 
ATOM   1103 N N     . PHE A 1 138 ? 8.46665   12.16571  -2.54938  1.000 50.04000  ?  291 PHE B N     1 
ATOM   1104 C CA    . PHE A 1 138 ? 8.36204   10.72174  -2.76859  1.000 44.36000  ?  291 PHE B CA    1 
ATOM   1105 C C     . PHE A 1 138 ? 7.06206   10.37068  -3.49717  1.000 55.52000  ?  291 PHE B C     1 
ATOM   1106 O O     . PHE A 1 138 ? 7.05665   9.55872   -4.43186  1.000 52.12000  ?  291 PHE B O     1 
ATOM   1107 C CB    . PHE A 1 138 ? 8.45996   9.95176   -1.44371  1.000 34.11000  ?  291 PHE B CB    1 
ATOM   1108 C CG    . PHE A 1 138 ? 8.09993   8.48214   -1.56606  1.000 51.02000  ?  291 PHE B CG    1 
ATOM   1109 C CD1   . PHE A 1 138 ? 9.07049   7.53492   -1.90732  1.000 47.71000  ?  291 PHE B CD1   1 
ATOM   1110 C CD2   . PHE A 1 138 ? 6.79500   8.05160   -1.36416  1.000 46.37000  ?  291 PHE B CD2   1 
ATOM   1111 C CE1   . PHE A 1 138 ? 8.74464   6.17689   -2.02404  1.000 37.67000  ?  291 PHE B CE1   1 
ATOM   1112 C CE2   . PHE A 1 138 ? 6.45316   6.70764   -1.48962  1.000 45.23000  ?  291 PHE B CE2   1 
ATOM   1113 C CZ    . PHE A 1 138 ? 7.43187   5.76378   -1.82415  1.000 42.57000  ?  291 PHE B CZ    1 
ATOM   1114 N N     . CYS A 1 139 ? 5.93950   10.96983  -3.08154  1.000 42.33000  ?  292 CYS B N     1 
ATOM   1115 C CA    . CYS A 1 139 ? 4.66458   10.62943  -3.71428  1.000 43.03000  ?  292 CYS B CA    1 
ATOM   1116 C C     . CYS A 1 139 ? 4.57356   11.17720  -5.13601  1.000 47.97000  ?  292 CYS B C     1 
ATOM   1117 O O     . CYS A 1 139 ? 4.04195   10.50622  -6.02888  1.000 53.33000  ?  292 CYS B O     1 
ATOM   1118 C CB    . CYS A 1 139 ? 3.49094   11.14029  -2.87373  1.000 50.03000  ?  292 CYS B CB    1 
ATOM   1119 S SG    . CYS A 1 139 ? 3.58453   10.72389  -1.13642  1.000 57.87000  ?  292 CYS B SG    1 
ATOM   1120 N N     . ARG A 1 140 ? 5.04937   12.40403  -5.36226  1.000 50.97000  ?  293 ARG B N     1 
ATOM   1121 C CA    . ARG A 1 140 ? 5.04866   12.95401  -6.71573  1.000 53.96000  ?  293 ARG B CA    1 
ATOM   1122 C C     . ARG A 1 140 ? 5.84585   12.06280  -7.66410  1.000 52.69000  ?  293 ARG B C     1 
ATOM   1123 O O     . ARG A 1 140 ? 5.35241   11.66888  -8.72849  1.000 59.33000  ?  293 ARG B O     1 
ATOM   1124 C CB    . ARG A 1 140 ? 5.62349   14.37122  -6.70851  1.000 56.56000  ?  293 ARG B CB    1 
ATOM   1125 C CG    . ARG A 1 140 ? 4.64431   15.45971  -6.29587  1.000 63.34000  ?  293 ARG B CG    1 
ATOM   1126 C CD    . ARG A 1 140 ? 5.12101   16.83675  -6.75955  1.000 74.80000  ?  293 ARG B CD    1 
ATOM   1127 N NE    . ARG A 1 140 ? 6.45791   17.15600  -6.25723  1.000 79.27000  ?  293 ARG B NE    1 
ATOM   1128 C CZ    . ARG A 1 140 ? 6.70085   17.90329  -5.18025  1.000 90.44000  ?  293 ARG B CZ    1 
ATOM   1129 N NH1   . ARG A 1 140 ? 5.69589   18.42531  -4.48666  1.000 86.82000  ?  293 ARG B NH1   1 
ATOM   1130 N NH2   . ARG A 1 140 ? 7.95110   18.13265  -4.79355  1.000 78.21000  ?  293 ARG B NH2   1 
ATOM   1131 N N     . THR A 1 141 ? 7.08102   11.72167  -7.27885  1.000 56.33000  ?  294 THR B N     1 
ATOM   1132 C CA    . THR A 1 141 ? 7.91488   10.85647  -8.11280  1.000 49.03000  ?  294 THR B CA    1 
ATOM   1133 C C     . THR A 1 141 ? 7.22896   9.52458   -8.37085  1.000 49.41000  ?  294 THR B C     1 
ATOM   1134 O O     . THR A 1 141 ? 7.26473   9.00307   -9.49215  1.000 50.29000  ?  294 THR B O     1 
ATOM   1135 C CB    . THR A 1 141 ? 9.27510   10.64429  -7.45112  1.000 51.10000  ?  294 THR B CB    1 
ATOM   1136 O OG1   . THR A 1 141 ? 9.81541   11.91017  -7.05383  1.000 46.52000  ?  294 THR B OG1   1 
ATOM   1137 C CG2   . THR A 1 141 ? 10.25376  9.95789   -8.42221  1.000 43.48000  ?  294 THR B CG2   1 
ATOM   1138 N N     . LEU A 1 142 ? 6.57054   8.97450   -7.35102  1.000 48.49000  ?  295 LEU B N     1 
ATOM   1139 C CA    . LEU A 1 142 ? 5.90043   7.69026   -7.50931  1.000 48.77000  ?  295 LEU B CA    1 
ATOM   1140 C C     . LEU A 1 142 ? 4.76652   7.76718   -8.52880  1.000 53.01000  ?  295 LEU B C     1 
ATOM   1141 O O     . LEU A 1 142 ? 4.71655   6.96672   -9.46962  1.000 52.17000  ?  295 LEU B O     1 
ATOM   1142 C CB    . LEU A 1 142 ? 5.37985   7.19584   -6.16389  1.000 54.82000  ?  295 LEU B CB    1 
ATOM   1143 C CG    . LEU A 1 142 ? 4.86516   5.75769   -6.17262  1.000 48.76000  ?  295 LEU B CG    1 
ATOM   1144 C CD1   . LEU A 1 142 ? 5.90709   4.81306   -6.78121  1.000 50.00000  ?  295 LEU B CD1   1 
ATOM   1145 C CD2   . LEU A 1 142 ? 4.50145   5.32982   -4.75827  1.000 55.65000  ?  295 LEU B CD2   1 
ATOM   1146 N N     . GLU A 1 143 ? 3.83458   8.71528   -8.36351  1.000 50.57000  ?  296 GLU B N     1 
ATOM   1147 C CA    . GLU A 1 143 ? 2.73943   8.79936   -9.32994  1.000 52.68000  ?  296 GLU B CA    1 
ATOM   1148 C C     . GLU A 1 143 ? 3.25272   9.13716   -10.73066 1.000 52.30000  ?  296 GLU B C     1 
ATOM   1149 O O     . GLU A 1 143 ? 2.65090   8.71847   -11.72286 1.000 62.61000  ?  296 GLU B O     1 
ATOM   1150 C CB    . GLU A 1 143 ? 1.67325   9.79612   -8.86154  1.000 63.47000  ?  296 GLU B CB    1 
ATOM   1151 C CG    . GLU A 1 143 ? 1.96376   11.26150  -9.08582  1.000 75.28000  ?  296 GLU B CG    1 
ATOM   1152 C CD    . GLU A 1 143 ? 0.80471   12.15793  -8.63883  1.000 95.64000  ?  296 GLU B CD    1 
ATOM   1153 O OE1   . GLU A 1 143 ? -0.18648  11.63517  -8.08013  1.000 92.99000  ?  296 GLU B OE1   1 
ATOM   1154 O OE2   . GLU A 1 143 ? 0.89259   13.38905  -8.82860  1.000 96.49000  ?  296 GLU B OE2   1 
ATOM   1155 N N     . ASP A 1 144 ? 4.38826   9.83992   -10.83391 1.000 49.20000  ?  297 ASP B N     1 
ATOM   1156 C CA    . ASP A 1 144 ? 4.99481   10.08773  -12.14417 1.000 62.81000  ?  297 ASP B CA    1 
ATOM   1157 C C     . ASP A 1 144 ? 5.58019   8.80919   -12.73734 1.000 65.85000  ?  297 ASP B C     1 
ATOM   1158 O O     . ASP A 1 144 ? 5.50994   8.59203   -13.95313 1.000 59.76000  ?  297 ASP B O     1 
ATOM   1159 C CB    . ASP A 1 144 ? 6.08408   11.15943  -12.04154 1.000 59.66000  ?  297 ASP B CB    1 
ATOM   1160 C CG    . ASP A 1 144 ? 5.52298   12.56963  -12.05672 1.000 70.38000  ?  297 ASP B CG    1 
ATOM   1161 O OD1   . ASP A 1 144 ? 4.28335   12.71835  -12.15762 1.000 74.25000  ?  297 ASP B OD1   1 
ATOM   1162 O OD2   . ASP A 1 144 ? 6.32432   13.52763  -11.97338 1.000 63.18000  ?  297 ASP B OD2   1 
ATOM   1163 N N     . ILE A 1 145 ? 6.18172   7.96203   -11.90106 1.000 52.54000  ?  298 ILE B N     1 
ATOM   1164 C CA    . ILE A 1 145 ? 6.68777   6.68104   -12.38080 1.000 59.72000  ?  298 ILE B CA    1 
ATOM   1165 C C     . ILE A 1 145 ? 5.54047   5.81095   -12.87338 1.000 62.85000  ?  298 ILE B C     1 
ATOM   1166 O O     . ILE A 1 145 ? 5.57144   5.30270   -13.99978 1.000 50.75000  ?  298 ILE B O     1 
ATOM   1167 C CB    . ILE A 1 145 ? 7.49506   5.97304   -11.27974 1.000 51.53000  ?  298 ILE B CB    1 
ATOM   1168 C CG1   . ILE A 1 145 ? 8.82607   6.68252   -11.04371 1.000 49.61000  ?  298 ILE B CG1   1 
ATOM   1169 C CG2   . ILE A 1 145 ? 7.73432   4.51878   -11.63810 1.000 44.78000  ?  298 ILE B CG2   1 
ATOM   1170 C CD1   . ILE A 1 145 ? 9.52024   6.22287   -9.78049  1.000 44.58000  ?  298 ILE B CD1   1 
ATOM   1171 N N     . LEU A 1 146 ? 4.50527   5.63535   -12.04151 1.000 52.34000  ?  299 LEU B N     1 
ATOM   1172 C CA    . LEU A 1 146 ? 3.41145   4.72903   -12.38403 1.000 59.64000  ?  299 LEU B CA    1 
ATOM   1173 C C     . LEU A 1 146 ? 2.57949   5.21679   -13.55789 1.000 63.00000  ?  299 LEU B C     1 
ATOM   1174 O O     . LEU A 1 146 ? 1.92513   4.40107   -14.21272 1.000 54.59000  ?  299 LEU B O     1 
ATOM   1175 C CB    . LEU A 1 146 ? 2.47624   4.51484   -11.19821 1.000 51.38000  ?  299 LEU B CB    1 
ATOM   1176 C CG    . LEU A 1 146 ? 3.05137   4.01470   -9.88127  1.000 72.19000  ?  299 LEU B CG    1 
ATOM   1177 C CD1   . LEU A 1 146 ? 1.98174   4.11192   -8.78327  1.000 43.64000  ?  299 LEU B CD1   1 
ATOM   1178 C CD2   . LEU A 1 146 ? 3.54634   2.59192   -10.04898 1.000 49.53000  ?  299 LEU B CD2   1 
ATOM   1179 N N     . ALA A 1 147 ? 2.55107   6.52009   -13.81662 1.000 50.14000  ?  300 ALA B N     1 
ATOM   1180 C CA    . ALA A 1 147 ? 1.81503   7.00277   -14.97369 1.000 53.31000  ?  300 ALA B CA    1 
ATOM   1181 C C     . ALA A 1 147 ? 2.37667   6.39652   -16.25450 1.000 71.00000  ?  300 ALA B C     1 
ATOM   1182 O O     . ALA A 1 147 ? 1.63783   5.82187   -17.06201 1.000 68.10000  ?  300 ALA B O     1 
ATOM   1183 C CB    . ALA A 1 147 ? 1.85312   8.53198   -15.01396 1.000 54.06000  ?  300 ALA B CB    1 
ATOM   1184 N N     . ASP A 1 148 ? 3.69917   6.46196   -16.41942 1.000 67.02000  ?  301 ASP B N     1 
ATOM   1185 C CA    . ASP A 1 148 ? 4.39537   5.93260   -17.58417 1.000 59.82000  ?  301 ASP B CA    1 
ATOM   1186 C C     . ASP A 1 148 ? 4.73048   4.44710   -17.47872 1.000 61.35000  ?  301 ASP B C     1 
ATOM   1187 O O     . ASP A 1 148 ? 5.18691   3.86109   -18.46867 1.000 62.68000  ?  301 ASP B O     1 
ATOM   1188 C CB    . ASP A 1 148 ? 5.69199   6.72270   -17.81948 1.000 62.90000  ?  301 ASP B CB    1 
ATOM   1189 C CG    . ASP A 1 148 ? 5.50438   7.88410   -18.77798 1.000 107.36000 ?  301 ASP B CG    1 
ATOM   1190 O OD1   . ASP A 1 148 ? 5.72368   9.04089   -18.35506 1.000 104.56000 ?  301 ASP B OD1   1 
ATOM   1191 O OD2   . ASP A 1 148 ? 5.14503   7.63995   -19.95414 1.000 110.12000 ?  301 ASP B OD2   1 
ATOM   1192 N N     . ALA A 1 149 ? 4.52197   3.82417   -16.32776 1.000 62.99000  ?  302 ALA B N     1 
ATOM   1193 C CA    . ALA A 1 149 ? 4.95845   2.44064   -16.14155 1.000 60.11000  ?  302 ALA B CA    1 
ATOM   1194 C C     . ALA A 1 149 ? 4.01086   1.48282   -16.85782 1.000 55.26000  ?  302 ALA B C     1 
ATOM   1195 O O     . ALA A 1 149 ? 2.79134   1.60011   -16.70849 1.000 64.43000  ?  302 ALA B O     1 
ATOM   1196 C CB    . ALA A 1 149 ? 5.02556   2.08610   -14.66028 1.000 50.04000  ?  302 ALA B CB    1 
ATOM   1197 N N     . PRO A 1 150 ? 4.52926   0.51921   -17.62320 1.000 66.88000  ?  303 PRO B N     1 
ATOM   1198 C CA    . PRO A 1 150 ? 3.63696   -0.45844  -18.26356 1.000 68.01000  ?  303 PRO B CA    1 
ATOM   1199 C C     . PRO A 1 150 ? 2.99892   -1.42493  -17.28457 1.000 68.74000  ?  303 PRO B C     1 
ATOM   1200 O O     . PRO A 1 150 ? 1.96058   -2.01031  -17.60990 1.000 64.47000  ?  303 PRO B O     1 
ATOM   1201 C CB    . PRO A 1 150 ? 4.56359   -1.18782  -19.24661 1.000 70.45000  ?  303 PRO B CB    1 
ATOM   1202 C CG    . PRO A 1 150 ? 5.93376   -1.03914  -18.63845 1.000 64.31000  ?  303 PRO B CG    1 
ATOM   1203 C CD    . PRO A 1 150 ? 5.94312   0.31140   -17.98863 1.000 57.69000  ?  303 PRO B CD    1 
ATOM   1204 N N     . GLU A 1 151 ? 3.57846   -1.61171  -16.09806 1.000 62.33000  ?  304 GLU B N     1 
ATOM   1205 C CA    . GLU A 1 151 ? 3.01220   -2.54169  -15.12958 1.000 59.51000  ?  304 GLU B CA    1 
ATOM   1206 C C     . GLU A 1 151 ? 1.75474   -2.00618  -14.45199 1.000 55.89000  ?  304 GLU B C     1 
ATOM   1207 O O     . GLU A 1 151 ? 0.94641   -2.80433  -13.96209 1.000 60.48000  ?  304 GLU B O     1 
ATOM   1208 C CB    . GLU A 1 151 ? 4.05564   -2.89029  -14.06857 1.000 56.54000  ?  304 GLU B CB    1 
ATOM   1209 C CG    . GLU A 1 151 ? 5.27288   -3.60876  -14.62385 1.000 52.01000  ?  304 GLU B CG    1 
ATOM   1210 C CD    . GLU A 1 151 ? 6.33878   -2.63811  -15.09398 1.000 61.54000  ?  304 GLU B CD    1 
ATOM   1211 O OE1   . GLU A 1 151 ? 6.10619   -1.40997  -15.00059 1.000 59.46000  ?  304 GLU B OE1   1 
ATOM   1212 O OE2   . GLU A 1 151 ? 7.40703   -3.10248  -15.54697 1.000 63.14000  ?  304 GLU B OE2   1 
ATOM   1213 N N     . SER A 1 152 ? 1.56772   -0.68646  -14.40555 1.000 56.40000  ?  305 SER B N     1 
ATOM   1214 C CA    . SER A 1 152 ? 0.39850   -0.10191  -13.75085 1.000 60.80000  ?  305 SER B CA    1 
ATOM   1215 C C     . SER A 1 152 ? -0.66687  0.15708   -14.80852 1.000 73.42000  ?  305 SER B C     1 
ATOM   1216 O O     . SER A 1 152 ? -0.61327  1.15548   -15.53257 1.000 81.80000  ?  305 SER B O     1 
ATOM   1217 C CB    . SER A 1 152 ? 0.76019   1.18132   -13.01553 1.000 64.06000  ?  305 SER B CB    1 
ATOM   1218 O OG    . SER A 1 152 ? -0.36560  2.04587   -12.94033 1.000 72.97000  ?  305 SER B OG    1 
ATOM   1219 N N     . GLN A 1 153 ? -1.64504  -0.74986  -14.89387 1.000 78.22000  ?  306 GLN B N     1 
ATOM   1220 C CA    . GLN A 1 153 ? -2.75127  -0.66371  -15.85193 1.000 71.85000  ?  306 GLN B CA    1 
ATOM   1221 C C     . GLN A 1 153 ? -4.04680  -0.87188  -15.07239 1.000 71.76000  ?  306 GLN B C     1 
ATOM   1222 O O     . GLN A 1 153 ? -4.59171  -1.98020  -15.04535 1.000 65.25000  ?  306 GLN B O     1 
ATOM   1223 C CB    . GLN A 1 153 ? -2.59765  -1.69290  -16.97030 1.000 74.29000  ?  306 GLN B CB    1 
ATOM   1224 C CG    . GLN A 1 153 ? -1.17742  -1.87149  -17.47395 1.000 87.61000  ?  306 GLN B CG    1 
ATOM   1225 C CD    . GLN A 1 153 ? -0.77769  -0.81980  -18.49527 1.000 103.74000 ?  306 GLN B CD    1 
ATOM   1226 O OE1   . GLN A 1 153 ? -0.77858  0.38045   -18.20533 1.000 101.01000 ?  306 GLN B OE1   1 
ATOM   1227 N NE2   . GLN A 1 153 ? -0.42751  -1.26915  -19.70199 1.000 94.59000  ?  306 GLN B NE2   1 
ATOM   1228 N N     . ASN A 1 154 ? -4.53234  0.20010   -14.44102 1.000 66.87000  ?  307 ASN B N     1 
ATOM   1229 C CA    . ASN A 1 154 ? -5.76025  0.15075   -13.64650 1.000 77.23000  ?  307 ASN B CA    1 
ATOM   1230 C C     . ASN A 1 154 ? -5.69027  -0.94695  -12.58212 1.000 73.24000  ?  307 ASN B C     1 
ATOM   1231 O O     . ASN A 1 154 ? -6.63464  -1.72027  -12.39428 1.000 72.97000  ?  307 ASN B O     1 
ATOM   1232 C CB    . ASN A 1 154 ? -6.98718  -0.04451  -14.54459 1.000 78.40000  ?  307 ASN B CB    1 
ATOM   1233 C CG    . ASN A 1 154 ? -7.33385  1.19838   -15.33805 1.000 82.88000  ?  307 ASN B CG    1 
ATOM   1234 O OD1   . ASN A 1 154 ? -7.47878  2.28956   -14.78375 1.000 100.45000 ?  307 ASN B OD1   1 
ATOM   1235 N ND2   . ASN A 1 154 ? -7.46555  1.03879   -16.64840 1.000 85.09000  ?  307 ASN B ND2   1 
ATOM   1236 N N     . ASN A 1 155 ? -4.55176  -1.03117  -11.88547 1.000 65.26000  ?  308 ASN B N     1 
ATOM   1237 C CA    . ASN A 1 155 ? -4.39792  -2.02508  -10.82941 1.000 78.33000  ?  308 ASN B CA    1 
ATOM   1238 C C     . ASN A 1 155 ? -3.74641  -1.46142  -9.56694  1.000 59.56000  ?  308 ASN B C     1 
ATOM   1239 O O     . ASN A 1 155 ? -3.37665  -2.23713  -8.67865  1.000 58.84000  ?  308 ASN B O     1 
ATOM   1240 C CB    . ASN A 1 155 ? -3.58805  -3.22697  -11.33912 1.000 57.68000  ?  308 ASN B CB    1 
ATOM   1241 C CG    . ASN A 1 155 ? -2.28061  -2.81372  -11.96724 1.000 62.27000  ?  308 ASN B CG    1 
ATOM   1242 O OD1   . ASN A 1 155 ? -1.97232  -1.62335  -12.04304 1.000 65.58000  ?  308 ASN B OD1   1 
ATOM   1243 N ND2   . ASN A 1 155 ? -1.50889  -3.78975  -12.44036 1.000 61.72000  ?  308 ASN B ND2   1 
ATOM   1244 N N     . CYS A 1 156 ? -3.59367  -0.14787  -9.45591  1.000 55.60000  ?  309 CYS B N     1 
ATOM   1245 C CA    . CYS A 1 156 ? -2.91596  0.43771   -8.31401  1.000 62.65000  ?  309 CYS B CA    1 
ATOM   1246 C C     . CYS A 1 156 ? -3.46942  1.84420   -8.10591  1.000 56.32000  ?  309 CYS B C     1 
ATOM   1247 O O     . CYS A 1 156 ? -3.69659  2.57722   -9.07407  1.000 57.11000  ?  309 CYS B O     1 
ATOM   1248 C CB    . CYS A 1 156 ? -1.40015  0.43734   -8.55299  1.000 52.95000  ?  309 CYS B CB    1 
ATOM   1249 S SG    . CYS A 1 156 ? -0.42485  1.39740   -7.41435  1.000 75.35000  ?  309 CYS B SG    1 
ATOM   1250 N N     . ARG A 1 157 ? -3.71537  2.20554   -6.84667  1.000 52.33000  ?  310 ARG B N     1 
ATOM   1251 C CA    . ARG A 1 157 ? -4.25686  3.51602   -6.50055  1.000 44.12000  ?  310 ARG B CA    1 
ATOM   1252 C C     . ARG A 1 157 ? -3.49263  4.08003   -5.31197  1.000 54.98000  ?  310 ARG B C     1 
ATOM   1253 O O     . ARG A 1 157 ? -3.43982  3.45795   -4.24715  1.000 51.55000  ?  310 ARG B O     1 
ATOM   1254 C CB    . ARG A 1 157 ? -5.75082  3.43524   -6.17147  1.000 60.42000  ?  310 ARG B CB    1 
ATOM   1255 C CG    . ARG A 1 157 ? -6.37491  4.78338   -5.78937  1.000 57.11000  ?  310 ARG B CG    1 
ATOM   1256 C CD    . ARG A 1 157 ? -6.42928  5.71450   -6.98594  1.000 72.86000  ?  310 ARG B CD    1 
ATOM   1257 N NE    . ARG A 1 157 ? -7.24572  5.15092   -8.05972  1.000 85.20000  ?  310 ARG B NE    1 
ATOM   1258 C CZ    . ARG A 1 157 ? -7.14490  5.49847   -9.33998  1.000 103.59000 ?  310 ARG B CZ    1 
ATOM   1259 N NH1   . ARG A 1 157 ? -6.25062  6.40353   -9.71388  1.000 98.79000  ?  310 ARG B NH1   1 
ATOM   1260 N NH2   . ARG A 1 157 ? -7.93114  4.93401   -10.24867 1.000 102.15000 ?  310 ARG B NH2   1 
ATOM   1261 N N     . LEU A 1 158 ? -2.92729  5.26511   -5.48605  1.000 47.70000  ?  311 LEU B N     1 
ATOM   1262 C CA    . LEU A 1 158 ? -2.24216  5.95534   -4.40861  1.000 52.99000  ?  311 LEU B CA    1 
ATOM   1263 C C     . LEU A 1 158 ? -3.23171  6.82840   -3.63515  1.000 52.46000  ?  311 LEU B C     1 
ATOM   1264 O O     . LEU A 1 158 ? -3.98473  7.60502   -4.23005  1.000 60.94000  ?  311 LEU B O     1 
ATOM   1265 C CB    . LEU A 1 158 ? -1.09962  6.79590   -4.97881  1.000 42.90000  ?  311 LEU B CB    1 
ATOM   1266 C CG    . LEU A 1 158 ? -0.08123  6.06631   -5.86947  1.000 50.18000  ?  311 LEU B CG    1 
ATOM   1267 C CD1   . LEU A 1 158 ? 1.03325   7.01689   -6.26286  1.000 52.07000  ?  311 LEU B CD1   1 
ATOM   1268 C CD2   . LEU A 1 158 ? 0.49924   4.83325   -5.18250  1.000 49.45000  ?  311 LEU B CD2   1 
ATOM   1269 N N     . ILE A 1 159 ? -3.22874  6.69990   -2.30974  1.000 58.71000  ?  312 ILE B N     1 
ATOM   1270 C CA    . ILE A 1 159 ? -4.12283  7.46122   -1.43897  1.000 54.13000  ?  312 ILE B CA    1 
ATOM   1271 C C     . ILE A 1 159 ? -3.23867  8.26188   -0.49521  1.000 57.10000  ?  312 ILE B C     1 
ATOM   1272 O O     . ILE A 1 159 ? -2.82417  7.75506   0.55227   1.000 50.91000  ?  312 ILE B O     1 
ATOM   1273 C CB    . ILE A 1 159 ? -5.08375  6.55966   -0.65861  1.000 54.53000  ?  312 ILE B CB    1 
ATOM   1274 C CG1   . ILE A 1 159 ? -5.93819  5.72558   -1.61043  1.000 54.73000  ?  312 ILE B CG1   1 
ATOM   1275 C CG2   . ILE A 1 159 ? -5.95943  7.38798   0.27607   1.000 64.94000  ?  312 ILE B CG2   1 
ATOM   1276 C CD1   . ILE A 1 159 ? -6.80167  4.71463   -0.89806  1.000 61.80000  ?  312 ILE B CD1   1 
ATOM   1277 N N     . ALA A 1 160 ? -2.94023  9.50288   -0.85782  1.000 46.40000  ?  313 ALA B N     1 
ATOM   1278 C CA    . ALA A 1 160 ? -2.18544  10.39238  0.01084   1.000 49.40000  ?  313 ALA B CA    1 
ATOM   1279 C C     . ALA A 1 160 ? -3.15101  11.16219  0.90692   1.000 60.78000  ?  313 ALA B C     1 
ATOM   1280 O O     . ALA A 1 160 ? -4.23029  11.55633  0.46653   1.000 49.23000  ?  313 ALA B O     1 
ATOM   1281 C CB    . ALA A 1 160 ? -1.33747  11.36121  -0.81171  1.000 46.77000  ?  313 ALA B CB    1 
ATOM   1282 N N     . TYR A 1 161 ? -2.76532  11.36683  2.16940   1.000 53.57000  ?  314 TYR B N     1 
ATOM   1283 C CA    . TYR A 1 161 ? -3.60819  12.10702  3.10085   1.000 57.50000  ?  314 TYR B CA    1 
ATOM   1284 C C     . TYR A 1 161 ? -2.75554  12.81925  4.13746   1.000 63.98000  ?  314 TYR B C     1 
ATOM   1285 O O     . TYR A 1 161 ? -1.60687  12.44228  4.40046   1.000 54.18000  ?  314 TYR B O     1 
ATOM   1286 C CB    . TYR A 1 161 ? -4.61725  11.19799  3.80638   1.000 62.37000  ?  314 TYR B CB    1 
ATOM   1287 C CG    . TYR A 1 161 ? -4.01175  9.98245   4.46381   1.000 60.10000  ?  314 TYR B CG    1 
ATOM   1288 C CD1   . TYR A 1 161 ? -3.79452  8.82332   3.73434   1.000 52.31000  ?  314 TYR B CD1   1 
ATOM   1289 C CD2   . TYR A 1 161 ? -3.67636  9.98481   5.81353   1.000 63.73000  ?  314 TYR B CD2   1 
ATOM   1290 C CE1   . TYR A 1 161 ? -3.25293  7.70272   4.31767   1.000 58.60000  ?  314 TYR B CE1   1 
ATOM   1291 C CE2   . TYR A 1 161 ? -3.12679  8.85985   6.41447   1.000 56.28000  ?  314 TYR B CE2   1 
ATOM   1292 C CZ    . TYR A 1 161 ? -2.91805  7.72236   5.65850   1.000 52.43000  ?  314 TYR B CZ    1 
ATOM   1293 O OH    . TYR A 1 161 ? -2.37468  6.59340   6.22630   1.000 60.46000  ?  314 TYR B OH    1 
ATOM   1294 N N     . GLN A 1 162 ? -3.34703  13.85923  4.72800   1.000 67.23000  ?  315 GLN B N     1 
ATOM   1295 C CA    . GLN A 1 162 ? -2.73642  14.60788  5.81876   1.000 73.94000  ?  315 GLN B CA    1 
ATOM   1296 C C     . GLN A 1 162 ? -3.79417  14.93531  6.86304   1.000 74.33000  ?  315 GLN B C     1 
ATOM   1297 O O     . GLN A 1 162 ? -4.84641  15.48322  6.52841   1.000 97.62000  ?  315 GLN B O     1 
ATOM   1298 C CB    . GLN A 1 162 ? -2.08558  15.89452  5.31027   1.000 63.59000  ?  315 GLN B CB    1 
ATOM   1299 C CG    . GLN A 1 162 ? -1.55625  16.77173  6.42856   1.000 97.46000  ?  315 GLN B CG    1 
ATOM   1300 C CD    . GLN A 1 162 ? -0.09446  17.11704  6.24154   1.000 116.31000 ?  315 GLN B CD    1 
ATOM   1301 O OE1   . GLN A 1 162 ? 0.31795   17.54848  5.16401   1.000 114.71000 ?  315 GLN B OE1   1 
ATOM   1302 N NE2   . GLN A 1 162 ? 0.70610   16.90679  7.28843   1.000 104.74000 ?  315 GLN B NE2   1 
ATOM   1303 N N     . GLU A 1 163 ? -3.50641  14.60614  8.13261   1.000 99.26000  ?  316 GLU B N     1 
ATOM   1304 C CA    . GLU A 1 163 ? -4.43851  14.83387  9.22862   1.000 102.80000 ?  316 GLU B CA    1 
ATOM   1305 C C     . GLU A 1 163 ? -4.33739  16.26824  9.74981   1.000 114.30000 ?  316 GLU B C     1 
ATOM   1306 O O     . GLU A 1 163 ? -3.28012  16.89731  9.65673   1.000 115.26000 ?  316 GLU B O     1 
ATOM   1307 C CB    . GLU A 1 163 ? -4.17199  13.84056  10.36023  1.000 96.85000  ?  316 GLU B CB    1 
ATOM   1308 C CG    . GLU A 1 163 ? -2.69906  13.47419  10.56177  1.000 102.84000 ?  316 GLU B CG    1 
ATOM   1309 C CD    . GLU A 1 163 ? -1.91058  14.48663  11.38135  1.000 125.20000 ?  316 GLU B CD    1 
ATOM   1310 O OE1   . GLU A 1 163 ? -2.52220  15.40500  11.96894  1.000 126.20000 ?  316 GLU B OE1   1 
ATOM   1311 O OE2   . GLU A 1 163 ? -0.66569  14.37374  11.41832  1.000 111.86000 ?  316 GLU B OE2   1 
ATOM   1312 N N     . SER A 1 169 ? -13.19665 14.91429  12.73099  1.000 84.15000  ?  322 SER B N     1 
ATOM   1313 C CA    . SER A 1 169 ? -11.81993 14.77592  12.27234  1.000 109.72000 ?  322 SER B CA    1 
ATOM   1314 C C     . SER A 1 169 ? -11.73811 13.81928  11.07832  1.000 125.90000 ?  322 SER B C     1 
ATOM   1315 O O     . SER A 1 169 ? -12.71092 13.66274  10.33750  1.000 114.22000 ?  322 SER B O     1 
ATOM   1316 C CB    . SER A 1 169 ? -10.92367 14.29497  13.41527  1.000 100.06000 ?  322 SER B CB    1 
ATOM   1317 O OG    . SER A 1 169 ? -10.31923 15.39338  14.08265  1.000 88.83000  ?  322 SER B OG    1 
ATOM   1318 N N     . PHE A 1 170 ? -10.58153 13.17763  10.90456  1.000 125.96000 ?  323 PHE B N     1 
ATOM   1319 C CA    . PHE A 1 170 ? -10.28617 12.37092  9.72136   1.000 112.54000 ?  323 PHE B CA    1 
ATOM   1320 C C     . PHE A 1 170 ? -10.44779 10.88469  10.02130  1.000 100.94000 ?  323 PHE B C     1 
ATOM   1321 O O     . PHE A 1 170 ? -9.94946  10.39339  11.04074  1.000 97.42000  ?  323 PHE B O     1 
ATOM   1322 C CB    . PHE A 1 170 ? -8.86426  12.65211  9.22431   1.000 109.94000 ?  323 PHE B CB    1 
ATOM   1323 C CG    . PHE A 1 170 ? -8.44318  11.79503  8.06267   1.000 99.81000  ?  323 PHE B CG    1 
ATOM   1324 C CD1   . PHE A 1 170 ? -8.80241  12.13554  6.76659   1.000 95.51000  ?  323 PHE B CD1   1 
ATOM   1325 C CD2   . PHE A 1 170 ? -7.68574  10.65010  8.26574   1.000 94.17000  ?  323 PHE B CD2   1 
ATOM   1326 C CE1   . PHE A 1 170 ? -8.41802  11.35089  5.69234   1.000 94.36000  ?  323 PHE B CE1   1 
ATOM   1327 C CE2   . PHE A 1 170 ? -7.29773  9.85692   7.19552   1.000 89.32000  ?  323 PHE B CE2   1 
ATOM   1328 C CZ    . PHE A 1 170 ? -7.66414  10.20873  5.90697   1.000 86.53000  ?  323 PHE B CZ    1 
ATOM   1329 N N     . SER A 1 171 ? -11.11995 10.16704  9.11618   1.000 87.78000  ?  324 SER B N     1 
ATOM   1330 C CA    . SER A 1 171 ? -11.34542 8.72763   9.23574   1.000 91.13000  ?  324 SER B CA    1 
ATOM   1331 C C     . SER A 1 171 ? -10.69547 8.01462   8.05602   1.000 89.47000  ?  324 SER B C     1 
ATOM   1332 O O     . SER A 1 171 ? -11.13564 8.16892   6.91019   1.000 78.82000  ?  324 SER B O     1 
ATOM   1333 C CB    . SER A 1 171 ? -12.83694 8.40561   9.29275   1.000 77.24000  ?  324 SER B CB    1 
ATOM   1334 O OG    . SER A 1 171 ? -13.06800 7.04714   8.95524   1.000 78.95000  ?  324 SER B OG    1 
ATOM   1335 N N     . LEU A 1 172 ? -9.66902  7.20845   8.34143   1.000 92.55000  ?  325 LEU B N     1 
ATOM   1336 C CA    . LEU A 1 172 ? -8.96488  6.50052   7.27619   1.000 85.28000  ?  325 LEU B CA    1 
ATOM   1337 C C     . LEU A 1 172 ? -9.89207  5.53734   6.54440   1.000 78.26000  ?  325 LEU B C     1 
ATOM   1338 O O     . LEU A 1 172 ? -9.86460  5.45468   5.31000   1.000 66.49000  ?  325 LEU B O     1 
ATOM   1339 C CB    . LEU A 1 172 ? -7.75555  5.75841   7.85008   1.000 78.96000  ?  325 LEU B CB    1 
ATOM   1340 C CG    . LEU A 1 172 ? -6.78824  5.09408   6.85945   1.000 75.10000  ?  325 LEU B CG    1 
ATOM   1341 C CD1   . LEU A 1 172 ? -6.21373  6.11736   5.88737   1.000 52.53000  ?  325 LEU B CD1   1 
ATOM   1342 C CD2   . LEU A 1 172 ? -5.67284  4.37742   7.59856   1.000 66.63000  ?  325 LEU B CD2   1 
ATOM   1343 N N     . SER A 1 173 ? -10.73103 4.80869   7.29048   1.000 85.88000  ?  326 SER B N     1 
ATOM   1344 C CA    . SER A 1 173 ? -11.68024 3.88469   6.67227   1.000 79.25000  ?  326 SER B CA    1 
ATOM   1345 C C     . SER A 1 173 ? -12.59351 4.59372   5.68293   1.000 73.65000  ?  326 SER B C     1 
ATOM   1346 O O     . SER A 1 173 ? -12.97842 4.00867   4.66395   1.000 69.24000  ?  326 SER B O     1 
ATOM   1347 C CB    . SER A 1 173 ? -12.52143 3.19410   7.74484   1.000 79.55000  ?  326 SER B CB    1 
ATOM   1348 O OG    . SER A 1 173 ? -12.77933 4.07700   8.82577   1.000 86.23000  ?  326 SER B OG    1 
ATOM   1349 N N     . GLN A 1 174 ? -12.95409 5.84604   5.96620   1.000 74.98000  ?  327 GLN B N     1 
ATOM   1350 C CA    . GLN A 1 174 ? -13.79532 6.59697   5.04302   1.000 74.19000  ?  327 GLN B CA    1 
ATOM   1351 C C     . GLN A 1 174 ? -12.99879 7.08307   3.83924   1.000 67.79000  ?  327 GLN B C     1 
ATOM   1352 O O     . GLN A 1 174 ? -13.48490 7.02761   2.70359   1.000 66.71000  ?  327 GLN B O     1 
ATOM   1353 C CB    . GLN A 1 174 ? -14.44333 7.77808   5.76573   1.000 84.42000  ?  327 GLN B CB    1 
ATOM   1354 C CG    . GLN A 1 174 ? -15.61991 7.38188   6.63952   1.000 83.32000  ?  327 GLN B CG    1 
ATOM   1355 C CD    . GLN A 1 174 ? -16.85453 7.04535   5.82715   1.000 72.13000  ?  327 GLN B CD    1 
ATOM   1356 O OE1   . GLN A 1 174 ? -17.35773 7.86879   5.05789   1.000 78.32000  ?  327 GLN B OE1   1 
ATOM   1357 N NE2   . GLN A 1 174 ? -17.33968 5.82084   5.97885   1.000 85.36000  ?  327 GLN B NE2   1 
ATOM   1358 N N     . GLU A 1 175 ? -11.77339 7.55596   4.06562   1.000 73.90000  ?  328 GLU B N     1 
ATOM   1359 C CA    . GLU A 1 175 ? -10.95623 8.01485   2.94734   1.000 74.25000  ?  328 GLU B CA    1 
ATOM   1360 C C     . GLU A 1 175 ? -10.72171 6.89303   1.94005   1.000 75.13000  ?  328 GLU B C     1 
ATOM   1361 O O     . GLU A 1 175 ? -10.75209 7.12313   0.72367   1.000 73.74000  ?  328 GLU B O     1 
ATOM   1362 C CB    . GLU A 1 175 ? -9.63261  8.57701   3.46499   1.000 79.49000  ?  328 GLU B CB    1 
ATOM   1363 C CG    . GLU A 1 175 ? -8.86139  9.37849   2.42830   1.000 95.31000  ?  328 GLU B CG    1 
ATOM   1364 C CD    . GLU A 1 175 ? -9.64209  10.57547  1.91101   1.000 104.10000 ?  328 GLU B CD    1 
ATOM   1365 O OE1   . GLU A 1 175 ? -9.51234  10.89488  0.70753   1.000 107.22000 ?  328 GLU B OE1   1 
ATOM   1366 O OE2   . GLU A 1 175 ? -10.37842 11.19931  2.70463   1.000 98.92000  ?  328 GLU B OE2   1 
ATOM   1367 N N     . VAL A 1 176 ? -10.51614 5.66570   2.42407   1.000 61.33000  ?  329 VAL B N     1 
ATOM   1368 C CA    . VAL A 1 176 ? -10.35125 4.53446   1.51670   1.000 59.64000  ?  329 VAL B CA    1 
ATOM   1369 C C     . VAL A 1 176 ? -11.66298 4.22650   0.80598   1.000 68.01000  ?  329 VAL B C     1 
ATOM   1370 O O     . VAL A 1 176 ? -11.69189 4.00860   -0.41228  1.000 69.35000  ?  329 VAL B O     1 
ATOM   1371 C CB    . VAL A 1 176 ? -9.82421  3.30563   2.27971   1.000 64.79000  ?  329 VAL B CB    1 
ATOM   1372 C CG1   . VAL A 1 176 ? -9.79476  2.09044   1.36223   1.000 67.81000  ?  329 VAL B CG1   1 
ATOM   1373 C CG2   . VAL A 1 176 ? -8.43758  3.58084   2.85787   1.000 58.23000  ?  329 VAL B CG2   1 
ATOM   1374 N N     . LEU A 1 177 ? -12.76728 4.19975   1.55594   1.000 74.37000  ?  330 LEU B N     1 
ATOM   1375 C CA    . LEU A 1 177 ? -14.06975 3.89583   0.96754   1.000 76.39000  ?  330 LEU B CA    1 
ATOM   1376 C C     . LEU A 1 177 ? -14.44388 4.89059   -0.12519  1.000 74.32000  ?  330 LEU B C     1 
ATOM   1377 O O     . LEU A 1 177 ? -15.07017 4.51142   -1.12275  1.000 77.21000  ?  330 LEU B O     1 
ATOM   1378 C CB    . LEU A 1 177 ? -15.13707 3.87074   2.06354   1.000 68.77000  ?  330 LEU B CB    1 
ATOM   1379 C CG    . LEU A 1 177 ? -15.34243 2.51190   2.74075   1.000 69.85000  ?  330 LEU B CG    1 
ATOM   1380 C CD1   . LEU A 1 177 ? -16.31773 2.61970   3.90225   1.000 80.52000  ?  330 LEU B CD1   1 
ATOM   1381 C CD2   . LEU A 1 177 ? -15.82560 1.47808   1.73187   1.000 76.51000  ?  330 LEU B CD2   1 
ATOM   1382 N N     . ARG A 1 178 ? -14.05462 6.15818   0.03187   1.000 62.55000  ?  331 ARG B N     1 
ATOM   1383 C CA    . ARG A 1 178 ? -14.34422 7.14976   -0.99880  1.000 71.36000  ?  331 ARG B CA    1 
ATOM   1384 C C     . ARG A 1 178 ? -13.66707 6.78752   -2.31627  1.000 81.91000  ?  331 ARG B C     1 
ATOM   1385 O O     . ARG A 1 178 ? -14.28866 6.84700   -3.38342  1.000 83.58000  ?  331 ARG B O     1 
ATOM   1386 C CB    . ARG A 1 178 ? -13.91630 8.53865   -0.52575  1.000 67.29000  ?  331 ARG B CB    1 
ATOM   1387 C CG    . ARG A 1 178 ? -14.42402 9.66209   -1.40647  1.000 86.33000  ?  331 ARG B CG    1 
ATOM   1388 C CD    . ARG A 1 178 ? -13.95202 11.01289  -0.90617  1.000 87.43000  ?  331 ARG B CD    1 
ATOM   1389 N NE    . ARG A 1 178 ? -12.50354 11.06182  -0.72205  1.000 95.19000  ?  331 ARG B NE    1 
ATOM   1390 C CZ    . ARG A 1 178 ? -11.61415 11.05936  -1.71187  1.000 104.64000 ?  331 ARG B CZ    1 
ATOM   1391 N NH1   . ARG A 1 178 ? -12.01055 11.01061  -2.97790  1.000 98.47000  ?  331 ARG B NH1   1 
ATOM   1392 N NH2   . ARG A 1 178 ? -10.31789 11.10851  -1.43182  1.000 105.09000 ?  331 ARG B NH2   1 
ATOM   1393 N N     . HIS A 1 179 ? -12.38621 6.40379   -2.26317  1.000 82.83000  ?  332 HIS B N     1 
ATOM   1394 C CA    . HIS A 1 179 ? -11.72220 5.91336   -3.46928  1.000 76.74000  ?  332 HIS B CA    1 
ATOM   1395 C C     . HIS A 1 179 ? -12.38478 4.63983   -3.97573  1.000 73.01000  ?  332 HIS B C     1 
ATOM   1396 O O     . HIS A 1 179 ? -12.59214 4.47303   -5.18276  1.000 78.31000  ?  332 HIS B O     1 
ATOM   1397 C CB    . HIS A 1 179 ? -10.24156 5.65875   -3.19754  1.000 72.71000  ?  332 HIS B CB    1 
ATOM   1398 C CG    . HIS A 1 179 ? -9.42096  6.90305   -3.07745  1.000 67.25000  ?  332 HIS B CG    1 
ATOM   1399 N ND1   . HIS A 1 179 ? -9.25601  7.57251   -1.88392  1.000 78.39000  ?  332 HIS B ND1   1 
ATOM   1400 C CD2   . HIS A 1 179 ? -8.70851  7.59387   -3.99797  1.000 69.10000  ?  332 HIS B CD2   1 
ATOM   1401 C CE1   . HIS A 1 179 ? -8.47975  8.62448   -2.07584  1.000 82.03000  ?  332 HIS B CE1   1 
ATOM   1402 N NE2   . HIS A 1 179 ? -8.13430  8.66061   -3.34935  1.000 72.43000  ?  332 HIS B NE2   1 
ATOM   1403 N N     . LEU A 1 180 ? -12.72830 3.73359   -3.05775  1.000 75.39000  ?  333 LEU B N     1 
ATOM   1404 C CA    . LEU A 1 180 ? -13.31416 2.45369   -3.44132  1.000 67.44000  ?  333 LEU B CA    1 
ATOM   1405 C C     . LEU A 1 180 ? -14.64160 2.64315   -4.16140  1.000 87.87000  ?  333 LEU B C     1 
ATOM   1406 O O     . LEU A 1 180 ? -14.94323 1.92603   -5.12210  1.000 84.84000  ?  333 LEU B O     1 
ATOM   1407 C CB    . LEU A 1 180 ? -13.49749 1.58949   -2.19503  1.000 71.32000  ?  333 LEU B CB    1 
ATOM   1408 C CG    . LEU A 1 180 ? -13.23359 0.08883   -2.25776  1.000 76.64000  ?  333 LEU B CG    1 
ATOM   1409 C CD1   . LEU A 1 180 ? -12.10119 -0.23053  -3.21103  1.000 78.77000  ?  333 LEU B CD1   1 
ATOM   1410 C CD2   . LEU A 1 180 ? -12.91424 -0.41787  -0.86553  1.000 60.91000  ?  333 LEU B CD2   1 
ATOM   1411 N N     . ARG A 1 181 ? -15.44339 3.61467   -3.71499  1.000 89.33000  ?  334 ARG B N     1 
ATOM   1412 C CA    . ARG A 1 181 ? -16.77778 3.79052   -4.27570  1.000 84.53000  ?  334 ARG B CA    1 
ATOM   1413 C C     . ARG A 1 181 ? -16.72941 4.39751   -5.66951  1.000 91.08000  ?  334 ARG B C     1 
ATOM   1414 O O     . ARG A 1 181 ? -17.63290 4.15640   -6.47653  1.000 95.84000  ?  334 ARG B O     1 
ATOM   1415 C CB    . ARG A 1 181 ? -17.62831 4.64412   -3.33743  1.000 84.05000  ?  334 ARG B CB    1 
ATOM   1416 C CG    . ARG A 1 181 ? -18.32329 3.81691   -2.26377  1.000 82.82000  ?  334 ARG B CG    1 
ATOM   1417 C CD    . ARG A 1 181 ? -18.78051 4.64350   -1.07835  1.000 79.48000  ?  334 ARG B CD    1 
ATOM   1418 N NE    . ARG A 1 181 ? -19.32567 3.77849   -0.03928  1.000 74.07000  ?  334 ARG B NE    1 
ATOM   1419 C CZ    . ARG A 1 181 ? -19.41960 4.11154   1.24277   1.000 74.38000  ?  334 ARG B CZ    1 
ATOM   1420 N NH1   . ARG A 1 181 ? -19.92391 3.24623   2.11031   1.000 81.82000  ?  334 ARG B NH1   1 
ATOM   1421 N NH2   . ARG A 1 181 ? -19.01238 5.30423   1.65534   1.000 83.81000  ?  334 ARG B NH2   1 
ATOM   1422 N N     . GLN A 1 182 ? -15.69259 5.17987   -5.97584  1.000 88.41000  ?  335 GLN B N     1 
ATOM   1423 C CA    . GLN A 1 182 ? -15.50798 5.62588   -7.35133  1.000 96.24000  ?  335 GLN B CA    1 
ATOM   1424 C C     . GLN A 1 182 ? -15.27796 4.43803   -8.27787  1.000 110.58000 ?  335 GLN B C     1 
ATOM   1425 O O     . GLN A 1 182 ? -15.78851 4.42378   -9.40492  1.000 122.01000 ?  335 GLN B O     1 
ATOM   1426 C CB    . GLN A 1 182 ? -14.34524 6.61576   -7.43514  1.000 87.25000  ?  335 GLN B CB    1 
ATOM   1427 C CG    . GLN A 1 182 ? -14.16811 7.24848   -8.80848  1.000 101.62000 ?  335 GLN B CG    1 
ATOM   1428 C CD    . GLN A 1 182 ? -13.17687 6.48990   -9.68152  1.000 118.78000 ?  335 GLN B CD    1 
ATOM   1429 O OE1   . GLN A 1 182 ? -13.56283 5.65463   -10.50279 1.000 114.42000 ?  335 GLN B OE1   1 
ATOM   1430 N NE2   . GLN A 1 182 ? -11.89244 6.77817   -9.50609  1.000 107.31000 ?  335 GLN B NE2   1 
ATOM   1431 N N     . GLU A 1 183 ? -14.52119 3.43886   -7.79932  1.000 107.42000 ?  336 GLU B N     1 
ATOM   1432 C CA    . GLU A 1 183 ? -14.15505 2.14661   -8.43312  1.000 116.36000 ?  336 GLU B CA    1 
ATOM   1433 C C     . GLU A 1 183 ? -12.63589 2.05782   -8.55344  1.000 112.55000 ?  336 GLU B C     1 
ATOM   1434 O O     . GLU A 1 183 ? -12.04261 1.00398   -8.31353  1.000 102.55000 ?  336 GLU B O     1 
ATOM   1435 C CB    . GLU A 1 183 ? -14.78512 1.91993   -9.81519  1.000 100.30000 ?  336 GLU B CB    1 
ATOM   1436 C CG    . GLU A 1 183 ? -16.12015 1.19221   -9.78220  1.000 99.55000  ?  336 GLU B CG    1 
ATOM   1437 C CD    . GLU A 1 183 ? -17.09834 1.72434   -10.81525 1.000 127.11000 ?  336 GLU B CD    1 
ATOM   1438 O OE1   . GLU A 1 183 ? -18.32226 1.62492   -10.58416 1.000 112.26000 ?  336 GLU B OE1   1 
ATOM   1439 O OE2   . GLU A 1 183 ? -16.64334 2.24027   -11.86048 1.000 126.24000 ?  336 GLU B OE2   1 
HETATM 1440 C C2    . 9UH B 2 .   ? 15.72057  -9.60596  1.43539   0.500 53.44000  ?  401 9UH B C2    1 
HETATM 1441 N N01   . 9UH B 2 .   ? 12.39325  -10.17397 2.79857   0.500 52.95000  ?  401 9UH B N01   1 
HETATM 1442 C C6    . 9UH B 2 .   ? 13.55844  -9.51305  2.39827   0.500 50.17000  ?  401 9UH B C6    1 
HETATM 1443 N N1    . 9UH B 2 .   ? 14.56268  -10.26224 1.83596   0.500 52.83000  ?  401 9UH B N1    1 
HETATM 1444 N N3    . 9UH B 2 .   ? 16.00942  -8.29030  1.52621   0.500 50.52000  ?  401 9UH B N3    1 
HETATM 1445 C C4    . 9UH B 2 .   ? 15.00424  -7.52851  2.09394   0.500 47.28000  ?  401 9UH B C4    1 
HETATM 1446 C C5    . 9UH B 2 .   ? 13.77762  -8.09505  2.53810   0.500 43.28000  ?  401 9UH B C5    1 
HETATM 1447 N N7    . 9UH B 2 .   ? 12.96249  -7.06074  3.07995   0.500 47.65000  ?  401 9UH B N7    1 
HETATM 1448 C C8    . 9UH B 2 .   ? 13.69089  -5.90332  2.95557   0.500 46.53000  ?  401 9UH B C8    1 
HETATM 1449 N N9    . 9UH B 2 .   ? 14.96669  -6.14299  2.37098   0.500 48.59000  ?  401 9UH B N9    1 
HETATM 1450 C "C1'" . 9UH B 2 .   ? 15.97244  -5.06364  2.09524   0.500 46.83000  ?  401 9UH B "C1'" 1 
HETATM 1451 C "C2'" . 9UH B 2 .   ? 15.93350  -4.75491  0.61264   0.500 46.84000  ?  401 9UH B "C2'" 1 
HETATM 1452 O "O2'" . 9UH B 2 .   ? 17.21647  -4.29673  0.30258   0.500 51.69000  ?  401 9UH B "O2'" 1 
HETATM 1453 C "C3'" . 9UH B 2 .   ? 14.89475  -3.61830  0.55294   0.500 43.71000  ?  401 9UH B "C3'" 1 
HETATM 1454 C "C4'" . 9UH B 2 .   ? 15.36019  -2.77464  1.72439   0.500 43.42000  ?  401 9UH B "C4'" 1 
HETATM 1455 C C16   . 9UH B 2 .   ? 14.24030  -1.77062  2.27225   0.500 40.04000  ?  401 9UH B C16   1 
HETATM 1456 O O17   . 9UH B 2 .   ? 13.11495  -2.56255  2.57649   0.500 39.81000  ?  401 9UH B O17   1 
HETATM 1457 P P18   . 9UH B 2 .   ? 11.49020  -2.06956  2.73524   0.500 41.91000  ?  401 9UH B P18   1 
HETATM 1458 O O19   . 9UH B 2 .   ? 11.55076  -0.58581  2.94116   0.500 43.81000  -1 401 9UH B O19   1 
HETATM 1459 O O20   . 9UH B 2 .   ? 10.53764  -2.35640  1.31589   0.500 59.15000  ?  401 9UH B O20   1 
HETATM 1460 C C21   . 9UH B 2 .   ? 10.28255  -1.46239  0.31584   0.500 48.59000  ?  401 9UH B C21   1 
HETATM 1461 C C22   . 9UH B 2 .   ? 11.59447  -0.96975  -0.34883  0.500 46.97000  ?  401 9UH B C22   1 
HETATM 1462 O O23   . 9UH B 2 .   ? 11.84820  0.36158   0.04044   0.500 50.93000  ?  401 9UH B O23   1 
HETATM 1463 C C24   . 9UH B 2 .   ? 11.39987  -1.08444  -1.83604  0.500 41.17000  ?  401 9UH B C24   1 
HETATM 1464 C C25   . 9UH B 2 .   ? 12.74561  -1.57208  -2.47074  0.500 41.30000  ?  401 9UH B C25   1 
HETATM 1465 O O26   . 9UH B 2 .   ? 12.80259  -2.94685  -2.44940  0.500 50.76000  ?  401 9UH B O26   1 
HETATM 1466 P P27   . 9UH B 2 .   ? 14.31188  -3.66297  -2.02308  0.500 47.18000  ?  401 9UH B P27   1 
HETATM 1467 O O28   . 9UH B 2 .   ? 14.96631  -2.96075  -0.58993  0.500 42.03000  ?  401 9UH B O28   1 
HETATM 1468 O O29   . 9UH B 2 .   ? 15.08817  -2.89112  -3.05827  0.500 47.52000  ?  401 9UH B O29   1 
HETATM 1469 O O30   . 9UH B 2 .   ? 14.17353  -5.12260  -1.80489  0.500 38.74000  -1 401 9UH B O30   1 
HETATM 1470 O O31   . 9UH B 2 .   ? 10.34080  -2.01524  -2.04913  0.500 48.47000  ?  401 9UH B O31   1 
HETATM 1471 C C32   . 9UH B 2 .   ? 9.56847   -2.20951  -0.84753  0.500 46.23000  ?  401 9UH B C32   1 
HETATM 1472 N N33   . 9UH B 2 .   ? 9.24506   -3.65742  -0.56370  0.500 47.88000  ?  401 9UH B N33   1 
HETATM 1473 C C34   . 9UH B 2 .   ? 10.16152  -4.71060  -0.89818  0.500 47.09000  ?  401 9UH B C34   1 
HETATM 1474 N N35   . 9UH B 2 .   ? 9.65011   -5.92608  -0.54971  0.500 46.85000  ?  401 9UH B N35   1 
HETATM 1475 C C36   . 9UH B 2 .   ? 8.11946   -4.26076  0.03130   0.500 48.47000  ?  401 9UH B C36   1 
HETATM 1476 C C37   . 9UH B 2 .   ? 8.38165   -5.63909  0.02690   0.500 41.53000  ?  401 9UH B C37   1 
HETATM 1477 C C38   . 9UH B 2 .   ? 7.40182   -6.54963  0.56279   0.500 46.40000  ?  401 9UH B C38   1 
HETATM 1478 N N39   . 9UH B 2 .   ? 6.17354   -5.95838  1.08492   0.500 53.87000  ?  401 9UH B N39   1 
HETATM 1479 C C40   . 9UH B 2 .   ? 5.98167   -4.55446  1.05451   0.500 53.79000  ?  401 9UH B C40   1 
HETATM 1480 N N41   . 9UH B 2 .   ? 4.75829   -3.99790  1.58026   0.500 53.38000  ?  401 9UH B N41   1 
HETATM 1481 N N42   . 9UH B 2 .   ? 6.90182   -3.71517  0.55350   0.500 52.23000  ?  401 9UH B N42   1 
HETATM 1482 O O43   . 9UH B 2 .   ? 7.45859   -7.77859  0.64663   0.500 54.86000  ?  401 9UH B O43   1 
HETATM 1483 O O44   . 9UH B 2 .   ? 10.86114  -3.00633  3.70501   0.500 52.47000  ?  401 9UH B O44   1 
HETATM 1484 O "O4'" . 9UH B 2 .   ? 15.63303  -3.79152  2.73642   0.500 49.95000  ?  401 9UH B "O4'" 1 
HETATM 1485 O O     . HOH C 3 .   ? -11.62413 10.26927  -5.11311  1.000 73.51000  ?  501 HOH B O     1 
HETATM 1486 O O     . HOH C 3 .   ? 10.39065  -0.06537  7.80738   1.000 57.59000  ?  502 HOH B O     1 
HETATM 1487 O O     . HOH C 3 .   ? -2.58613  6.11632   8.48308   1.000 51.26000  ?  503 HOH B O     1 
HETATM 1488 O O     . HOH C 3 .   ? 12.19581  -7.21811  -3.83919  1.000 53.96000  ?  504 HOH B O     1 
HETATM 1489 O O     . HOH C 3 .   ? 0.27288   -12.87423 0.26238   1.000 68.80000  ?  505 HOH B O     1 
HETATM 1490 O O     . HOH C 3 .   ? -0.09154  -10.58164 4.30467   1.000 63.09000  ?  506 HOH B O     1 
HETATM 1491 O O     . HOH C 3 .   ? 6.48200   -11.26170 2.43408   1.000 59.30000  ?  507 HOH B O     1 
HETATM 1492 O O     . HOH C 3 .   ? 18.25891  12.98299  11.43179  1.000 55.55000  ?  508 HOH B O     1 
HETATM 1493 O O     . HOH C 3 .   ? 12.07389  10.11470  19.37327  1.000 56.82000  ?  509 HOH B O     1 
HETATM 1494 O O     . HOH C 3 .   ? -3.04734  1.43735   -11.94068 1.000 61.17000  ?  510 HOH B O     1 
HETATM 1495 O O     . HOH C 3 .   ? 21.95240  7.74361   14.66480  1.000 50.63000  ?  511 HOH B O     1 
HETATM 1496 O O     . HOH C 3 .   ? 4.20589   11.08263  12.50838  1.000 53.41000  ?  512 HOH B O     1 
HETATM 1497 O O     . HOH C 3 .   ? 17.83643  14.36510  -0.06234  1.000 52.70000  ?  513 HOH B O     1 
# 
loop_
_pdbx_poly_seq_scheme.asym_id 
_pdbx_poly_seq_scheme.entity_id 
_pdbx_poly_seq_scheme.seq_id 
_pdbx_poly_seq_scheme.mon_id 
_pdbx_poly_seq_scheme.ndb_seq_num 
_pdbx_poly_seq_scheme.pdb_seq_num 
_pdbx_poly_seq_scheme.auth_seq_num 
_pdbx_poly_seq_scheme.pdb_mon_id 
_pdbx_poly_seq_scheme.auth_mon_id 
_pdbx_poly_seq_scheme.pdb_strand_id 
_pdbx_poly_seq_scheme.pdb_ins_code 
_pdbx_poly_seq_scheme.hetero 
A 1 1   SER 1   154 154 SER SER B . n 
A 1 2   VAL 2   155 155 VAL VAL B . n 
A 1 3   ALA 3   156 156 ALA ALA B . n 
A 1 4   HIS 4   157 157 HIS HIS B . n 
A 1 5   GLY 5   158 158 GLY GLY B . n 
A 1 6   LEU 6   159 159 LEU LEU B . n 
A 1 7   ALA 7   160 160 ALA ALA B . n 
A 1 8   TRP 8   161 161 TRP TRP B . n 
A 1 9   SER 9   162 162 SER SER B . n 
A 1 10  TYR 10  163 163 TYR TYR B . n 
A 1 11  TYR 11  164 164 TYR TYR B . n 
A 1 12  ILE 12  165 165 ILE ILE B . n 
A 1 13  GLY 13  166 166 GLY GLY B . n 
A 1 14  TYR 14  167 167 TYR TYR B . n 
A 1 15  LEU 15  168 168 LEU LEU B . n 
A 1 16  ARG 16  169 169 ARG ARG B . n 
A 1 17  LEU 17  170 170 LEU LEU B . n 
A 1 18  ILE 18  171 171 ILE ILE B . n 
A 1 19  LEU 19  172 172 LEU LEU B . n 
A 1 20  PRO 20  173 173 PRO PRO B . n 
A 1 21  GLU 21  174 174 GLU GLU B . n 
A 1 22  LEU 22  175 175 LEU LEU B . n 
A 1 23  GLN 23  176 176 GLN GLN B . n 
A 1 24  ALA 24  177 177 ALA ALA B . n 
A 1 25  ARG 25  178 178 ARG ARG B . n 
A 1 26  ILE 26  179 179 ILE ILE B . n 
A 1 27  ARG 27  180 180 ARG ARG B . n 
A 1 28  THR 28  181 181 THR THR B . n 
A 1 29  TYR 29  182 182 TYR TYR B . n 
A 1 30  ASN 30  183 183 ASN ASN B . n 
A 1 31  GLN 31  184 184 GLN GLN B . n 
A 1 32  HIS 32  185 185 HIS HIS B . n 
A 1 33  TYR 33  186 186 TYR TYR B . n 
A 1 34  ASN 34  187 187 ASN ASN B . n 
A 1 35  ASN 35  188 188 ASN ASN B . n 
A 1 36  LEU 36  189 189 LEU LEU B . n 
A 1 37  LEU 37  190 190 LEU LEU B . n 
A 1 38  ARG 38  191 191 ARG ARG B . n 
A 1 39  GLY 39  192 192 GLY GLY B . n 
A 1 40  ALA 40  193 193 ALA ALA B . n 
A 1 41  VAL 41  194 194 VAL VAL B . n 
A 1 42  SER 42  195 195 SER SER B . n 
A 1 43  GLN 43  196 196 GLN GLN B . n 
A 1 44  ARG 44  197 197 ARG ARG B . n 
A 1 45  LEU 45  198 198 LEU LEU B . n 
A 1 46  TYR 46  199 199 TYR TYR B . n 
A 1 47  ILE 47  200 200 ILE ILE B . n 
A 1 48  LEU 48  201 201 LEU LEU B . n 
A 1 49  LEU 49  202 202 LEU LEU B . n 
A 1 50  PRO 50  203 203 PRO PRO B . n 
A 1 51  LEU 51  204 204 LEU LEU B . n 
A 1 52  ASP 52  205 205 ASP ASP B . n 
A 1 53  CYS 53  206 206 CYS CYS B . n 
A 1 54  GLY 54  207 207 GLY GLY B . n 
A 1 55  VAL 55  208 208 VAL VAL B . n 
A 1 56  PRO 56  209 209 PRO PRO B . n 
A 1 57  ASP 57  210 210 ASP ASP B . n 
A 1 58  ASN 58  211 211 ASN ASN B . n 
A 1 59  LEU 59  212 212 LEU LEU B . n 
A 1 60  SER 60  213 213 SER SER B . n 
A 1 61  MET 61  214 214 MET MET B . n 
A 1 62  ALA 62  215 215 ALA ALA B . n 
A 1 63  ASP 63  216 216 ASP ASP B . n 
A 1 64  PRO 64  217 217 PRO PRO B . n 
A 1 65  ASN 65  218 218 ASN ASN B . n 
A 1 66  ILE 66  219 219 ILE ILE B . n 
A 1 67  ARG 67  220 220 ARG ARG B . n 
A 1 68  PHE 68  221 221 PHE PHE B . n 
A 1 69  LEU 69  222 222 LEU LEU B . n 
A 1 70  ASP 70  223 223 ASP ASP B . n 
A 1 71  LYS 71  224 224 LYS LYS B . n 
A 1 72  LEU 72  225 225 LEU LEU B . n 
A 1 73  PRO 73  226 226 PRO PRO B . n 
A 1 74  GLN 74  227 227 GLN GLN B . n 
A 1 75  GLN 75  228 228 GLN GLN B . n 
A 1 76  THR 76  229 229 THR THR B . n 
A 1 77  GLY 77  230 230 GLY GLY B . n 
A 1 78  ASP 78  231 231 ASP ASP B . n 
A 1 79  HIS 79  232 232 HIS HIS B . n 
A 1 80  ALA 80  233 233 ALA ALA B . n 
A 1 81  GLY 81  234 234 GLY GLY B . n 
A 1 82  ILE 82  235 235 ILE ILE B . n 
A 1 83  LYS 83  236 236 LYS LYS B . n 
A 1 84  ASP 84  237 237 ASP ASP B . n 
A 1 85  ARG 85  238 238 ARG ARG B . n 
A 1 86  VAL 86  239 239 VAL VAL B . n 
A 1 87  TYR 87  240 240 TYR TYR B . n 
A 1 88  SER 88  241 241 SER SER B . n 
A 1 89  ASN 89  242 242 ASN ASN B . n 
A 1 90  SER 90  243 243 SER SER B . n 
A 1 91  ILE 91  244 244 ILE ILE B . n 
A 1 92  TYR 92  245 245 TYR TYR B . n 
A 1 93  GLU 93  246 246 GLU GLU B . n 
A 1 94  LEU 94  247 247 LEU LEU B . n 
A 1 95  LEU 95  248 248 LEU LEU B . n 
A 1 96  GLU 96  249 249 GLU GLU B . n 
A 1 97  ASN 97  250 250 ASN ASN B . n 
A 1 98  GLY 98  251 251 GLY GLY B . n 
A 1 99  GLN 99  252 252 GLN GLN B . n 
A 1 100 ARG 100 253 253 ARG ARG B . n 
A 1 101 ALA 101 254 254 ALA ALA B . n 
A 1 102 GLY 102 255 255 GLY GLY B . n 
A 1 103 THR 103 256 256 THR THR B . n 
A 1 104 CYS 104 257 257 CYS CYS B . n 
A 1 105 VAL 105 258 258 VAL VAL B . n 
A 1 106 LEU 106 259 259 LEU LEU B . n 
A 1 107 GLU 107 260 260 GLU GLU B . n 
A 1 108 TYR 108 261 261 TYR TYR B . n 
A 1 109 ALA 109 262 262 ALA ALA B . n 
A 1 110 THR 110 263 263 THR THR B . n 
A 1 111 PRO 111 264 264 PRO PRO B . n 
A 1 112 LEU 112 265 265 LEU LEU B . n 
A 1 113 GLN 113 266 266 GLN GLN B . n 
A 1 114 THR 114 267 267 THR THR B . n 
A 1 115 LEU 115 268 268 LEU LEU B . n 
A 1 116 PHE 116 269 269 PHE PHE B . n 
A 1 117 ALA 117 270 270 ALA ALA B . n 
A 1 118 MET 118 271 271 MET MET B . n 
A 1 119 SER 119 272 272 SER SER B . n 
A 1 120 GLN 120 273 273 GLN GLN B . n 
A 1 121 TYR 121 274 274 TYR TYR B . n 
A 1 122 SER 122 275 275 SER SER B . n 
A 1 123 GLN 123 276 276 GLN GLN B . n 
A 1 124 ALA 124 277 277 ALA ALA B . n 
A 1 125 GLY 125 278 278 GLY GLY B . n 
A 1 126 PHE 126 279 279 PHE PHE B . n 
A 1 127 SER 127 280 280 SER SER B . n 
A 1 128 ARG 128 281 281 ARG ARG B . n 
A 1 129 GLU 129 282 282 GLU GLU B . n 
A 1 130 ASP 130 283 283 ASP ASP B . n 
A 1 131 ARG 131 284 284 ARG ARG B . n 
A 1 132 LEU 132 285 285 LEU LEU B . n 
A 1 133 GLU 133 286 286 GLU GLU B . n 
A 1 134 GLN 134 287 287 GLN GLN B . n 
A 1 135 ALA 135 288 288 ALA ALA B . n 
A 1 136 LYS 136 289 289 LYS LYS B . n 
A 1 137 LEU 137 290 290 LEU LEU B . n 
A 1 138 PHE 138 291 291 PHE PHE B . n 
A 1 139 CYS 139 292 292 CYS CYS B . n 
A 1 140 ARG 140 293 293 ARG ARG B . n 
A 1 141 THR 141 294 294 THR THR B . n 
A 1 142 LEU 142 295 295 LEU LEU B . n 
A 1 143 GLU 143 296 296 GLU GLU B . n 
A 1 144 ASP 144 297 297 ASP ASP B . n 
A 1 145 ILE 145 298 298 ILE ILE B . n 
A 1 146 LEU 146 299 299 LEU LEU B . n 
A 1 147 ALA 147 300 300 ALA ALA B . n 
A 1 148 ASP 148 301 301 ASP ASP B . n 
A 1 149 ALA 149 302 302 ALA ALA B . n 
A 1 150 PRO 150 303 303 PRO PRO B . n 
A 1 151 GLU 151 304 304 GLU GLU B . n 
A 1 152 SER 152 305 305 SER SER B . n 
A 1 153 GLN 153 306 306 GLN GLN B . n 
A 1 154 ASN 154 307 307 ASN ASN B . n 
A 1 155 ASN 155 308 308 ASN ASN B . n 
A 1 156 CYS 156 309 309 CYS CYS B . n 
A 1 157 ARG 157 310 310 ARG ARG B . n 
A 1 158 LEU 158 311 311 LEU LEU B . n 
A 1 159 ILE 159 312 312 ILE ILE B . n 
A 1 160 ALA 160 313 313 ALA ALA B . n 
A 1 161 TYR 161 314 314 TYR TYR B . n 
A 1 162 GLN 162 315 315 GLN GLN B . n 
A 1 163 GLU 163 316 316 GLU GLU B . n 
A 1 164 PRO 164 317 ?   ?   ?   B . n 
A 1 165 ALA 165 318 ?   ?   ?   B . n 
A 1 166 ASP 166 319 ?   ?   ?   B . n 
A 1 167 ASP 167 320 ?   ?   ?   B . n 
A 1 168 SER 168 321 ?   ?   ?   B . n 
A 1 169 SER 169 322 322 SER SER B . n 
A 1 170 PHE 170 323 323 PHE PHE B . n 
A 1 171 SER 171 324 324 SER SER B . n 
A 1 172 LEU 172 325 325 LEU LEU B . n 
A 1 173 SER 173 326 326 SER SER B . n 
A 1 174 GLN 174 327 327 GLN GLN B . n 
A 1 175 GLU 175 328 328 GLU GLU B . n 
A 1 176 VAL 176 329 329 VAL VAL B . n 
A 1 177 LEU 177 330 330 LEU LEU B . n 
A 1 178 ARG 178 331 331 ARG ARG B . n 
A 1 179 HIS 179 332 332 HIS HIS B . n 
A 1 180 LEU 180 333 333 LEU LEU B . n 
A 1 181 ARG 181 334 334 ARG ARG B . n 
A 1 182 GLN 182 335 335 GLN GLN B . n 
A 1 183 GLU 183 336 336 GLU GLU B . n 
A 1 184 GLU 184 337 ?   ?   ?   B . n 
A 1 185 LYS 185 338 ?   ?   ?   B . n 
A 1 186 GLU 186 339 ?   ?   ?   B . n 
A 1 187 GLU 187 340 ?   ?   ?   B . n 
A 1 188 VAL 188 341 ?   ?   ?   B . n 
# 
_pdbx_contact_author.id                 3 
_pdbx_contact_author.email              pateld@mskcc.org 
_pdbx_contact_author.name_first         Dinshaw 
_pdbx_contact_author.name_last          Patel 
_pdbx_contact_author.name_mi            ? 
_pdbx_contact_author.role               'principal investigator/group leader' 
_pdbx_contact_author.identifier_ORCID   0000-0002-9779-7778 
# 
loop_
_pdbx_nonpoly_scheme.asym_id 
_pdbx_nonpoly_scheme.entity_id 
_pdbx_nonpoly_scheme.mon_id 
_pdbx_nonpoly_scheme.ndb_seq_num 
_pdbx_nonpoly_scheme.pdb_seq_num 
_pdbx_nonpoly_scheme.auth_seq_num 
_pdbx_nonpoly_scheme.pdb_mon_id 
_pdbx_nonpoly_scheme.auth_mon_id 
_pdbx_nonpoly_scheme.pdb_strand_id 
_pdbx_nonpoly_scheme.pdb_ins_code 
B 2 9UH 1  401 1  9UH LIG B . 
C 3 HOH 1  501 8  HOH HOH B . 
C 3 HOH 2  502 13 HOH HOH B . 
C 3 HOH 3  503 4  HOH HOH B . 
C 3 HOH 4  504 9  HOH HOH B . 
C 3 HOH 5  505 12 HOH HOH B . 
C 3 HOH 6  506 3  HOH HOH B . 
C 3 HOH 7  507 10 HOH HOH B . 
C 3 HOH 8  508 1  HOH HOH B . 
C 3 HOH 9  509 7  HOH HOH B . 
C 3 HOH 10 510 2  HOH HOH B . 
C 3 HOH 11 511 5  HOH HOH B . 
C 3 HOH 12 512 6  HOH HOH B . 
C 3 HOH 13 513 11 HOH HOH B . 
# 
_pdbx_struct_assembly.id                   1 
_pdbx_struct_assembly.details              author_and_software_defined_assembly 
_pdbx_struct_assembly.method_details       PISA 
_pdbx_struct_assembly.oligomeric_details   dimeric 
_pdbx_struct_assembly.oligomeric_count     2 
# 
_pdbx_struct_assembly_gen.assembly_id       1 
_pdbx_struct_assembly_gen.oper_expression   1,2 
_pdbx_struct_assembly_gen.asym_id_list      A,B,C 
# 
loop_
_pdbx_struct_assembly_prop.biol_id 
_pdbx_struct_assembly_prop.type 
_pdbx_struct_assembly_prop.value 
_pdbx_struct_assembly_prop.details 
1 'ABSA (A^2)' 4220  ? 
1 MORE         -17   ? 
1 'SSA (A^2)'  15890 ? 
# 
loop_
_pdbx_struct_oper_list.id 
_pdbx_struct_oper_list.type 
_pdbx_struct_oper_list.name 
_pdbx_struct_oper_list.symmetry_operation 
_pdbx_struct_oper_list.matrix[1][1] 
_pdbx_struct_oper_list.matrix[1][2] 
_pdbx_struct_oper_list.matrix[1][3] 
_pdbx_struct_oper_list.vector[1] 
_pdbx_struct_oper_list.matrix[2][1] 
_pdbx_struct_oper_list.matrix[2][2] 
_pdbx_struct_oper_list.matrix[2][3] 
_pdbx_struct_oper_list.vector[2] 
_pdbx_struct_oper_list.matrix[3][1] 
_pdbx_struct_oper_list.matrix[3][2] 
_pdbx_struct_oper_list.matrix[3][3] 
_pdbx_struct_oper_list.vector[3] 
1 'identity operation'         1_555 x,y,z       1.0000000000  0.0000000000 0.0000000000  0.0000000000  0.0000000000 1.0000000000 0.0000000000  0.0000000000   0.0000000000  0.0000000000  1.0000000000  0.0000000000 
2 'crystal symmetry operation' 2_856 -x+3,y,-z+1 -0.6920178315 0.7075967705 -0.1428920267 23.8896267419 0.7075967705 0.6257213592 -0.3282980217 -10.0826274904 -0.1428920267 -0.3282980217 -0.9337035277 1.5616294595 
# 
loop_
_pdbx_audit_revision_history.ordinal 
_pdbx_audit_revision_history.data_content_type 
_pdbx_audit_revision_history.major_revision 
_pdbx_audit_revision_history.minor_revision 
_pdbx_audit_revision_history.revision_date 
1 'Structure model' 1 0 2022-10-12 
2 'Structure model' 1 1 2023-08-16 
3 'Structure model' 1 2 2023-10-18 
# 
_pdbx_audit_revision_details.ordinal             1 
_pdbx_audit_revision_details.revision_ordinal    1 
_pdbx_audit_revision_details.data_content_type   'Structure model' 
_pdbx_audit_revision_details.provider            repository 
_pdbx_audit_revision_details.type                'Initial release' 
_pdbx_audit_revision_details.description         ? 
_pdbx_audit_revision_details.details             ? 
# 
loop_
_pdbx_audit_revision_group.ordinal 
_pdbx_audit_revision_group.revision_ordinal 
_pdbx_audit_revision_group.data_content_type 
_pdbx_audit_revision_group.group 
1 2 'Structure model' 'Data collection'        
2 2 'Structure model' 'Database references'    
3 3 'Structure model' 'Refinement description' 
# 
loop_
_pdbx_audit_revision_category.ordinal 
_pdbx_audit_revision_category.revision_ordinal 
_pdbx_audit_revision_category.data_content_type 
_pdbx_audit_revision_category.category 
1 2 'Structure model' chem_comp_atom                
2 2 'Structure model' chem_comp_bond                
3 2 'Structure model' citation                      
4 2 'Structure model' citation_author               
5 3 'Structure model' pdbx_initial_refinement_model 
# 
loop_
_pdbx_audit_revision_item.ordinal 
_pdbx_audit_revision_item.revision_ordinal 
_pdbx_audit_revision_item.data_content_type 
_pdbx_audit_revision_item.item 
1 2 'Structure model' '_citation.country'                 
2 2 'Structure model' '_citation.journal_abbrev'          
3 2 'Structure model' '_citation.journal_id_CSD'          
4 2 'Structure model' '_citation.journal_id_ISSN'         
5 2 'Structure model' '_citation.pdbx_database_id_DOI'    
6 2 'Structure model' '_citation.pdbx_database_id_PubMed' 
7 2 'Structure model' '_citation.title'                   
8 2 'Structure model' '_citation.year'                    
# 
loop_
_space_group_symop.id 
_space_group_symop.operation_xyz 
1 x,y,z           
2 -x,y,-z         
3 x+1/2,y+1/2,z   
4 -x+1/2,y+1/2,-z 
# 
loop_
_software.citation_id 
_software.classification 
_software.compiler_name 
_software.compiler_version 
_software.contact_author 
_software.contact_author_email 
_software.date 
_software.description 
_software.dependencies 
_software.hardware 
_software.language 
_software.location 
_software.mods 
_software.name 
_software.os 
_software.os_version 
_software.type 
_software.version 
_software.pdbx_ordinal 
? refinement       ? ? ? ? ? ? ? ? ? ? ? PHENIX ? ? ? 1.18_3855 1 
? 'data reduction' ? ? ? ? ? ? ? ? ? ? ? XDS    ? ? ? .         2 
? 'data scaling'   ? ? ? ? ? ? ? ? ? ? ? XDS    ? ? ? .         3 
? phasing          ? ? ? ? ? ? ? ? ? ? ? PHASER ? ? ? .         4 
# 
_pdbx_entry_details.entry_id                 7SHO 
_pdbx_entry_details.has_ligand_of_interest   Y 
_pdbx_entry_details.compound_details         ? 
_pdbx_entry_details.source_details           ? 
_pdbx_entry_details.nonpolymer_details       ? 
_pdbx_entry_details.sequence_details         ? 
# 
_pdbx_validate_symm_contact.id                1 
_pdbx_validate_symm_contact.PDB_model_num     1 
_pdbx_validate_symm_contact.auth_atom_id_1    OG1 
_pdbx_validate_symm_contact.auth_asym_id_1    B 
_pdbx_validate_symm_contact.auth_comp_id_1    THR 
_pdbx_validate_symm_contact.auth_seq_id_1     263 
_pdbx_validate_symm_contact.PDB_ins_code_1    ? 
_pdbx_validate_symm_contact.label_alt_id_1    ? 
_pdbx_validate_symm_contact.site_symmetry_1   1_555 
_pdbx_validate_symm_contact.auth_atom_id_2    "O2'" 
_pdbx_validate_symm_contact.auth_asym_id_2    B 
_pdbx_validate_symm_contact.auth_comp_id_2    9UH 
_pdbx_validate_symm_contact.auth_seq_id_2     401 
_pdbx_validate_symm_contact.PDB_ins_code_2    ? 
_pdbx_validate_symm_contact.label_alt_id_2    ? 
_pdbx_validate_symm_contact.site_symmetry_2   2_856 
_pdbx_validate_symm_contact.dist              2.04 
# 
loop_
_pdbx_validate_torsion.id 
_pdbx_validate_torsion.PDB_model_num 
_pdbx_validate_torsion.auth_comp_id 
_pdbx_validate_torsion.auth_asym_id 
_pdbx_validate_torsion.auth_seq_id 
_pdbx_validate_torsion.PDB_ins_code 
_pdbx_validate_torsion.label_alt_id 
_pdbx_validate_torsion.phi 
_pdbx_validate_torsion.psi 
1 1 TYR B 167 ? ? -146.86 -65.24 
2 1 LEU B 222 ? ? -120.15 -55.40 
# 
loop_
_pdbx_unobs_or_zero_occ_residues.id 
_pdbx_unobs_or_zero_occ_residues.PDB_model_num 
_pdbx_unobs_or_zero_occ_residues.polymer_flag 
_pdbx_unobs_or_zero_occ_residues.occupancy_flag 
_pdbx_unobs_or_zero_occ_residues.auth_asym_id 
_pdbx_unobs_or_zero_occ_residues.auth_comp_id 
_pdbx_unobs_or_zero_occ_residues.auth_seq_id 
_pdbx_unobs_or_zero_occ_residues.PDB_ins_code 
_pdbx_unobs_or_zero_occ_residues.label_asym_id 
_pdbx_unobs_or_zero_occ_residues.label_comp_id 
_pdbx_unobs_or_zero_occ_residues.label_seq_id 
1  1 Y 1 B PRO 317 ? A PRO 164 
2  1 Y 1 B ALA 318 ? A ALA 165 
3  1 Y 1 B ASP 319 ? A ASP 166 
4  1 Y 1 B ASP 320 ? A ASP 167 
5  1 Y 1 B SER 321 ? A SER 168 
6  1 Y 1 B GLU 337 ? A GLU 184 
7  1 Y 1 B LYS 338 ? A LYS 185 
8  1 Y 1 B GLU 339 ? A GLU 186 
9  1 Y 1 B GLU 340 ? A GLU 187 
10 1 Y 1 B VAL 341 ? A VAL 188 
# 
loop_
_chem_comp_atom.comp_id 
_chem_comp_atom.atom_id 
_chem_comp_atom.type_symbol 
_chem_comp_atom.pdbx_aromatic_flag 
_chem_comp_atom.pdbx_stereo_config 
_chem_comp_atom.pdbx_ordinal 
9UH C2    C Y N 1   
9UH N01   N N N 2   
9UH C6    C Y N 3   
9UH N1    N Y N 4   
9UH N3    N Y N 5   
9UH C4    C Y N 6   
9UH C5    C Y N 7   
9UH N7    N Y N 8   
9UH C8    C Y N 9   
9UH N9    N Y N 10  
9UH "C1'" C N R 11  
9UH "C2'" C N R 12  
9UH "O2'" O N N 13  
9UH "C3'" C N S 14  
9UH "C4'" C N R 15  
9UH C16   C N N 16  
9UH O17   O N N 17  
9UH P18   P N N 18  
9UH O19   O N N 19  
9UH O20   O N N 20  
9UH C21   C N S 21  
9UH C22   C N R 22  
9UH O23   O N N 23  
9UH C24   C N R 24  
9UH C25   C N N 25  
9UH O26   O N N 26  
9UH P27   P N N 27  
9UH O28   O N N 28  
9UH O29   O N N 29  
9UH O30   O N N 30  
9UH O31   O N N 31  
9UH C32   C N R 32  
9UH N33   N Y N 33  
9UH C34   C Y N 34  
9UH N35   N Y N 35  
9UH C36   C Y N 36  
9UH C37   C Y N 37  
9UH C38   C N N 38  
9UH N39   N N N 39  
9UH C40   C N N 40  
9UH N41   N N N 41  
9UH N42   N N N 42  
9UH O43   O N N 43  
9UH O44   O N N 44  
9UH "O4'" O N N 45  
9UH H1    H N N 46  
9UH H2    H N N 47  
9UH H3    H N N 48  
9UH H4    H N N 49  
9UH H5    H N N 50  
9UH H6    H N N 51  
9UH H7    H N N 52  
9UH H8    H N N 53  
9UH H9    H N N 54  
9UH H10   H N N 55  
9UH H11   H N N 56  
9UH H12   H N N 57  
9UH H13   H N N 58  
9UH H14   H N N 59  
9UH H15   H N N 60  
9UH H16   H N N 61  
9UH H17   H N N 62  
9UH H18   H N N 63  
9UH H19   H N N 64  
9UH H20   H N N 65  
9UH H21   H N N 66  
9UH H22   H N N 67  
9UH H23   H N N 68  
9UH H24   H N N 69  
ALA N     N N N 70  
ALA CA    C N S 71  
ALA C     C N N 72  
ALA O     O N N 73  
ALA CB    C N N 74  
ALA OXT   O N N 75  
ALA H     H N N 76  
ALA H2    H N N 77  
ALA HA    H N N 78  
ALA HB1   H N N 79  
ALA HB2   H N N 80  
ALA HB3   H N N 81  
ALA HXT   H N N 82  
ARG N     N N N 83  
ARG CA    C N S 84  
ARG C     C N N 85  
ARG O     O N N 86  
ARG CB    C N N 87  
ARG CG    C N N 88  
ARG CD    C N N 89  
ARG NE    N N N 90  
ARG CZ    C N N 91  
ARG NH1   N N N 92  
ARG NH2   N N N 93  
ARG OXT   O N N 94  
ARG H     H N N 95  
ARG H2    H N N 96  
ARG HA    H N N 97  
ARG HB2   H N N 98  
ARG HB3   H N N 99  
ARG HG2   H N N 100 
ARG HG3   H N N 101 
ARG HD2   H N N 102 
ARG HD3   H N N 103 
ARG HE    H N N 104 
ARG HH11  H N N 105 
ARG HH12  H N N 106 
ARG HH21  H N N 107 
ARG HH22  H N N 108 
ARG HXT   H N N 109 
ASN N     N N N 110 
ASN CA    C N S 111 
ASN C     C N N 112 
ASN O     O N N 113 
ASN CB    C N N 114 
ASN CG    C N N 115 
ASN OD1   O N N 116 
ASN ND2   N N N 117 
ASN OXT   O N N 118 
ASN H     H N N 119 
ASN H2    H N N 120 
ASN HA    H N N 121 
ASN HB2   H N N 122 
ASN HB3   H N N 123 
ASN HD21  H N N 124 
ASN HD22  H N N 125 
ASN HXT   H N N 126 
ASP N     N N N 127 
ASP CA    C N S 128 
ASP C     C N N 129 
ASP O     O N N 130 
ASP CB    C N N 131 
ASP CG    C N N 132 
ASP OD1   O N N 133 
ASP OD2   O N N 134 
ASP OXT   O N N 135 
ASP H     H N N 136 
ASP H2    H N N 137 
ASP HA    H N N 138 
ASP HB2   H N N 139 
ASP HB3   H N N 140 
ASP HD2   H N N 141 
ASP HXT   H N N 142 
CYS N     N N N 143 
CYS CA    C N R 144 
CYS C     C N N 145 
CYS O     O N N 146 
CYS CB    C N N 147 
CYS SG    S N N 148 
CYS OXT   O N N 149 
CYS H     H N N 150 
CYS H2    H N N 151 
CYS HA    H N N 152 
CYS HB2   H N N 153 
CYS HB3   H N N 154 
CYS HG    H N N 155 
CYS HXT   H N N 156 
GLN N     N N N 157 
GLN CA    C N S 158 
GLN C     C N N 159 
GLN O     O N N 160 
GLN CB    C N N 161 
GLN CG    C N N 162 
GLN CD    C N N 163 
GLN OE1   O N N 164 
GLN NE2   N N N 165 
GLN OXT   O N N 166 
GLN H     H N N 167 
GLN H2    H N N 168 
GLN HA    H N N 169 
GLN HB2   H N N 170 
GLN HB3   H N N 171 
GLN HG2   H N N 172 
GLN HG3   H N N 173 
GLN HE21  H N N 174 
GLN HE22  H N N 175 
GLN HXT   H N N 176 
GLU N     N N N 177 
GLU CA    C N S 178 
GLU C     C N N 179 
GLU O     O N N 180 
GLU CB    C N N 181 
GLU CG    C N N 182 
GLU CD    C N N 183 
GLU OE1   O N N 184 
GLU OE2   O N N 185 
GLU OXT   O N N 186 
GLU H     H N N 187 
GLU H2    H N N 188 
GLU HA    H N N 189 
GLU HB2   H N N 190 
GLU HB3   H N N 191 
GLU HG2   H N N 192 
GLU HG3   H N N 193 
GLU HE2   H N N 194 
GLU HXT   H N N 195 
GLY N     N N N 196 
GLY CA    C N N 197 
GLY C     C N N 198 
GLY O     O N N 199 
GLY OXT   O N N 200 
GLY H     H N N 201 
GLY H2    H N N 202 
GLY HA2   H N N 203 
GLY HA3   H N N 204 
GLY HXT   H N N 205 
HIS N     N N N 206 
HIS CA    C N S 207 
HIS C     C N N 208 
HIS O     O N N 209 
HIS CB    C N N 210 
HIS CG    C Y N 211 
HIS ND1   N Y N 212 
HIS CD2   C Y N 213 
HIS CE1   C Y N 214 
HIS NE2   N Y N 215 
HIS OXT   O N N 216 
HIS H     H N N 217 
HIS H2    H N N 218 
HIS HA    H N N 219 
HIS HB2   H N N 220 
HIS HB3   H N N 221 
HIS HD1   H N N 222 
HIS HD2   H N N 223 
HIS HE1   H N N 224 
HIS HE2   H N N 225 
HIS HXT   H N N 226 
HOH O     O N N 227 
HOH H1    H N N 228 
HOH H2    H N N 229 
ILE N     N N N 230 
ILE CA    C N S 231 
ILE C     C N N 232 
ILE O     O N N 233 
ILE CB    C N S 234 
ILE CG1   C N N 235 
ILE CG2   C N N 236 
ILE CD1   C N N 237 
ILE OXT   O N N 238 
ILE H     H N N 239 
ILE H2    H N N 240 
ILE HA    H N N 241 
ILE HB    H N N 242 
ILE HG12  H N N 243 
ILE HG13  H N N 244 
ILE HG21  H N N 245 
ILE HG22  H N N 246 
ILE HG23  H N N 247 
ILE HD11  H N N 248 
ILE HD12  H N N 249 
ILE HD13  H N N 250 
ILE HXT   H N N 251 
LEU N     N N N 252 
LEU CA    C N S 253 
LEU C     C N N 254 
LEU O     O N N 255 
LEU CB    C N N 256 
LEU CG    C N N 257 
LEU CD1   C N N 258 
LEU CD2   C N N 259 
LEU OXT   O N N 260 
LEU H     H N N 261 
LEU H2    H N N 262 
LEU HA    H N N 263 
LEU HB2   H N N 264 
LEU HB3   H N N 265 
LEU HG    H N N 266 
LEU HD11  H N N 267 
LEU HD12  H N N 268 
LEU HD13  H N N 269 
LEU HD21  H N N 270 
LEU HD22  H N N 271 
LEU HD23  H N N 272 
LEU HXT   H N N 273 
LYS N     N N N 274 
LYS CA    C N S 275 
LYS C     C N N 276 
LYS O     O N N 277 
LYS CB    C N N 278 
LYS CG    C N N 279 
LYS CD    C N N 280 
LYS CE    C N N 281 
LYS NZ    N N N 282 
LYS OXT   O N N 283 
LYS H     H N N 284 
LYS H2    H N N 285 
LYS HA    H N N 286 
LYS HB2   H N N 287 
LYS HB3   H N N 288 
LYS HG2   H N N 289 
LYS HG3   H N N 290 
LYS HD2   H N N 291 
LYS HD3   H N N 292 
LYS HE2   H N N 293 
LYS HE3   H N N 294 
LYS HZ1   H N N 295 
LYS HZ2   H N N 296 
LYS HZ3   H N N 297 
LYS HXT   H N N 298 
MET N     N N N 299 
MET CA    C N S 300 
MET C     C N N 301 
MET O     O N N 302 
MET CB    C N N 303 
MET CG    C N N 304 
MET SD    S N N 305 
MET CE    C N N 306 
MET OXT   O N N 307 
MET H     H N N 308 
MET H2    H N N 309 
MET HA    H N N 310 
MET HB2   H N N 311 
MET HB3   H N N 312 
MET HG2   H N N 313 
MET HG3   H N N 314 
MET HE1   H N N 315 
MET HE2   H N N 316 
MET HE3   H N N 317 
MET HXT   H N N 318 
PHE N     N N N 319 
PHE CA    C N S 320 
PHE C     C N N 321 
PHE O     O N N 322 
PHE CB    C N N 323 
PHE CG    C Y N 324 
PHE CD1   C Y N 325 
PHE CD2   C Y N 326 
PHE CE1   C Y N 327 
PHE CE2   C Y N 328 
PHE CZ    C Y N 329 
PHE OXT   O N N 330 
PHE H     H N N 331 
PHE H2    H N N 332 
PHE HA    H N N 333 
PHE HB2   H N N 334 
PHE HB3   H N N 335 
PHE HD1   H N N 336 
PHE HD2   H N N 337 
PHE HE1   H N N 338 
PHE HE2   H N N 339 
PHE HZ    H N N 340 
PHE HXT   H N N 341 
PRO N     N N N 342 
PRO CA    C N S 343 
PRO C     C N N 344 
PRO O     O N N 345 
PRO CB    C N N 346 
PRO CG    C N N 347 
PRO CD    C N N 348 
PRO OXT   O N N 349 
PRO H     H N N 350 
PRO HA    H N N 351 
PRO HB2   H N N 352 
PRO HB3   H N N 353 
PRO HG2   H N N 354 
PRO HG3   H N N 355 
PRO HD2   H N N 356 
PRO HD3   H N N 357 
PRO HXT   H N N 358 
SER N     N N N 359 
SER CA    C N S 360 
SER C     C N N 361 
SER O     O N N 362 
SER CB    C N N 363 
SER OG    O N N 364 
SER OXT   O N N 365 
SER H     H N N 366 
SER H2    H N N 367 
SER HA    H N N 368 
SER HB2   H N N 369 
SER HB3   H N N 370 
SER HG    H N N 371 
SER HXT   H N N 372 
THR N     N N N 373 
THR CA    C N S 374 
THR C     C N N 375 
THR O     O N N 376 
THR CB    C N R 377 
THR OG1   O N N 378 
THR CG2   C N N 379 
THR OXT   O N N 380 
THR H     H N N 381 
THR H2    H N N 382 
THR HA    H N N 383 
THR HB    H N N 384 
THR HG1   H N N 385 
THR HG21  H N N 386 
THR HG22  H N N 387 
THR HG23  H N N 388 
THR HXT   H N N 389 
TRP N     N N N 390 
TRP CA    C N S 391 
TRP C     C N N 392 
TRP O     O N N 393 
TRP CB    C N N 394 
TRP CG    C Y N 395 
TRP CD1   C Y N 396 
TRP CD2   C Y N 397 
TRP NE1   N Y N 398 
TRP CE2   C Y N 399 
TRP CE3   C Y N 400 
TRP CZ2   C Y N 401 
TRP CZ3   C Y N 402 
TRP CH2   C Y N 403 
TRP OXT   O N N 404 
TRP H     H N N 405 
TRP H2    H N N 406 
TRP HA    H N N 407 
TRP HB2   H N N 408 
TRP HB3   H N N 409 
TRP HD1   H N N 410 
TRP HE1   H N N 411 
TRP HE3   H N N 412 
TRP HZ2   H N N 413 
TRP HZ3   H N N 414 
TRP HH2   H N N 415 
TRP HXT   H N N 416 
TYR N     N N N 417 
TYR CA    C N S 418 
TYR C     C N N 419 
TYR O     O N N 420 
TYR CB    C N N 421 
TYR CG    C Y N 422 
TYR CD1   C Y N 423 
TYR CD2   C Y N 424 
TYR CE1   C Y N 425 
TYR CE2   C Y N 426 
TYR CZ    C Y N 427 
TYR OH    O N N 428 
TYR OXT   O N N 429 
TYR H     H N N 430 
TYR H2    H N N 431 
TYR HA    H N N 432 
TYR HB2   H N N 433 
TYR HB3   H N N 434 
TYR HD1   H N N 435 
TYR HD2   H N N 436 
TYR HE1   H N N 437 
TYR HE2   H N N 438 
TYR HH    H N N 439 
TYR HXT   H N N 440 
VAL N     N N N 441 
VAL CA    C N S 442 
VAL C     C N N 443 
VAL O     O N N 444 
VAL CB    C N N 445 
VAL CG1   C N N 446 
VAL CG2   C N N 447 
VAL OXT   O N N 448 
VAL H     H N N 449 
VAL H2    H N N 450 
VAL HA    H N N 451 
VAL HB    H N N 452 
VAL HG11  H N N 453 
VAL HG12  H N N 454 
VAL HG13  H N N 455 
VAL HG21  H N N 456 
VAL HG22  H N N 457 
VAL HG23  H N N 458 
VAL HXT   H N N 459 
# 
loop_
_chem_comp_bond.comp_id 
_chem_comp_bond.atom_id_1 
_chem_comp_bond.atom_id_2 
_chem_comp_bond.value_order 
_chem_comp_bond.pdbx_aromatic_flag 
_chem_comp_bond.pdbx_stereo_config 
_chem_comp_bond.pdbx_ordinal 
9UH O44   P18   doub N N 1   
9UH O19   P18   sing N N 2   
9UH P18   O17   sing N N 3   
9UH P18   O20   sing N N 4   
9UH O17   C16   sing N N 5   
9UH C16   "C4'" sing N N 6   
9UH "O4'" "C4'" sing N N 7   
9UH "O4'" "C1'" sing N N 8   
9UH C8    N7    doub Y N 9   
9UH C8    N9    sing Y N 10  
9UH N7    C5    sing Y N 11  
9UH "C4'" "C3'" sing N N 12  
9UH N41   C40   sing N N 13  
9UH N9    "C1'" sing N N 14  
9UH N9    C4    sing Y N 15  
9UH O20   C21   sing N N 16  
9UH "C1'" "C2'" sing N N 17  
9UH C5    C4    doub Y N 18  
9UH C5    C6    sing Y N 19  
9UH N01   C6    sing N N 20  
9UH C4    N3    sing Y N 21  
9UH C40   N39   sing N N 22  
9UH C40   N42   doub N N 23  
9UH C6    N1    doub Y N 24  
9UH O23   C22   sing N N 25  
9UH C21   C22   sing N N 26  
9UH C21   C32   sing N N 27  
9UH N39   C38   sing N N 28  
9UH N42   C36   sing N N 29  
9UH "C3'" "C2'" sing N N 30  
9UH "C3'" O28   sing N N 31  
9UH N3    C2    doub Y N 32  
9UH N1    C2    sing Y N 33  
9UH C22   C24   sing N N 34  
9UH "C2'" "O2'" sing N N 35  
9UH C38   O43   doub N N 36  
9UH C38   C37   sing N N 37  
9UH C36   C37   doub Y N 38  
9UH C36   N33   sing Y N 39  
9UH C37   N35   sing Y N 40  
9UH C32   N33   sing N N 41  
9UH C32   O31   sing N N 42  
9UH N33   C34   sing Y N 43  
9UH O28   P27   sing N N 44  
9UH N35   C34   doub Y N 45  
9UH C24   O31   sing N N 46  
9UH C24   C25   sing N N 47  
9UH C25   O26   sing N N 48  
9UH P27   O30   doub N N 49  
9UH P27   O26   sing N N 50  
9UH P27   O29   sing N N 51  
9UH C2    H1    sing N N 52  
9UH N01   H2    sing N N 53  
9UH N01   H3    sing N N 54  
9UH C8    H4    sing N N 55  
9UH "C1'" H5    sing N N 56  
9UH "C2'" H6    sing N N 57  
9UH "O2'" H7    sing N N 58  
9UH "C3'" H8    sing N N 59  
9UH "C4'" H9    sing N N 60  
9UH C16   H10   sing N N 61  
9UH C16   H11   sing N N 62  
9UH O19   H12   sing N N 63  
9UH C21   H13   sing N N 64  
9UH C22   H14   sing N N 65  
9UH O23   H15   sing N N 66  
9UH C24   H16   sing N N 67  
9UH C25   H17   sing N N 68  
9UH C25   H18   sing N N 69  
9UH O29   H19   sing N N 70  
9UH C32   H20   sing N N 71  
9UH C34   H21   sing N N 72  
9UH N39   H22   sing N N 73  
9UH N41   H23   sing N N 74  
9UH N41   H24   sing N N 75  
ALA N     CA    sing N N 76  
ALA N     H     sing N N 77  
ALA N     H2    sing N N 78  
ALA CA    C     sing N N 79  
ALA CA    CB    sing N N 80  
ALA CA    HA    sing N N 81  
ALA C     O     doub N N 82  
ALA C     OXT   sing N N 83  
ALA CB    HB1   sing N N 84  
ALA CB    HB2   sing N N 85  
ALA CB    HB3   sing N N 86  
ALA OXT   HXT   sing N N 87  
ARG N     CA    sing N N 88  
ARG N     H     sing N N 89  
ARG N     H2    sing N N 90  
ARG CA    C     sing N N 91  
ARG CA    CB    sing N N 92  
ARG CA    HA    sing N N 93  
ARG C     O     doub N N 94  
ARG C     OXT   sing N N 95  
ARG CB    CG    sing N N 96  
ARG CB    HB2   sing N N 97  
ARG CB    HB3   sing N N 98  
ARG CG    CD    sing N N 99  
ARG CG    HG2   sing N N 100 
ARG CG    HG3   sing N N 101 
ARG CD    NE    sing N N 102 
ARG CD    HD2   sing N N 103 
ARG CD    HD3   sing N N 104 
ARG NE    CZ    sing N N 105 
ARG NE    HE    sing N N 106 
ARG CZ    NH1   sing N N 107 
ARG CZ    NH2   doub N N 108 
ARG NH1   HH11  sing N N 109 
ARG NH1   HH12  sing N N 110 
ARG NH2   HH21  sing N N 111 
ARG NH2   HH22  sing N N 112 
ARG OXT   HXT   sing N N 113 
ASN N     CA    sing N N 114 
ASN N     H     sing N N 115 
ASN N     H2    sing N N 116 
ASN CA    C     sing N N 117 
ASN CA    CB    sing N N 118 
ASN CA    HA    sing N N 119 
ASN C     O     doub N N 120 
ASN C     OXT   sing N N 121 
ASN CB    CG    sing N N 122 
ASN CB    HB2   sing N N 123 
ASN CB    HB3   sing N N 124 
ASN CG    OD1   doub N N 125 
ASN CG    ND2   sing N N 126 
ASN ND2   HD21  sing N N 127 
ASN ND2   HD22  sing N N 128 
ASN OXT   HXT   sing N N 129 
ASP N     CA    sing N N 130 
ASP N     H     sing N N 131 
ASP N     H2    sing N N 132 
ASP CA    C     sing N N 133 
ASP CA    CB    sing N N 134 
ASP CA    HA    sing N N 135 
ASP C     O     doub N N 136 
ASP C     OXT   sing N N 137 
ASP CB    CG    sing N N 138 
ASP CB    HB2   sing N N 139 
ASP CB    HB3   sing N N 140 
ASP CG    OD1   doub N N 141 
ASP CG    OD2   sing N N 142 
ASP OD2   HD2   sing N N 143 
ASP OXT   HXT   sing N N 144 
CYS N     CA    sing N N 145 
CYS N     H     sing N N 146 
CYS N     H2    sing N N 147 
CYS CA    C     sing N N 148 
CYS CA    CB    sing N N 149 
CYS CA    HA    sing N N 150 
CYS C     O     doub N N 151 
CYS C     OXT   sing N N 152 
CYS CB    SG    sing N N 153 
CYS CB    HB2   sing N N 154 
CYS CB    HB3   sing N N 155 
CYS SG    HG    sing N N 156 
CYS OXT   HXT   sing N N 157 
GLN N     CA    sing N N 158 
GLN N     H     sing N N 159 
GLN N     H2    sing N N 160 
GLN CA    C     sing N N 161 
GLN CA    CB    sing N N 162 
GLN CA    HA    sing N N 163 
GLN C     O     doub N N 164 
GLN C     OXT   sing N N 165 
GLN CB    CG    sing N N 166 
GLN CB    HB2   sing N N 167 
GLN CB    HB3   sing N N 168 
GLN CG    CD    sing N N 169 
GLN CG    HG2   sing N N 170 
GLN CG    HG3   sing N N 171 
GLN CD    OE1   doub N N 172 
GLN CD    NE2   sing N N 173 
GLN NE2   HE21  sing N N 174 
GLN NE2   HE22  sing N N 175 
GLN OXT   HXT   sing N N 176 
GLU N     CA    sing N N 177 
GLU N     H     sing N N 178 
GLU N     H2    sing N N 179 
GLU CA    C     sing N N 180 
GLU CA    CB    sing N N 181 
GLU CA    HA    sing N N 182 
GLU C     O     doub N N 183 
GLU C     OXT   sing N N 184 
GLU CB    CG    sing N N 185 
GLU CB    HB2   sing N N 186 
GLU CB    HB3   sing N N 187 
GLU CG    CD    sing N N 188 
GLU CG    HG2   sing N N 189 
GLU CG    HG3   sing N N 190 
GLU CD    OE1   doub N N 191 
GLU CD    OE2   sing N N 192 
GLU OE2   HE2   sing N N 193 
GLU OXT   HXT   sing N N 194 
GLY N     CA    sing N N 195 
GLY N     H     sing N N 196 
GLY N     H2    sing N N 197 
GLY CA    C     sing N N 198 
GLY CA    HA2   sing N N 199 
GLY CA    HA3   sing N N 200 
GLY C     O     doub N N 201 
GLY C     OXT   sing N N 202 
GLY OXT   HXT   sing N N 203 
HIS N     CA    sing N N 204 
HIS N     H     sing N N 205 
HIS N     H2    sing N N 206 
HIS CA    C     sing N N 207 
HIS CA    CB    sing N N 208 
HIS CA    HA    sing N N 209 
HIS C     O     doub N N 210 
HIS C     OXT   sing N N 211 
HIS CB    CG    sing N N 212 
HIS CB    HB2   sing N N 213 
HIS CB    HB3   sing N N 214 
HIS CG    ND1   sing Y N 215 
HIS CG    CD2   doub Y N 216 
HIS ND1   CE1   doub Y N 217 
HIS ND1   HD1   sing N N 218 
HIS CD2   NE2   sing Y N 219 
HIS CD2   HD2   sing N N 220 
HIS CE1   NE2   sing Y N 221 
HIS CE1   HE1   sing N N 222 
HIS NE2   HE2   sing N N 223 
HIS OXT   HXT   sing N N 224 
HOH O     H1    sing N N 225 
HOH O     H2    sing N N 226 
ILE N     CA    sing N N 227 
ILE N     H     sing N N 228 
ILE N     H2    sing N N 229 
ILE CA    C     sing N N 230 
ILE CA    CB    sing N N 231 
ILE CA    HA    sing N N 232 
ILE C     O     doub N N 233 
ILE C     OXT   sing N N 234 
ILE CB    CG1   sing N N 235 
ILE CB    CG2   sing N N 236 
ILE CB    HB    sing N N 237 
ILE CG1   CD1   sing N N 238 
ILE CG1   HG12  sing N N 239 
ILE CG1   HG13  sing N N 240 
ILE CG2   HG21  sing N N 241 
ILE CG2   HG22  sing N N 242 
ILE CG2   HG23  sing N N 243 
ILE CD1   HD11  sing N N 244 
ILE CD1   HD12  sing N N 245 
ILE CD1   HD13  sing N N 246 
ILE OXT   HXT   sing N N 247 
LEU N     CA    sing N N 248 
LEU N     H     sing N N 249 
LEU N     H2    sing N N 250 
LEU CA    C     sing N N 251 
LEU CA    CB    sing N N 252 
LEU CA    HA    sing N N 253 
LEU C     O     doub N N 254 
LEU C     OXT   sing N N 255 
LEU CB    CG    sing N N 256 
LEU CB    HB2   sing N N 257 
LEU CB    HB3   sing N N 258 
LEU CG    CD1   sing N N 259 
LEU CG    CD2   sing N N 260 
LEU CG    HG    sing N N 261 
LEU CD1   HD11  sing N N 262 
LEU CD1   HD12  sing N N 263 
LEU CD1   HD13  sing N N 264 
LEU CD2   HD21  sing N N 265 
LEU CD2   HD22  sing N N 266 
LEU CD2   HD23  sing N N 267 
LEU OXT   HXT   sing N N 268 
LYS N     CA    sing N N 269 
LYS N     H     sing N N 270 
LYS N     H2    sing N N 271 
LYS CA    C     sing N N 272 
LYS CA    CB    sing N N 273 
LYS CA    HA    sing N N 274 
LYS C     O     doub N N 275 
LYS C     OXT   sing N N 276 
LYS CB    CG    sing N N 277 
LYS CB    HB2   sing N N 278 
LYS CB    HB3   sing N N 279 
LYS CG    CD    sing N N 280 
LYS CG    HG2   sing N N 281 
LYS CG    HG3   sing N N 282 
LYS CD    CE    sing N N 283 
LYS CD    HD2   sing N N 284 
LYS CD    HD3   sing N N 285 
LYS CE    NZ    sing N N 286 
LYS CE    HE2   sing N N 287 
LYS CE    HE3   sing N N 288 
LYS NZ    HZ1   sing N N 289 
LYS NZ    HZ2   sing N N 290 
LYS NZ    HZ3   sing N N 291 
LYS OXT   HXT   sing N N 292 
MET N     CA    sing N N 293 
MET N     H     sing N N 294 
MET N     H2    sing N N 295 
MET CA    C     sing N N 296 
MET CA    CB    sing N N 297 
MET CA    HA    sing N N 298 
MET C     O     doub N N 299 
MET C     OXT   sing N N 300 
MET CB    CG    sing N N 301 
MET CB    HB2   sing N N 302 
MET CB    HB3   sing N N 303 
MET CG    SD    sing N N 304 
MET CG    HG2   sing N N 305 
MET CG    HG3   sing N N 306 
MET SD    CE    sing N N 307 
MET CE    HE1   sing N N 308 
MET CE    HE2   sing N N 309 
MET CE    HE3   sing N N 310 
MET OXT   HXT   sing N N 311 
PHE N     CA    sing N N 312 
PHE N     H     sing N N 313 
PHE N     H2    sing N N 314 
PHE CA    C     sing N N 315 
PHE CA    CB    sing N N 316 
PHE CA    HA    sing N N 317 
PHE C     O     doub N N 318 
PHE C     OXT   sing N N 319 
PHE CB    CG    sing N N 320 
PHE CB    HB2   sing N N 321 
PHE CB    HB3   sing N N 322 
PHE CG    CD1   doub Y N 323 
PHE CG    CD2   sing Y N 324 
PHE CD1   CE1   sing Y N 325 
PHE CD1   HD1   sing N N 326 
PHE CD2   CE2   doub Y N 327 
PHE CD2   HD2   sing N N 328 
PHE CE1   CZ    doub Y N 329 
PHE CE1   HE1   sing N N 330 
PHE CE2   CZ    sing Y N 331 
PHE CE2   HE2   sing N N 332 
PHE CZ    HZ    sing N N 333 
PHE OXT   HXT   sing N N 334 
PRO N     CA    sing N N 335 
PRO N     CD    sing N N 336 
PRO N     H     sing N N 337 
PRO CA    C     sing N N 338 
PRO CA    CB    sing N N 339 
PRO CA    HA    sing N N 340 
PRO C     O     doub N N 341 
PRO C     OXT   sing N N 342 
PRO CB    CG    sing N N 343 
PRO CB    HB2   sing N N 344 
PRO CB    HB3   sing N N 345 
PRO CG    CD    sing N N 346 
PRO CG    HG2   sing N N 347 
PRO CG    HG3   sing N N 348 
PRO CD    HD2   sing N N 349 
PRO CD    HD3   sing N N 350 
PRO OXT   HXT   sing N N 351 
SER N     CA    sing N N 352 
SER N     H     sing N N 353 
SER N     H2    sing N N 354 
SER CA    C     sing N N 355 
SER CA    CB    sing N N 356 
SER CA    HA    sing N N 357 
SER C     O     doub N N 358 
SER C     OXT   sing N N 359 
SER CB    OG    sing N N 360 
SER CB    HB2   sing N N 361 
SER CB    HB3   sing N N 362 
SER OG    HG    sing N N 363 
SER OXT   HXT   sing N N 364 
THR N     CA    sing N N 365 
THR N     H     sing N N 366 
THR N     H2    sing N N 367 
THR CA    C     sing N N 368 
THR CA    CB    sing N N 369 
THR CA    HA    sing N N 370 
THR C     O     doub N N 371 
THR C     OXT   sing N N 372 
THR CB    OG1   sing N N 373 
THR CB    CG2   sing N N 374 
THR CB    HB    sing N N 375 
THR OG1   HG1   sing N N 376 
THR CG2   HG21  sing N N 377 
THR CG2   HG22  sing N N 378 
THR CG2   HG23  sing N N 379 
THR OXT   HXT   sing N N 380 
TRP N     CA    sing N N 381 
TRP N     H     sing N N 382 
TRP N     H2    sing N N 383 
TRP CA    C     sing N N 384 
TRP CA    CB    sing N N 385 
TRP CA    HA    sing N N 386 
TRP C     O     doub N N 387 
TRP C     OXT   sing N N 388 
TRP CB    CG    sing N N 389 
TRP CB    HB2   sing N N 390 
TRP CB    HB3   sing N N 391 
TRP CG    CD1   doub Y N 392 
TRP CG    CD2   sing Y N 393 
TRP CD1   NE1   sing Y N 394 
TRP CD1   HD1   sing N N 395 
TRP CD2   CE2   doub Y N 396 
TRP CD2   CE3   sing Y N 397 
TRP NE1   CE2   sing Y N 398 
TRP NE1   HE1   sing N N 399 
TRP CE2   CZ2   sing Y N 400 
TRP CE3   CZ3   doub Y N 401 
TRP CE3   HE3   sing N N 402 
TRP CZ2   CH2   doub Y N 403 
TRP CZ2   HZ2   sing N N 404 
TRP CZ3   CH2   sing Y N 405 
TRP CZ3   HZ3   sing N N 406 
TRP CH2   HH2   sing N N 407 
TRP OXT   HXT   sing N N 408 
TYR N     CA    sing N N 409 
TYR N     H     sing N N 410 
TYR N     H2    sing N N 411 
TYR CA    C     sing N N 412 
TYR CA    CB    sing N N 413 
TYR CA    HA    sing N N 414 
TYR C     O     doub N N 415 
TYR C     OXT   sing N N 416 
TYR CB    CG    sing N N 417 
TYR CB    HB2   sing N N 418 
TYR CB    HB3   sing N N 419 
TYR CG    CD1   doub Y N 420 
TYR CG    CD2   sing Y N 421 
TYR CD1   CE1   sing Y N 422 
TYR CD1   HD1   sing N N 423 
TYR CD2   CE2   doub Y N 424 
TYR CD2   HD2   sing N N 425 
TYR CE1   CZ    doub Y N 426 
TYR CE1   HE1   sing N N 427 
TYR CE2   CZ    sing Y N 428 
TYR CE2   HE2   sing N N 429 
TYR CZ    OH    sing N N 430 
TYR OH    HH    sing N N 431 
TYR OXT   HXT   sing N N 432 
VAL N     CA    sing N N 433 
VAL N     H     sing N N 434 
VAL N     H2    sing N N 435 
VAL CA    C     sing N N 436 
VAL CA    CB    sing N N 437 
VAL CA    HA    sing N N 438 
VAL C     O     doub N N 439 
VAL C     OXT   sing N N 440 
VAL CB    CG1   sing N N 441 
VAL CB    CG2   sing N N 442 
VAL CB    HB    sing N N 443 
VAL CG1   HG11  sing N N 444 
VAL CG1   HG12  sing N N 445 
VAL CG1   HG13  sing N N 446 
VAL CG2   HG21  sing N N 447 
VAL CG2   HG22  sing N N 448 
VAL CG2   HG23  sing N N 449 
VAL OXT   HXT   sing N N 450 
# 
_pdbx_audit_support.funding_organization   'National Institutes of Health/National Cancer Institute (NIH/NCI)' 
_pdbx_audit_support.country                'United States' 
_pdbx_audit_support.grant_number           AI141507 
_pdbx_audit_support.ordinal                1 
# 
_pdbx_entity_instance_feature.ordinal        1 
_pdbx_entity_instance_feature.comp_id        9UH 
_pdbx_entity_instance_feature.asym_id        ? 
_pdbx_entity_instance_feature.seq_num        ? 
_pdbx_entity_instance_feature.auth_comp_id   9UH 
_pdbx_entity_instance_feature.auth_asym_id   ? 
_pdbx_entity_instance_feature.auth_seq_num   ? 
_pdbx_entity_instance_feature.feature_type   'SUBJECT OF INVESTIGATION' 
_pdbx_entity_instance_feature.details        ? 
# 
loop_
_pdbx_entity_nonpoly.entity_id 
_pdbx_entity_nonpoly.name 
_pdbx_entity_nonpoly.comp_id 
2 
;(2R,5R,7R,8S,10R,12aR,14R,15R,15aS,16R)-7-(2-amino-6-oxo-1,6-dihydro-9H-purin-9-yl)-14-(6-amino-9H-purin-9-yl)-2,10,15,16-tetrahydroxyoctahydro-2H,10H,12H-5,8-methano-2lambda~5~,10lambda~5~-furo[3,2-l][1,3,6,9,11,2,10]pentaoxadiphosphacyclotetradecine-2,10-dione
;
9UH 
3 water HOH 
# 
_pdbx_initial_refinement_model.id               1 
_pdbx_initial_refinement_model.entity_id_list   ? 
_pdbx_initial_refinement_model.type             'experimental model' 
_pdbx_initial_refinement_model.source_name      PDB 
_pdbx_initial_refinement_model.accession_code   4KSY 
_pdbx_initial_refinement_model.details          ? 
# 
_pdbx_struct_assembly_auth_evidence.id                     1 
_pdbx_struct_assembly_auth_evidence.assembly_id            1 
_pdbx_struct_assembly_auth_evidence.experimental_support   'isothermal titration calorimetry' 
_pdbx_struct_assembly_auth_evidence.details                ? 
# 
_space_group.name_H-M_alt     'C 1 2 1' 
_space_group.name_Hall        'C 2y' 
_space_group.IT_number        5 
_space_group.crystal_system   monoclinic 
_space_group.id               1 
# 
